data_4OI6
# 
_entry.id   4OI6 
# 
_audit_conform.dict_name       mmcif_pdbx.dic 
_audit_conform.dict_version    5.397 
_audit_conform.dict_location   http://mmcif.pdb.org/dictionaries/ascii/mmcif_pdbx.dic 
# 
loop_
_database_2.database_id 
_database_2.database_code 
_database_2.pdbx_database_accession 
_database_2.pdbx_DOI 
PDB   4OI6         pdb_00004oi6 10.2210/pdb4oi6/pdb 
RCSB  RCSB084523   ?            ?                   
WWPDB D_1000084523 ?            ?                   
# 
loop_
_pdbx_audit_revision_history.ordinal 
_pdbx_audit_revision_history.data_content_type 
_pdbx_audit_revision_history.major_revision 
_pdbx_audit_revision_history.minor_revision 
_pdbx_audit_revision_history.revision_date 
1 'Structure model' 1 0 2014-09-10 
2 'Structure model' 1 1 2014-10-22 
3 'Structure model' 1 2 2018-01-24 
4 'Structure model' 1 3 2024-10-16 
# 
_pdbx_audit_revision_details.ordinal             1 
_pdbx_audit_revision_details.revision_ordinal    1 
_pdbx_audit_revision_details.data_content_type   'Structure model' 
_pdbx_audit_revision_details.provider            repository 
_pdbx_audit_revision_details.type                'Initial release' 
_pdbx_audit_revision_details.description         ? 
_pdbx_audit_revision_details.details             ? 
# 
loop_
_pdbx_audit_revision_group.ordinal 
_pdbx_audit_revision_group.revision_ordinal 
_pdbx_audit_revision_group.data_content_type 
_pdbx_audit_revision_group.group 
1 2 'Structure model' 'Database references'  
2 3 'Structure model' 'Structure summary'    
3 4 'Structure model' 'Data collection'      
4 4 'Structure model' 'Database references'  
5 4 'Structure model' 'Derived calculations' 
6 4 'Structure model' 'Structure summary'    
# 
loop_
_pdbx_audit_revision_category.ordinal 
_pdbx_audit_revision_category.revision_ordinal 
_pdbx_audit_revision_category.data_content_type 
_pdbx_audit_revision_category.category 
1  3 'Structure model' audit_author              
2  4 'Structure model' chem_comp_atom            
3  4 'Structure model' chem_comp_bond            
4  4 'Structure model' database_2                
5  4 'Structure model' pdbx_entry_details        
6  4 'Structure model' pdbx_modification_feature 
7  4 'Structure model' pdbx_struct_conn_angle    
8  4 'Structure model' struct_conn               
9  4 'Structure model' struct_ref_seq_dif        
10 4 'Structure model' struct_site               
# 
loop_
_pdbx_audit_revision_item.ordinal 
_pdbx_audit_revision_item.revision_ordinal 
_pdbx_audit_revision_item.data_content_type 
_pdbx_audit_revision_item.item 
1  3 'Structure model' '_audit_author.name'                          
2  4 'Structure model' '_database_2.pdbx_DOI'                        
3  4 'Structure model' '_database_2.pdbx_database_accession'         
4  4 'Structure model' '_pdbx_struct_conn_angle.ptnr1_auth_asym_id'  
5  4 'Structure model' '_pdbx_struct_conn_angle.ptnr1_auth_comp_id'  
6  4 'Structure model' '_pdbx_struct_conn_angle.ptnr1_auth_seq_id'   
7  4 'Structure model' '_pdbx_struct_conn_angle.ptnr1_label_asym_id' 
8  4 'Structure model' '_pdbx_struct_conn_angle.ptnr1_label_atom_id' 
9  4 'Structure model' '_pdbx_struct_conn_angle.ptnr1_label_comp_id' 
10 4 'Structure model' '_pdbx_struct_conn_angle.ptnr1_label_seq_id'  
11 4 'Structure model' '_pdbx_struct_conn_angle.ptnr2_auth_asym_id'  
12 4 'Structure model' '_pdbx_struct_conn_angle.ptnr2_label_asym_id' 
13 4 'Structure model' '_pdbx_struct_conn_angle.ptnr3_auth_asym_id'  
14 4 'Structure model' '_pdbx_struct_conn_angle.ptnr3_auth_comp_id'  
15 4 'Structure model' '_pdbx_struct_conn_angle.ptnr3_auth_seq_id'   
16 4 'Structure model' '_pdbx_struct_conn_angle.ptnr3_label_asym_id' 
17 4 'Structure model' '_pdbx_struct_conn_angle.ptnr3_label_atom_id' 
18 4 'Structure model' '_pdbx_struct_conn_angle.ptnr3_label_comp_id' 
19 4 'Structure model' '_pdbx_struct_conn_angle.ptnr3_label_seq_id'  
20 4 'Structure model' '_pdbx_struct_conn_angle.value'               
21 4 'Structure model' '_struct_conn.pdbx_dist_value'                
22 4 'Structure model' '_struct_conn.pdbx_leaving_atom_flag'         
23 4 'Structure model' '_struct_conn.ptnr1_auth_asym_id'             
24 4 'Structure model' '_struct_conn.ptnr1_auth_comp_id'             
25 4 'Structure model' '_struct_conn.ptnr1_auth_seq_id'              
26 4 'Structure model' '_struct_conn.ptnr1_label_asym_id'            
27 4 'Structure model' '_struct_conn.ptnr1_label_atom_id'            
28 4 'Structure model' '_struct_conn.ptnr1_label_comp_id'            
29 4 'Structure model' '_struct_conn.ptnr1_label_seq_id'             
30 4 'Structure model' '_struct_conn.ptnr2_auth_asym_id'             
31 4 'Structure model' '_struct_conn.ptnr2_auth_comp_id'             
32 4 'Structure model' '_struct_conn.ptnr2_auth_seq_id'              
33 4 'Structure model' '_struct_conn.ptnr2_label_asym_id'            
34 4 'Structure model' '_struct_conn.ptnr2_label_atom_id'            
35 4 'Structure model' '_struct_conn.ptnr2_label_comp_id'            
36 4 'Structure model' '_struct_conn.ptnr2_label_seq_id'             
37 4 'Structure model' '_struct_ref_seq_dif.details'                 
38 4 'Structure model' '_struct_site.pdbx_auth_asym_id'              
39 4 'Structure model' '_struct_site.pdbx_auth_comp_id'              
40 4 'Structure model' '_struct_site.pdbx_auth_seq_id'               
# 
_pdbx_database_status.status_code                     REL 
_pdbx_database_status.entry_id                        4OI6 
_pdbx_database_status.recvd_initial_deposition_date   2014-01-18 
_pdbx_database_status.deposit_site                    RCSB 
_pdbx_database_status.process_site                    RCSB 
_pdbx_database_status.status_code_sf                  REL 
_pdbx_database_status.status_code_mr                  ? 
_pdbx_database_status.SG_entry                        ? 
_pdbx_database_status.status_code_cs                  ? 
_pdbx_database_status.methods_development_category    ? 
_pdbx_database_status.pdb_format_compatible           Y 
_pdbx_database_status.status_code_nmr_data            ? 
# 
_pdbx_database_related.db_name        PDB 
_pdbx_database_related.db_id          4OI3 
_pdbx_database_related.details        . 
_pdbx_database_related.content_type   unspecified 
# 
loop_
_audit_author.name 
_audit_author.pdbx_ordinal 
'Lu, M.'        1 
'Jiang, Y.L.'   2 
'Wang, S.'      3 
'Cheng, W.'     4 
'Zhang, R.G.'   5 
'Virolle, M.J.' 6 
'Chen, Y.'      7 
'Zhou, C.Z.'    8 
# 
_citation.id                        primary 
_citation.title                     'Streptomyces coelicolor SCO4226 Is a Nickel Binding Protein.' 
_citation.journal_abbrev            'Plos One' 
_citation.journal_volume            9 
_citation.page_first                e109660 
_citation.page_last                 e109660 
_citation.year                      2014 
_citation.journal_id_ASTM           ? 
_citation.country                   US 
_citation.journal_id_ISSN           1932-6203 
_citation.journal_id_CSD            ? 
_citation.book_publisher            ? 
_citation.pdbx_database_id_PubMed   25285530 
_citation.pdbx_database_id_DOI      10.1371/journal.pone.0109660 
# 
loop_
_citation_author.citation_id 
_citation_author.name 
_citation_author.ordinal 
_citation_author.identifier_ORCID 
primary 'Lu, M.'        1 ? 
primary 'Jiang, Y.L.'   2 ? 
primary 'Wang, S.'      3 ? 
primary 'Jin, H.'       4 ? 
primary 'Zhang, R.G.'   5 ? 
primary 'Virolle, M.J.' 6 ? 
primary 'Chen, Y.'      7 ? 
primary 'Zhou, C.Z.'    8 ? 
# 
loop_
_entity.id 
_entity.type 
_entity.src_method 
_entity.pdbx_description 
_entity.formula_weight 
_entity.pdbx_number_of_molecules 
_entity.pdbx_ec 
_entity.pdbx_mutation 
_entity.pdbx_fragment 
_entity.details 
1 polymer     man 'Nickel responsive protein' 10211.600 2  ? ? ? ? 
2 non-polymer syn 'NICKEL (II) ION'           58.693    4  ? ? ? ? 
3 non-polymer syn 'CITRIC ACID'               192.124   1  ? ? ? ? 
4 water       nat water                       18.015    92 ? ? ? ? 
# 
_entity_poly.entity_id                      1 
_entity_poly.type                           'polypeptide(L)' 
_entity_poly.nstd_linkage                   no 
_entity_poly.nstd_monomer                   yes 
_entity_poly.pdbx_seq_one_letter_code       
;(MSE)HHHHHH(MSE)AHF(MSE)DVHRG(MSE)HGITSDQLHQAHQADLAVEKDENVHFEQAWADPASGTIYCLSEGPS
AEAVQRVHERAGHKADEIHEVPLSA
;
_entity_poly.pdbx_seq_one_letter_code_can   
;MHHHHHHMAHFMDVHRGMHGITSDQLHQAHQADLAVEKDENVHFEQAWADPASGTIYCLSEGPSAEAVQRVHERAGHKAD
EIHEVPLSA
;
_entity_poly.pdbx_strand_id                 A,B 
_entity_poly.pdbx_target_identifier         ? 
# 
loop_
_pdbx_entity_nonpoly.entity_id 
_pdbx_entity_nonpoly.name 
_pdbx_entity_nonpoly.comp_id 
2 'NICKEL (II) ION' NI  
3 'CITRIC ACID'     CIT 
4 water             HOH 
# 
loop_
_entity_poly_seq.entity_id 
_entity_poly_seq.num 
_entity_poly_seq.mon_id 
_entity_poly_seq.hetero 
1 1  MSE n 
1 2  HIS n 
1 3  HIS n 
1 4  HIS n 
1 5  HIS n 
1 6  HIS n 
1 7  HIS n 
1 8  MSE n 
1 9  ALA n 
1 10 HIS n 
1 11 PHE n 
1 12 MSE n 
1 13 ASP n 
1 14 VAL n 
1 15 HIS n 
1 16 ARG n 
1 17 GLY n 
1 18 MSE n 
1 19 HIS n 
1 20 GLY n 
1 21 ILE n 
1 22 THR n 
1 23 SER n 
1 24 ASP n 
1 25 GLN n 
1 26 LEU n 
1 27 HIS n 
1 28 GLN n 
1 29 ALA n 
1 30 HIS n 
1 31 GLN n 
1 32 ALA n 
1 33 ASP n 
1 34 LEU n 
1 35 ALA n 
1 36 VAL n 
1 37 GLU n 
1 38 LYS n 
1 39 ASP n 
1 40 GLU n 
1 41 ASN n 
1 42 VAL n 
1 43 HIS n 
1 44 PHE n 
1 45 GLU n 
1 46 GLN n 
1 47 ALA n 
1 48 TRP n 
1 49 ALA n 
1 50 ASP n 
1 51 PRO n 
1 52 ALA n 
1 53 SER n 
1 54 GLY n 
1 55 THR n 
1 56 ILE n 
1 57 TYR n 
1 58 CYS n 
1 59 LEU n 
1 60 SER n 
1 61 GLU n 
1 62 GLY n 
1 63 PRO n 
1 64 SER n 
1 65 ALA n 
1 66 GLU n 
1 67 ALA n 
1 68 VAL n 
1 69 GLN n 
1 70 ARG n 
1 71 VAL n 
1 72 HIS n 
1 73 GLU n 
1 74 ARG n 
1 75 ALA n 
1 76 GLY n 
1 77 HIS n 
1 78 LYS n 
1 79 ALA n 
1 80 ASP n 
1 81 GLU n 
1 82 ILE n 
1 83 HIS n 
1 84 GLU n 
1 85 VAL n 
1 86 PRO n 
1 87 LEU n 
1 88 SER n 
1 89 ALA n 
# 
_entity_src_gen.entity_id                          1 
_entity_src_gen.pdbx_src_id                        1 
_entity_src_gen.pdbx_alt_source_flag               sample 
_entity_src_gen.pdbx_seq_type                      ? 
_entity_src_gen.pdbx_beg_seq_num                   ? 
_entity_src_gen.pdbx_end_seq_num                   ? 
_entity_src_gen.gene_src_common_name               ? 
_entity_src_gen.gene_src_genus                     ? 
_entity_src_gen.pdbx_gene_src_gene                 SCO4226 
_entity_src_gen.gene_src_species                   ? 
_entity_src_gen.gene_src_strain                    'A3(2)' 
_entity_src_gen.gene_src_tissue                    ? 
_entity_src_gen.gene_src_tissue_fraction           ? 
_entity_src_gen.gene_src_details                   pET22b 
_entity_src_gen.pdbx_gene_src_fragment             ? 
_entity_src_gen.pdbx_gene_src_scientific_name      'Streptomyces coelicolor' 
_entity_src_gen.pdbx_gene_src_ncbi_taxonomy_id     100226 
_entity_src_gen.pdbx_gene_src_variant              ? 
_entity_src_gen.pdbx_gene_src_cell_line            ? 
_entity_src_gen.pdbx_gene_src_atcc                 ? 
_entity_src_gen.pdbx_gene_src_organ                ? 
_entity_src_gen.pdbx_gene_src_organelle            ? 
_entity_src_gen.pdbx_gene_src_cell                 ? 
_entity_src_gen.pdbx_gene_src_cellular_location    ? 
_entity_src_gen.host_org_common_name               ? 
_entity_src_gen.pdbx_host_org_scientific_name      'Escherichia coli' 
_entity_src_gen.pdbx_host_org_ncbi_taxonomy_id     562 
_entity_src_gen.host_org_genus                     ? 
_entity_src_gen.pdbx_host_org_gene                 ? 
_entity_src_gen.pdbx_host_org_organ                ? 
_entity_src_gen.host_org_species                   ? 
_entity_src_gen.pdbx_host_org_tissue               ? 
_entity_src_gen.pdbx_host_org_tissue_fraction      ? 
_entity_src_gen.pdbx_host_org_strain               'Rosetta (de3)' 
_entity_src_gen.pdbx_host_org_variant              ? 
_entity_src_gen.pdbx_host_org_cell_line            ? 
_entity_src_gen.pdbx_host_org_atcc                 ? 
_entity_src_gen.pdbx_host_org_culture_collection   ? 
_entity_src_gen.pdbx_host_org_cell                 ? 
_entity_src_gen.pdbx_host_org_organelle            ? 
_entity_src_gen.pdbx_host_org_cellular_location    ? 
_entity_src_gen.pdbx_host_org_vector_type          Plasmid 
_entity_src_gen.pdbx_host_org_vector               ? 
_entity_src_gen.host_org_details                   ? 
_entity_src_gen.expression_system_id               ? 
_entity_src_gen.plasmid_name                       ? 
_entity_src_gen.plasmid_details                    ? 
_entity_src_gen.pdbx_description                   ? 
# 
loop_
_chem_comp.id 
_chem_comp.type 
_chem_comp.mon_nstd_flag 
_chem_comp.name 
_chem_comp.pdbx_synonyms 
_chem_comp.formula 
_chem_comp.formula_weight 
ALA 'L-peptide linking' y ALANINE           ? 'C3 H7 N O2'     89.093  
ARG 'L-peptide linking' y ARGININE          ? 'C6 H15 N4 O2 1' 175.209 
ASN 'L-peptide linking' y ASPARAGINE        ? 'C4 H8 N2 O3'    132.118 
ASP 'L-peptide linking' y 'ASPARTIC ACID'   ? 'C4 H7 N O4'     133.103 
CIT non-polymer         . 'CITRIC ACID'     ? 'C6 H8 O7'       192.124 
CYS 'L-peptide linking' y CYSTEINE          ? 'C3 H7 N O2 S'   121.158 
GLN 'L-peptide linking' y GLUTAMINE         ? 'C5 H10 N2 O3'   146.144 
GLU 'L-peptide linking' y 'GLUTAMIC ACID'   ? 'C5 H9 N O4'     147.129 
GLY 'peptide linking'   y GLYCINE           ? 'C2 H5 N O2'     75.067  
HIS 'L-peptide linking' y HISTIDINE         ? 'C6 H10 N3 O2 1' 156.162 
HOH non-polymer         . WATER             ? 'H2 O'           18.015  
ILE 'L-peptide linking' y ISOLEUCINE        ? 'C6 H13 N O2'    131.173 
LEU 'L-peptide linking' y LEUCINE           ? 'C6 H13 N O2'    131.173 
LYS 'L-peptide linking' y LYSINE            ? 'C6 H15 N2 O2 1' 147.195 
MSE 'L-peptide linking' n SELENOMETHIONINE  ? 'C5 H11 N O2 Se' 196.106 
NI  non-polymer         . 'NICKEL (II) ION' ? 'Ni 2'           58.693  
PHE 'L-peptide linking' y PHENYLALANINE     ? 'C9 H11 N O2'    165.189 
PRO 'L-peptide linking' y PROLINE           ? 'C5 H9 N O2'     115.130 
SER 'L-peptide linking' y SERINE            ? 'C3 H7 N O3'     105.093 
THR 'L-peptide linking' y THREONINE         ? 'C4 H9 N O3'     119.119 
TRP 'L-peptide linking' y TRYPTOPHAN        ? 'C11 H12 N2 O2'  204.225 
TYR 'L-peptide linking' y TYROSINE          ? 'C9 H11 N O3'    181.189 
VAL 'L-peptide linking' y VALINE            ? 'C5 H11 N O2'    117.146 
# 
loop_
_pdbx_poly_seq_scheme.asym_id 
_pdbx_poly_seq_scheme.entity_id 
_pdbx_poly_seq_scheme.seq_id 
_pdbx_poly_seq_scheme.mon_id 
_pdbx_poly_seq_scheme.ndb_seq_num 
_pdbx_poly_seq_scheme.pdb_seq_num 
_pdbx_poly_seq_scheme.auth_seq_num 
_pdbx_poly_seq_scheme.pdb_mon_id 
_pdbx_poly_seq_scheme.auth_mon_id 
_pdbx_poly_seq_scheme.pdb_strand_id 
_pdbx_poly_seq_scheme.pdb_ins_code 
_pdbx_poly_seq_scheme.hetero 
A 1 1  MSE 1  -6 ?  ?   ?   A . n 
A 1 2  HIS 2  -5 ?  ?   ?   A . n 
A 1 3  HIS 3  -4 ?  ?   ?   A . n 
A 1 4  HIS 4  -3 ?  ?   ?   A . n 
A 1 5  HIS 5  -2 ?  ?   ?   A . n 
A 1 6  HIS 6  -1 ?  ?   ?   A . n 
A 1 7  HIS 7  0  ?  ?   ?   A . n 
A 1 8  MSE 8  1  ?  ?   ?   A . n 
A 1 9  ALA 9  2  2  ALA ALA A . n 
A 1 10 HIS 10 3  3  HIS HIS A . n 
A 1 11 PHE 11 4  4  PHE PHE A . n 
A 1 12 MSE 12 5  5  MSE MSE A . n 
A 1 13 ASP 13 6  6  ASP ASP A . n 
A 1 14 VAL 14 7  7  VAL VAL A . n 
A 1 15 HIS 15 8  8  HIS HIS A . n 
A 1 16 ARG 16 9  9  ARG ARG A . n 
A 1 17 GLY 17 10 10 GLY GLY A . n 
A 1 18 MSE 18 11 11 MSE MSE A . n 
A 1 19 HIS 19 12 12 HIS HIS A . n 
A 1 20 GLY 20 13 13 GLY GLY A . n 
A 1 21 ILE 21 14 14 ILE ILE A . n 
A 1 22 THR 22 15 15 THR THR A . n 
A 1 23 SER 23 16 16 SER SER A . n 
A 1 24 ASP 24 17 17 ASP ASP A . n 
A 1 25 GLN 25 18 18 GLN GLN A . n 
A 1 26 LEU 26 19 19 LEU LEU A . n 
A 1 27 HIS 27 20 20 HIS HIS A . n 
A 1 28 GLN 28 21 21 GLN GLN A . n 
A 1 29 ALA 29 22 22 ALA ALA A . n 
A 1 30 HIS 30 23 23 HIS HIS A . n 
A 1 31 GLN 31 24 24 GLN GLN A . n 
A 1 32 ALA 32 25 25 ALA ALA A . n 
A 1 33 ASP 33 26 26 ASP ASP A . n 
A 1 34 LEU 34 27 27 LEU LEU A . n 
A 1 35 ALA 35 28 28 ALA ALA A . n 
A 1 36 VAL 36 29 29 VAL VAL A . n 
A 1 37 GLU 37 30 30 GLU GLU A . n 
A 1 38 LYS 38 31 31 LYS LYS A . n 
A 1 39 ASP 39 32 32 ASP ASP A . n 
A 1 40 GLU 40 33 33 GLU GLU A . n 
A 1 41 ASN 41 34 34 ASN ASN A . n 
A 1 42 VAL 42 35 35 VAL VAL A . n 
A 1 43 HIS 43 36 36 HIS HIS A . n 
A 1 44 PHE 44 37 37 PHE PHE A . n 
A 1 45 GLU 45 38 38 GLU GLU A . n 
A 1 46 GLN 46 39 39 GLN GLN A . n 
A 1 47 ALA 47 40 40 ALA ALA A . n 
A 1 48 TRP 48 41 41 TRP TRP A . n 
A 1 49 ALA 49 42 42 ALA ALA A . n 
A 1 50 ASP 50 43 43 ASP ASP A . n 
A 1 51 PRO 51 44 44 PRO PRO A . n 
A 1 52 ALA 52 45 45 ALA ALA A . n 
A 1 53 SER 53 46 46 SER SER A . n 
A 1 54 GLY 54 47 47 GLY GLY A . n 
A 1 55 THR 55 48 48 THR THR A . n 
A 1 56 ILE 56 49 49 ILE ILE A . n 
A 1 57 TYR 57 50 50 TYR TYR A . n 
A 1 58 CYS 58 51 51 CYS CYS A . n 
A 1 59 LEU 59 52 52 LEU LEU A . n 
A 1 60 SER 60 53 53 SER SER A . n 
A 1 61 GLU 61 54 54 GLU GLU A . n 
A 1 62 GLY 62 55 55 GLY GLY A . n 
A 1 63 PRO 63 56 56 PRO PRO A . n 
A 1 64 SER 64 57 57 SER SER A . n 
A 1 65 ALA 65 58 58 ALA ALA A . n 
A 1 66 GLU 66 59 59 GLU GLU A . n 
A 1 67 ALA 67 60 60 ALA ALA A . n 
A 1 68 VAL 68 61 61 VAL VAL A . n 
A 1 69 GLN 69 62 62 GLN GLN A . n 
A 1 70 ARG 70 63 63 ARG ARG A . n 
A 1 71 VAL 71 64 64 VAL VAL A . n 
A 1 72 HIS 72 65 65 HIS HIS A . n 
A 1 73 GLU 73 66 66 GLU GLU A . n 
A 1 74 ARG 74 67 67 ARG ARG A . n 
A 1 75 ALA 75 68 68 ALA ALA A . n 
A 1 76 GLY 76 69 69 GLY GLY A . n 
A 1 77 HIS 77 70 70 HIS HIS A . n 
A 1 78 LYS 78 71 71 LYS LYS A . n 
A 1 79 ALA 79 72 72 ALA ALA A . n 
A 1 80 ASP 80 73 73 ASP ASP A . n 
A 1 81 GLU 81 74 74 GLU GLU A . n 
A 1 82 ILE 82 75 75 ILE ILE A . n 
A 1 83 HIS 83 76 76 HIS HIS A . n 
A 1 84 GLU 84 77 77 GLU GLU A . n 
A 1 85 VAL 85 78 78 VAL VAL A . n 
A 1 86 PRO 86 79 79 PRO PRO A . n 
A 1 87 LEU 87 80 80 LEU LEU A . n 
A 1 88 SER 88 81 81 SER SER A . n 
A 1 89 ALA 89 82 82 ALA ALA A . n 
B 1 1  MSE 1  -6 ?  ?   ?   B . n 
B 1 2  HIS 2  -5 ?  ?   ?   B . n 
B 1 3  HIS 3  -4 ?  ?   ?   B . n 
B 1 4  HIS 4  -3 ?  ?   ?   B . n 
B 1 5  HIS 5  -2 ?  ?   ?   B . n 
B 1 6  HIS 6  -1 ?  ?   ?   B . n 
B 1 7  HIS 7  0  ?  ?   ?   B . n 
B 1 8  MSE 8  1  ?  ?   ?   B . n 
B 1 9  ALA 9  2  2  ALA ALA B . n 
B 1 10 HIS 10 3  3  HIS HIS B . n 
B 1 11 PHE 11 4  4  PHE PHE B . n 
B 1 12 MSE 12 5  5  MSE MSE B . n 
B 1 13 ASP 13 6  6  ASP ASP B . n 
B 1 14 VAL 14 7  7  VAL VAL B . n 
B 1 15 HIS 15 8  8  HIS HIS B . n 
B 1 16 ARG 16 9  9  ARG ARG B . n 
B 1 17 GLY 17 10 10 GLY GLY B . n 
B 1 18 MSE 18 11 11 MSE MSE B . n 
B 1 19 HIS 19 12 12 HIS HIS B . n 
B 1 20 GLY 20 13 13 GLY GLY B . n 
B 1 21 ILE 21 14 14 ILE ILE B . n 
B 1 22 THR 22 15 15 THR THR B . n 
B 1 23 SER 23 16 16 SER SER B . n 
B 1 24 ASP 24 17 17 ASP ASP B . n 
B 1 25 GLN 25 18 18 GLN GLN B . n 
B 1 26 LEU 26 19 19 LEU LEU B . n 
B 1 27 HIS 27 20 20 HIS HIS B . n 
B 1 28 GLN 28 21 21 GLN GLN B . n 
B 1 29 ALA 29 22 22 ALA ALA B . n 
B 1 30 HIS 30 23 23 HIS HIS B . n 
B 1 31 GLN 31 24 24 GLN GLN B . n 
B 1 32 ALA 32 25 25 ALA ALA B . n 
B 1 33 ASP 33 26 26 ASP ASP B . n 
B 1 34 LEU 34 27 27 LEU LEU B . n 
B 1 35 ALA 35 28 28 ALA ALA B . n 
B 1 36 VAL 36 29 29 VAL VAL B . n 
B 1 37 GLU 37 30 30 GLU GLU B . n 
B 1 38 LYS 38 31 31 LYS LYS B . n 
B 1 39 ASP 39 32 32 ASP ASP B . n 
B 1 40 GLU 40 33 33 GLU GLU B . n 
B 1 41 ASN 41 34 34 ASN ASN B . n 
B 1 42 VAL 42 35 35 VAL VAL B . n 
B 1 43 HIS 43 36 36 HIS HIS B . n 
B 1 44 PHE 44 37 37 PHE PHE B . n 
B 1 45 GLU 45 38 38 GLU GLU B . n 
B 1 46 GLN 46 39 39 GLN GLN B . n 
B 1 47 ALA 47 40 40 ALA ALA B . n 
B 1 48 TRP 48 41 41 TRP TRP B . n 
B 1 49 ALA 49 42 42 ALA ALA B . n 
B 1 50 ASP 50 43 43 ASP ASP B . n 
B 1 51 PRO 51 44 44 PRO PRO B . n 
B 1 52 ALA 52 45 45 ALA ALA B . n 
B 1 53 SER 53 46 46 SER SER B . n 
B 1 54 GLY 54 47 47 GLY GLY B . n 
B 1 55 THR 55 48 48 THR THR B . n 
B 1 56 ILE 56 49 49 ILE ILE B . n 
B 1 57 TYR 57 50 50 TYR TYR B . n 
B 1 58 CYS 58 51 51 CYS CYS B . n 
B 1 59 LEU 59 52 52 LEU LEU B . n 
B 1 60 SER 60 53 53 SER SER B . n 
B 1 61 GLU 61 54 54 GLU GLU B . n 
B 1 62 GLY 62 55 55 GLY GLY B . n 
B 1 63 PRO 63 56 56 PRO PRO B . n 
B 1 64 SER 64 57 57 SER SER B . n 
B 1 65 ALA 65 58 58 ALA ALA B . n 
B 1 66 GLU 66 59 59 GLU GLU B . n 
B 1 67 ALA 67 60 60 ALA ALA B . n 
B 1 68 VAL 68 61 61 VAL VAL B . n 
B 1 69 GLN 69 62 62 GLN GLN B . n 
B 1 70 ARG 70 63 63 ARG ARG B . n 
B 1 71 VAL 71 64 64 VAL VAL B . n 
B 1 72 HIS 72 65 65 HIS HIS B . n 
B 1 73 GLU 73 66 66 GLU GLU B . n 
B 1 74 ARG 74 67 67 ARG ARG B . n 
B 1 75 ALA 75 68 68 ALA ALA B . n 
B 1 76 GLY 76 69 69 GLY GLY B . n 
B 1 77 HIS 77 70 70 HIS HIS B . n 
B 1 78 LYS 78 71 71 LYS LYS B . n 
B 1 79 ALA 79 72 72 ALA ALA B . n 
B 1 80 ASP 80 73 73 ASP ASP B . n 
B 1 81 GLU 81 74 74 GLU GLU B . n 
B 1 82 ILE 82 75 75 ILE ILE B . n 
B 1 83 HIS 83 76 76 HIS HIS B . n 
B 1 84 GLU 84 77 77 GLU GLU B . n 
B 1 85 VAL 85 78 78 VAL VAL B . n 
B 1 86 PRO 86 79 79 PRO PRO B . n 
B 1 87 LEU 87 80 80 LEU LEU B . n 
B 1 88 SER 88 81 81 SER SER B . n 
B 1 89 ALA 89 82 82 ALA ALA B . n 
# 
loop_
_pdbx_nonpoly_scheme.asym_id 
_pdbx_nonpoly_scheme.entity_id 
_pdbx_nonpoly_scheme.mon_id 
_pdbx_nonpoly_scheme.ndb_seq_num 
_pdbx_nonpoly_scheme.pdb_seq_num 
_pdbx_nonpoly_scheme.auth_seq_num 
_pdbx_nonpoly_scheme.pdb_mon_id 
_pdbx_nonpoly_scheme.auth_mon_id 
_pdbx_nonpoly_scheme.pdb_strand_id 
_pdbx_nonpoly_scheme.pdb_ins_code 
C 2 NI  1  101 3  NI  NI  A . 
D 2 NI  1  102 5  NI  NI  A . 
E 2 NI  1  101 1  NI  NI  B . 
F 2 NI  1  102 2  NI  NI  B . 
G 3 CIT 1  103 2  CIT CIT B . 
H 4 HOH 1  201 1  HOH HOH A . 
H 4 HOH 2  202 2  HOH HOH A . 
H 4 HOH 3  203 6  HOH HOH A . 
H 4 HOH 4  204 8  HOH HOH A . 
H 4 HOH 5  205 11 HOH HOH A . 
H 4 HOH 6  206 12 HOH HOH A . 
H 4 HOH 7  207 13 HOH HOH A . 
H 4 HOH 8  208 14 HOH HOH A . 
H 4 HOH 9  209 16 HOH HOH A . 
H 4 HOH 10 210 17 HOH HOH A . 
H 4 HOH 11 211 19 HOH HOH A . 
H 4 HOH 12 212 24 HOH HOH A . 
H 4 HOH 13 213 25 HOH HOH A . 
H 4 HOH 14 214 28 HOH HOH A . 
H 4 HOH 15 215 31 HOH HOH A . 
H 4 HOH 16 216 36 HOH HOH A . 
H 4 HOH 17 217 38 HOH HOH A . 
H 4 HOH 18 218 39 HOH HOH A . 
H 4 HOH 19 219 40 HOH HOH A . 
H 4 HOH 20 220 42 HOH HOH A . 
H 4 HOH 21 221 43 HOH HOH A . 
H 4 HOH 22 222 44 HOH HOH A . 
H 4 HOH 23 223 50 HOH HOH A . 
H 4 HOH 24 224 51 HOH HOH A . 
H 4 HOH 25 225 54 HOH HOH A . 
H 4 HOH 26 226 56 HOH HOH A . 
H 4 HOH 27 227 57 HOH HOH A . 
H 4 HOH 28 228 60 HOH HOH A . 
H 4 HOH 29 229 62 HOH HOH A . 
H 4 HOH 30 230 63 HOH HOH A . 
H 4 HOH 31 231 64 HOH HOH A . 
H 4 HOH 32 232 65 HOH HOH A . 
H 4 HOH 33 233 68 HOH HOH A . 
H 4 HOH 34 234 70 HOH HOH A . 
H 4 HOH 35 235 71 HOH HOH A . 
H 4 HOH 36 236 72 HOH HOH A . 
H 4 HOH 37 237 73 HOH HOH A . 
H 4 HOH 38 238 78 HOH HOH A . 
H 4 HOH 39 239 80 HOH HOH A . 
H 4 HOH 40 240 81 HOH HOH A . 
H 4 HOH 41 241 82 HOH HOH A . 
H 4 HOH 42 242 89 HOH HOH A . 
H 4 HOH 43 243 90 HOH HOH A . 
H 4 HOH 44 244 91 HOH HOH A . 
H 4 HOH 45 245 92 HOH HOH A . 
I 4 HOH 1  201 3  HOH HOH B . 
I 4 HOH 2  202 4  HOH HOH B . 
I 4 HOH 3  203 5  HOH HOH B . 
I 4 HOH 4  204 7  HOH HOH B . 
I 4 HOH 5  205 9  HOH HOH B . 
I 4 HOH 6  206 10 HOH HOH B . 
I 4 HOH 7  207 15 HOH HOH B . 
I 4 HOH 8  208 18 HOH HOH B . 
I 4 HOH 9  209 20 HOH HOH B . 
I 4 HOH 10 210 21 HOH HOH B . 
I 4 HOH 11 211 22 HOH HOH B . 
I 4 HOH 12 212 23 HOH HOH B . 
I 4 HOH 13 213 26 HOH HOH B . 
I 4 HOH 14 214 27 HOH HOH B . 
I 4 HOH 15 215 29 HOH HOH B . 
I 4 HOH 16 216 30 HOH HOH B . 
I 4 HOH 17 217 32 HOH HOH B . 
I 4 HOH 18 218 33 HOH HOH B . 
I 4 HOH 19 219 34 HOH HOH B . 
I 4 HOH 20 220 35 HOH HOH B . 
I 4 HOH 21 221 37 HOH HOH B . 
I 4 HOH 22 222 41 HOH HOH B . 
I 4 HOH 23 223 45 HOH HOH B . 
I 4 HOH 24 224 46 HOH HOH B . 
I 4 HOH 25 225 47 HOH HOH B . 
I 4 HOH 26 226 48 HOH HOH B . 
I 4 HOH 27 227 49 HOH HOH B . 
I 4 HOH 28 228 52 HOH HOH B . 
I 4 HOH 29 229 53 HOH HOH B . 
I 4 HOH 30 230 55 HOH HOH B . 
I 4 HOH 31 231 58 HOH HOH B . 
I 4 HOH 32 232 59 HOH HOH B . 
I 4 HOH 33 233 61 HOH HOH B . 
I 4 HOH 34 234 66 HOH HOH B . 
I 4 HOH 35 235 67 HOH HOH B . 
I 4 HOH 36 236 69 HOH HOH B . 
I 4 HOH 37 237 74 HOH HOH B . 
I 4 HOH 38 238 75 HOH HOH B . 
I 4 HOH 39 239 76 HOH HOH B . 
I 4 HOH 40 240 77 HOH HOH B . 
I 4 HOH 41 241 79 HOH HOH B . 
I 4 HOH 42 242 83 HOH HOH B . 
I 4 HOH 43 243 84 HOH HOH B . 
I 4 HOH 44 244 85 HOH HOH B . 
I 4 HOH 45 245 86 HOH HOH B . 
I 4 HOH 46 246 87 HOH HOH B . 
I 4 HOH 47 247 88 HOH HOH B . 
# 
loop_
_software.name 
_software.classification 
_software.version 
_software.citation_id 
_software.pdbx_ordinal 
MAR345dtb 'data collection' .                             ? 1 
MOLREP    phasing           .                             ? 2 
PHENIX    refinement        '(phenix.refine: 1.8.2_1309)' ? 3 
MOSFLM    'data reduction'  .                             ? 4 
SCALA     'data scaling'    .                             ? 5 
# 
_cell.entry_id           4OI6 
_cell.length_a           28.330 
_cell.length_b           67.140 
_cell.length_c           35.090 
_cell.angle_alpha        90.00 
_cell.angle_beta         94.98 
_cell.angle_gamma        90.00 
_cell.Z_PDB              4 
_cell.pdbx_unique_axis   ? 
_cell.length_a_esd       ? 
_cell.length_b_esd       ? 
_cell.length_c_esd       ? 
_cell.angle_alpha_esd    ? 
_cell.angle_beta_esd     ? 
_cell.angle_gamma_esd    ? 
# 
_symmetry.entry_id                         4OI6 
_symmetry.space_group_name_H-M             'P 1 21 1' 
_symmetry.pdbx_full_space_group_name_H-M   ? 
_symmetry.cell_setting                     ? 
_symmetry.Int_Tables_number                4 
_symmetry.space_group_name_Hall            ? 
# 
_exptl.entry_id          4OI6 
_exptl.method            'X-RAY DIFFRACTION' 
_exptl.crystals_number   1 
# 
_exptl_crystal.id                    1 
_exptl_crystal.density_meas          ? 
_exptl_crystal.density_Matthews      1.63 
_exptl_crystal.density_percent_sol   24.44 
_exptl_crystal.description           ? 
_exptl_crystal.F_000                 ? 
_exptl_crystal.preparation           ? 
# 
_exptl_crystal_grow.crystal_id      1 
_exptl_crystal_grow.method          'VAPOR DIFFUSION, HANGING DROP' 
_exptl_crystal_grow.temp            289 
_exptl_crystal_grow.temp_details    ? 
_exptl_crystal_grow.pH              6.5 
_exptl_crystal_grow.pdbx_pH_range   ? 
_exptl_crystal_grow.pdbx_details    
'0.8 M sodium citrate dihydrate, pH 6.5 and 0.8 M NiSO4, VAPOR DIFFUSION, HANGING DROP, temperature 289K' 
# 
_diffrn.id                     1 
_diffrn.ambient_temp           100 
_diffrn.ambient_temp_details   ? 
_diffrn.crystal_id             1 
# 
_diffrn_detector.diffrn_id              1 
_diffrn_detector.detector               'IMAGE PLATE' 
_diffrn_detector.type                   'MAR scanner 345 mm plate' 
_diffrn_detector.pdbx_collection_date   2008-11-13 
_diffrn_detector.details                ? 
# 
_diffrn_radiation.diffrn_id                        1 
_diffrn_radiation.wavelength_id                    1 
_diffrn_radiation.pdbx_monochromatic_or_laue_m_l   M 
_diffrn_radiation.monochromator                    ? 
_diffrn_radiation.pdbx_diffrn_protocol             'SINGLE WAVELENGTH' 
_diffrn_radiation.pdbx_scattering_type             x-ray 
# 
_diffrn_radiation_wavelength.id           1 
_diffrn_radiation_wavelength.wavelength   1.5418 
_diffrn_radiation_wavelength.wt           1.0 
# 
_diffrn_source.diffrn_id                   1 
_diffrn_source.source                      'ROTATING ANODE' 
_diffrn_source.type                        'RIGAKU MICROMAX-007' 
_diffrn_source.pdbx_synchrotron_site       ? 
_diffrn_source.pdbx_synchrotron_beamline   ? 
_diffrn_source.pdbx_wavelength             ? 
_diffrn_source.pdbx_wavelength_list        1.5418 
# 
_reflns.pdbx_diffrn_id               1 
_reflns.pdbx_ordinal                 1 
_reflns.entry_id                     4OI6 
_reflns.observed_criterion_sigma_I   -3 
_reflns.observed_criterion_sigma_F   1.38 
_reflns.d_resolution_low             17.536 
_reflns.d_resolution_high            2.04 
_reflns.number_obs                   8364 
_reflns.number_all                   8509 
_reflns.percent_possible_obs         98.3 
_reflns.pdbx_Rmerge_I_obs            ? 
_reflns.pdbx_Rsym_value              ? 
_reflns.pdbx_netI_over_sigmaI        ? 
_reflns.B_iso_Wilson_estimate        ? 
_reflns.pdbx_redundancy              ? 
_reflns.R_free_details               ? 
_reflns.limit_h_max                  ? 
_reflns.limit_h_min                  ? 
_reflns.limit_k_max                  ? 
_reflns.limit_k_min                  ? 
_reflns.limit_l_max                  ? 
_reflns.limit_l_min                  ? 
_reflns.observed_criterion_F_max     ? 
_reflns.observed_criterion_F_min     ? 
_reflns.pdbx_chi_squared             ? 
_reflns.pdbx_scaling_rejects         ? 
# 
_reflns_shell.pdbx_diffrn_id         1 
_reflns_shell.pdbx_ordinal           1 
_reflns_shell.d_res_high             2.04 
_reflns_shell.d_res_low              2.14 
_reflns_shell.percent_possible_all   88.6 
_reflns_shell.Rmerge_I_obs           ? 
_reflns_shell.pdbx_Rsym_value        ? 
_reflns_shell.meanI_over_sigI_obs    ? 
_reflns_shell.pdbx_redundancy        ? 
_reflns_shell.percent_possible_obs   ? 
_reflns_shell.number_unique_all      ? 
_reflns_shell.number_measured_all    ? 
_reflns_shell.number_measured_obs    ? 
_reflns_shell.number_unique_obs      ? 
_reflns_shell.pdbx_chi_squared       ? 
# 
_refine.pdbx_refine_id                           'X-RAY DIFFRACTION' 
_refine.entry_id                                 4OI6 
_refine.pdbx_diffrn_id                           1 
_refine.pdbx_TLS_residual_ADP_flag               ? 
_refine.ls_number_reflns_obs                     8336 
_refine.ls_number_reflns_all                     8357 
_refine.pdbx_ls_sigma_I                          ? 
_refine.pdbx_ls_sigma_F                          1.38 
_refine.pdbx_data_cutoff_high_absF               ? 
_refine.pdbx_data_cutoff_low_absF                ? 
_refine.pdbx_data_cutoff_high_rms_absF           ? 
_refine.ls_d_res_low                             17.536 
_refine.ls_d_res_high                            2.040 
_refine.ls_percent_reflns_obs                    99.75 
_refine.ls_R_factor_obs                          0.1729 
_refine.ls_R_factor_all                          ? 
_refine.ls_R_factor_R_work                       0.1708 
_refine.ls_R_factor_R_free                       0.2165 
_refine.ls_R_factor_R_free_error                 ? 
_refine.ls_R_factor_R_free_error_details         ? 
_refine.ls_percent_reflns_R_free                 4.63 
_refine.ls_number_reflns_R_free                  386 
_refine.ls_number_parameters                     ? 
_refine.ls_number_restraints                     ? 
_refine.occupancy_min                            ? 
_refine.occupancy_max                            ? 
_refine.correlation_coeff_Fo_to_Fc               ? 
_refine.correlation_coeff_Fo_to_Fc_free          ? 
_refine.B_iso_mean                               ? 
_refine.aniso_B[1][1]                            ? 
_refine.aniso_B[2][2]                            ? 
_refine.aniso_B[3][3]                            ? 
_refine.aniso_B[1][2]                            ? 
_refine.aniso_B[1][3]                            ? 
_refine.aniso_B[2][3]                            ? 
_refine.solvent_model_details                    'FLAT BULK SOLVENT MODEL' 
_refine.solvent_model_param_ksol                 ? 
_refine.solvent_model_param_bsol                 ? 
_refine.pdbx_solvent_vdw_probe_radii             1.11 
_refine.pdbx_solvent_ion_probe_radii             ? 
_refine.pdbx_solvent_shrinkage_radii             0.90 
_refine.pdbx_ls_cross_valid_method               ? 
_refine.details                                  ? 
_refine.pdbx_starting_model                      ? 
_refine.pdbx_method_to_determine_struct          'MOLECULAR REPLACEMENT' 
_refine.pdbx_isotropic_thermal_model             ? 
_refine.pdbx_stereochemistry_target_values       ML 
_refine.pdbx_stereochem_target_val_spec_case     ? 
_refine.pdbx_R_Free_selection_details            ? 
_refine.pdbx_overall_ESU_R                       ? 
_refine.pdbx_overall_ESU_R_Free                  ? 
_refine.overall_SU_ML                            0.23 
_refine.pdbx_overall_phase_error                 23.61 
_refine.overall_SU_B                             ? 
_refine.overall_SU_R_Cruickshank_DPI             ? 
_refine.pdbx_overall_SU_R_free_Cruickshank_DPI   ? 
_refine.pdbx_overall_SU_R_Blow_DPI               ? 
_refine.pdbx_overall_SU_R_free_Blow_DPI          ? 
_refine.ls_redundancy_reflns_obs                 ? 
_refine.B_iso_min                                ? 
_refine.B_iso_max                                ? 
_refine.overall_SU_R_free                        ? 
_refine.ls_wR_factor_R_free                      ? 
_refine.ls_wR_factor_R_work                      ? 
_refine.overall_FOM_free_R_set                   ? 
_refine.overall_FOM_work_R_set                   ? 
# 
_refine_hist.pdbx_refine_id                   'X-RAY DIFFRACTION' 
_refine_hist.cycle_id                         LAST 
_refine_hist.pdbx_number_atoms_protein        1256 
_refine_hist.pdbx_number_atoms_nucleic_acid   0 
_refine_hist.pdbx_number_atoms_ligand         17 
_refine_hist.number_atoms_solvent             92 
_refine_hist.number_atoms_total               1365 
_refine_hist.d_res_high                       2.040 
_refine_hist.d_res_low                        17.536 
# 
loop_
_refine_ls_restr.type 
_refine_ls_restr.dev_ideal 
_refine_ls_restr.dev_ideal_target 
_refine_ls_restr.weight 
_refine_ls_restr.number 
_refine_ls_restr.pdbx_refine_id 
_refine_ls_restr.pdbx_restraint_function 
f_bond_d           0.008  ? ? 1309 'X-RAY DIFFRACTION' ? 
f_angle_d          1.067  ? ? 1779 'X-RAY DIFFRACTION' ? 
f_dihedral_angle_d 15.453 ? ? 463  'X-RAY DIFFRACTION' ? 
f_chiral_restr     0.076  ? ? 183  'X-RAY DIFFRACTION' ? 
f_plane_restr      0.004  ? ? 245  'X-RAY DIFFRACTION' ? 
# 
loop_
_refine_ls_shell.pdbx_refine_id 
_refine_ls_shell.pdbx_total_number_of_bins_used 
_refine_ls_shell.d_res_high 
_refine_ls_shell.d_res_low 
_refine_ls_shell.number_reflns_R_work 
_refine_ls_shell.R_factor_R_work 
_refine_ls_shell.percent_reflns_obs 
_refine_ls_shell.R_factor_R_free 
_refine_ls_shell.R_factor_R_free_error 
_refine_ls_shell.percent_reflns_R_free 
_refine_ls_shell.number_reflns_R_free 
_refine_ls_shell.number_reflns_all 
_refine_ls_shell.R_factor_all 
_refine_ls_shell.redundancy_reflns_obs 
_refine_ls_shell.number_reflns_obs 
'X-RAY DIFFRACTION' . 2.0404 2.3350  2609 0.1802 99.00  0.2766 . . 130 . . . . 
'X-RAY DIFFRACTION' . 2.3350 2.9396  2673 0.1866 100.00 0.2297 . . 119 . . . . 
'X-RAY DIFFRACTION' . 2.9396 17.5365 2668 0.1584 100.00 0.1901 . . 137 . . . . 
# 
_struct.entry_id                  4OI6 
_struct.title                     'Crystal structure analysis of nickel-bound form SCO4226 from Streptomyces coelicolor A3(2)' 
_struct.pdbx_model_details        ? 
_struct.pdbx_CASP_flag            ? 
_struct.pdbx_model_type_details   ? 
# 
_struct_keywords.pdbx_keywords   'METAL BINDING PROTEIN' 
_struct_keywords.text            
;nickel responsive protein, Structural Genomics, ferredoxin-like fold, a nickel responsive protein, nickel binding, METAL BINDING PROTEIN
;
_struct_keywords.entry_id        4OI6 
# 
loop_
_struct_asym.id 
_struct_asym.pdbx_blank_PDB_chainid_flag 
_struct_asym.pdbx_modified 
_struct_asym.entity_id 
_struct_asym.details 
A N N 1 ? 
B N N 1 ? 
C N N 2 ? 
D N N 2 ? 
E N N 2 ? 
F N N 2 ? 
G N N 3 ? 
H N N 4 ? 
I N N 4 ? 
# 
_struct_ref.id                         1 
_struct_ref.db_name                    UNP 
_struct_ref.db_code                    Q9FCE4_STRCO 
_struct_ref.pdbx_db_accession          Q9FCE4 
_struct_ref.entity_id                  1 
_struct_ref.pdbx_seq_one_letter_code   
;MAHFMDVHRGMHGITSDQLHQAHQADLAVEKDENVHFEQAWADPASGTIYCLSEGPSAEAVQRVHERAGHKADEIHEVPL
SA
;
_struct_ref.pdbx_align_begin           1 
_struct_ref.pdbx_db_isoform            ? 
# 
loop_
_struct_ref_seq.align_id 
_struct_ref_seq.ref_id 
_struct_ref_seq.pdbx_PDB_id_code 
_struct_ref_seq.pdbx_strand_id 
_struct_ref_seq.seq_align_beg 
_struct_ref_seq.pdbx_seq_align_beg_ins_code 
_struct_ref_seq.seq_align_end 
_struct_ref_seq.pdbx_seq_align_end_ins_code 
_struct_ref_seq.pdbx_db_accession 
_struct_ref_seq.db_align_beg 
_struct_ref_seq.pdbx_db_align_beg_ins_code 
_struct_ref_seq.db_align_end 
_struct_ref_seq.pdbx_db_align_end_ins_code 
_struct_ref_seq.pdbx_auth_seq_align_beg 
_struct_ref_seq.pdbx_auth_seq_align_end 
1 1 4OI6 A 8 ? 89 ? Q9FCE4 1 ? 82 ? 1 82 
2 1 4OI6 B 8 ? 89 ? Q9FCE4 1 ? 82 ? 1 82 
# 
loop_
_struct_ref_seq_dif.align_id 
_struct_ref_seq_dif.pdbx_pdb_id_code 
_struct_ref_seq_dif.mon_id 
_struct_ref_seq_dif.pdbx_pdb_strand_id 
_struct_ref_seq_dif.seq_num 
_struct_ref_seq_dif.pdbx_pdb_ins_code 
_struct_ref_seq_dif.pdbx_seq_db_name 
_struct_ref_seq_dif.pdbx_seq_db_accession_code 
_struct_ref_seq_dif.db_mon_id 
_struct_ref_seq_dif.pdbx_seq_db_seq_num 
_struct_ref_seq_dif.details 
_struct_ref_seq_dif.pdbx_auth_seq_num 
_struct_ref_seq_dif.pdbx_ordinal 
1 4OI6 MSE A 1 ? UNP Q9FCE4 ? ? 'expression tag' -6 1  
1 4OI6 HIS A 2 ? UNP Q9FCE4 ? ? 'expression tag' -5 2  
1 4OI6 HIS A 3 ? UNP Q9FCE4 ? ? 'expression tag' -4 3  
1 4OI6 HIS A 4 ? UNP Q9FCE4 ? ? 'expression tag' -3 4  
1 4OI6 HIS A 5 ? UNP Q9FCE4 ? ? 'expression tag' -2 5  
1 4OI6 HIS A 6 ? UNP Q9FCE4 ? ? 'expression tag' -1 6  
1 4OI6 HIS A 7 ? UNP Q9FCE4 ? ? 'expression tag' 0  7  
2 4OI6 MSE B 1 ? UNP Q9FCE4 ? ? 'expression tag' -6 8  
2 4OI6 HIS B 2 ? UNP Q9FCE4 ? ? 'expression tag' -5 9  
2 4OI6 HIS B 3 ? UNP Q9FCE4 ? ? 'expression tag' -4 10 
2 4OI6 HIS B 4 ? UNP Q9FCE4 ? ? 'expression tag' -3 11 
2 4OI6 HIS B 5 ? UNP Q9FCE4 ? ? 'expression tag' -2 12 
2 4OI6 HIS B 6 ? UNP Q9FCE4 ? ? 'expression tag' -1 13 
2 4OI6 HIS B 7 ? UNP Q9FCE4 ? ? 'expression tag' 0  14 
# 
_pdbx_struct_assembly.id                   1 
_pdbx_struct_assembly.details              author_and_software_defined_assembly 
_pdbx_struct_assembly.method_details       PISA 
_pdbx_struct_assembly.oligomeric_details   dimeric 
_pdbx_struct_assembly.oligomeric_count     2 
# 
loop_
_pdbx_struct_assembly_prop.biol_id 
_pdbx_struct_assembly_prop.type 
_pdbx_struct_assembly_prop.value 
_pdbx_struct_assembly_prop.details 
1 'ABSA (A^2)' 3010 ? 
1 MORE         -55  ? 
1 'SSA (A^2)'  7840 ? 
# 
_pdbx_struct_assembly_gen.assembly_id       1 
_pdbx_struct_assembly_gen.oper_expression   1 
_pdbx_struct_assembly_gen.asym_id_list      A,B,C,D,E,F,G,H,I 
# 
_pdbx_struct_oper_list.id                   1 
_pdbx_struct_oper_list.type                 'identity operation' 
_pdbx_struct_oper_list.name                 1_555 
_pdbx_struct_oper_list.symmetry_operation   x,y,z 
_pdbx_struct_oper_list.matrix[1][1]         1.0000000000 
_pdbx_struct_oper_list.matrix[1][2]         0.0000000000 
_pdbx_struct_oper_list.matrix[1][3]         0.0000000000 
_pdbx_struct_oper_list.vector[1]            0.0000000000 
_pdbx_struct_oper_list.matrix[2][1]         0.0000000000 
_pdbx_struct_oper_list.matrix[2][2]         1.0000000000 
_pdbx_struct_oper_list.matrix[2][3]         0.0000000000 
_pdbx_struct_oper_list.vector[2]            0.0000000000 
_pdbx_struct_oper_list.matrix[3][1]         0.0000000000 
_pdbx_struct_oper_list.matrix[3][2]         0.0000000000 
_pdbx_struct_oper_list.matrix[3][3]         1.0000000000 
_pdbx_struct_oper_list.vector[3]            0.0000000000 
# 
_struct_biol.id        1 
_struct_biol.details   ? 
# 
loop_
_struct_conf.conf_type_id 
_struct_conf.id 
_struct_conf.pdbx_PDB_helix_id 
_struct_conf.beg_label_comp_id 
_struct_conf.beg_label_asym_id 
_struct_conf.beg_label_seq_id 
_struct_conf.pdbx_beg_PDB_ins_code 
_struct_conf.end_label_comp_id 
_struct_conf.end_label_asym_id 
_struct_conf.end_label_seq_id 
_struct_conf.pdbx_end_PDB_ins_code 
_struct_conf.beg_auth_comp_id 
_struct_conf.beg_auth_asym_id 
_struct_conf.beg_auth_seq_id 
_struct_conf.end_auth_comp_id 
_struct_conf.end_auth_asym_id 
_struct_conf.end_auth_seq_id 
_struct_conf.pdbx_PDB_helix_class 
_struct_conf.details 
_struct_conf.pdbx_PDB_helix_length 
HELX_P HELX_P1 1 THR A 22 ? LYS A 38 ? THR A 15 LYS A 31 1 ? 17 
HELX_P HELX_P2 2 ASP A 39 ? ASN A 41 ? ASP A 32 ASN A 34 5 ? 3  
HELX_P HELX_P3 3 SER A 64 ? GLY A 76 ? SER A 57 GLY A 69 1 ? 13 
HELX_P HELX_P4 4 THR B 22 ? GLU B 37 ? THR B 15 GLU B 30 1 ? 16 
HELX_P HELX_P5 5 LYS B 38 ? ASN B 41 ? LYS B 31 ASN B 34 5 ? 4  
HELX_P HELX_P6 6 SER B 64 ? ALA B 75 ? SER B 57 ALA B 68 1 ? 12 
# 
_struct_conf_type.id          HELX_P 
_struct_conf_type.criteria    ? 
_struct_conf_type.reference   ? 
# 
loop_
_struct_conn.id 
_struct_conn.conn_type_id 
_struct_conn.pdbx_leaving_atom_flag 
_struct_conn.pdbx_PDB_id 
_struct_conn.ptnr1_label_asym_id 
_struct_conn.ptnr1_label_comp_id 
_struct_conn.ptnr1_label_seq_id 
_struct_conn.ptnr1_label_atom_id 
_struct_conn.pdbx_ptnr1_label_alt_id 
_struct_conn.pdbx_ptnr1_PDB_ins_code 
_struct_conn.pdbx_ptnr1_standard_comp_id 
_struct_conn.ptnr1_symmetry 
_struct_conn.ptnr2_label_asym_id 
_struct_conn.ptnr2_label_comp_id 
_struct_conn.ptnr2_label_seq_id 
_struct_conn.ptnr2_label_atom_id 
_struct_conn.pdbx_ptnr2_label_alt_id 
_struct_conn.pdbx_ptnr2_PDB_ins_code 
_struct_conn.ptnr1_auth_asym_id 
_struct_conn.ptnr1_auth_comp_id 
_struct_conn.ptnr1_auth_seq_id 
_struct_conn.ptnr2_auth_asym_id 
_struct_conn.ptnr2_auth_comp_id 
_struct_conn.ptnr2_auth_seq_id 
_struct_conn.ptnr2_symmetry 
_struct_conn.pdbx_ptnr3_label_atom_id 
_struct_conn.pdbx_ptnr3_label_seq_id 
_struct_conn.pdbx_ptnr3_label_comp_id 
_struct_conn.pdbx_ptnr3_label_asym_id 
_struct_conn.pdbx_ptnr3_label_alt_id 
_struct_conn.pdbx_ptnr3_PDB_ins_code 
_struct_conn.details 
_struct_conn.pdbx_dist_value 
_struct_conn.pdbx_value_order 
_struct_conn.pdbx_role 
covale1  covale both ? A PHE 11 C   ? ? ? 1_555 A MSE 12 N   ? ? A PHE 4   A MSE 5   1_555 ? ? ? ? ? ? ? 1.329 ? ? 
covale2  covale both ? A MSE 12 C   ? ? ? 1_555 A ASP 13 N   ? ? A MSE 5   A ASP 6   1_555 ? ? ? ? ? ? ? 1.330 ? ? 
covale3  covale both ? A GLY 17 C   ? ? ? 1_555 A MSE 18 N   ? ? A GLY 10  A MSE 11  1_555 ? ? ? ? ? ? ? 1.333 ? ? 
covale4  covale both ? A MSE 18 C   ? ? ? 1_555 A HIS 19 N   ? ? A MSE 11  A HIS 12  1_555 ? ? ? ? ? ? ? 1.332 ? ? 
covale5  covale both ? B PHE 11 C   ? ? ? 1_555 B MSE 12 N   ? ? B PHE 4   B MSE 5   1_555 ? ? ? ? ? ? ? 1.333 ? ? 
covale6  covale both ? B MSE 12 C   ? ? ? 1_555 B ASP 13 N   ? ? B MSE 5   B ASP 6   1_555 ? ? ? ? ? ? ? 1.325 ? ? 
covale7  covale both ? B GLY 17 C   ? ? ? 1_555 B MSE 18 N   ? ? B GLY 10  B MSE 11  1_555 ? ? ? ? ? ? ? 1.331 ? ? 
covale8  covale both ? B MSE 18 C   ? ? ? 1_555 B HIS 19 N   ? ? B MSE 11  B HIS 12  1_555 ? ? ? ? ? ? ? 1.329 ? ? 
metalc1  metalc ?    ? A HIS 30 NE2 ? ? ? 1_555 D NI  .  NI  ? ? A HIS 23  A NI  102 1_555 ? ? ? ? ? ? ? 2.213 ? ? 
metalc2  metalc ?    ? A GLU 81 OE1 ? ? ? 1_555 C NI  .  NI  ? ? A GLU 74  A NI  101 1_555 ? ? ? ? ? ? ? 2.079 ? ? 
metalc3  metalc ?    ? A GLU 81 OE2 ? ? ? 1_555 C NI  .  NI  ? ? A GLU 74  A NI  101 1_555 ? ? ? ? ? ? ? 2.326 ? ? 
metalc4  metalc ?    ? A HIS 83 ND1 ? ? ? 1_555 E NI  .  NI  ? ? A HIS 76  B NI  101 1_555 ? ? ? ? ? ? ? 2.300 ? ? 
metalc5  metalc ?    ? C NI  .  NI  ? ? ? 1_555 H HOH .  O   ? ? A NI  101 A HOH 243 1_555 ? ? ? ? ? ? ? 2.070 ? ? 
metalc6  metalc ?    ? C NI  .  NI  ? ? ? 1_555 H HOH .  O   ? ? A NI  101 A HOH 244 1_555 ? ? ? ? ? ? ? 2.188 ? ? 
metalc7  metalc ?    ? C NI  .  NI  ? ? ? 1_555 H HOH .  O   ? ? A NI  101 A HOH 245 1_555 ? ? ? ? ? ? ? 2.240 ? ? 
metalc8  metalc ?    ? D NI  .  NI  ? ? ? 1_555 H HOH .  O   ? ? A NI  102 A HOH 239 1_555 ? ? ? ? ? ? ? 2.250 ? ? 
metalc9  metalc ?    ? D NI  .  NI  ? ? ? 1_555 H HOH .  O   ? ? A NI  102 A HOH 240 1_555 ? ? ? ? ? ? ? 2.148 ? ? 
metalc10 metalc ?    ? D NI  .  NI  ? ? ? 1_555 B ALA 89 OXT ? ? A NI  102 B ALA 82  1_555 ? ? ? ? ? ? ? 2.146 ? ? 
metalc11 metalc ?    ? D NI  .  NI  ? ? ? 1_555 I HOH .  O   ? ? A NI  102 B HOH 241 1_555 ? ? ? ? ? ? ? 2.219 ? ? 
metalc12 metalc ?    ? B HIS 10 NE2 ? ? ? 1_555 F NI  .  NI  ? ? B HIS 3   B NI  102 1_555 ? ? ? ? ? ? ? 2.095 ? ? 
metalc13 metalc ?    ? B GLU 45 OE2 ? ? ? 1_555 F NI  .  NI  ? ? B GLU 38  B NI  102 1_555 ? ? ? ? ? ? ? 2.068 ? ? 
metalc14 metalc ?    ? B ASP 50 OD2 ? ? ? 1_555 E NI  .  NI  ? ? B ASP 43  B NI  101 1_555 ? ? ? ? ? ? ? 2.148 ? ? 
metalc15 metalc ?    ? B SER 53 OG  ? ? ? 1_555 E NI  .  NI  ? ? B SER 46  B NI  101 1_555 ? ? ? ? ? ? ? 2.182 ? ? 
metalc16 metalc ?    ? E NI  .  NI  ? ? ? 1_555 G CIT .  O7  ? ? B NI  101 B CIT 103 1_555 ? ? ? ? ? ? ? 2.082 ? ? 
metalc17 metalc ?    ? E NI  .  NI  ? ? ? 1_555 G CIT .  O4  ? ? B NI  101 B CIT 103 1_555 ? ? ? ? ? ? ? 2.105 ? ? 
metalc18 metalc ?    ? E NI  .  NI  ? ? ? 1_555 G CIT .  O6  ? ? B NI  101 B CIT 103 1_555 ? ? ? ? ? ? ? 2.246 ? ? 
metalc19 metalc ?    ? F NI  .  NI  ? ? ? 1_555 I HOH .  O   ? ? B NI  102 B HOH 227 1_555 ? ? ? ? ? ? ? 2.157 ? ? 
metalc20 metalc ?    ? F NI  .  NI  ? ? ? 1_555 I HOH .  O   ? ? B NI  102 B HOH 234 1_555 ? ? ? ? ? ? ? 2.214 ? ? 
metalc21 metalc ?    ? F NI  .  NI  ? ? ? 1_555 I HOH .  O   ? ? B NI  102 B HOH 242 1_555 ? ? ? ? ? ? ? 2.115 ? ? 
# 
loop_
_struct_conn_type.id 
_struct_conn_type.criteria 
_struct_conn_type.reference 
covale ? ? 
metalc ? ? 
# 
loop_
_pdbx_struct_conn_angle.id 
_pdbx_struct_conn_angle.ptnr1_label_atom_id 
_pdbx_struct_conn_angle.ptnr1_label_alt_id 
_pdbx_struct_conn_angle.ptnr1_label_asym_id 
_pdbx_struct_conn_angle.ptnr1_label_comp_id 
_pdbx_struct_conn_angle.ptnr1_label_seq_id 
_pdbx_struct_conn_angle.ptnr1_auth_atom_id 
_pdbx_struct_conn_angle.ptnr1_auth_asym_id 
_pdbx_struct_conn_angle.ptnr1_auth_comp_id 
_pdbx_struct_conn_angle.ptnr1_auth_seq_id 
_pdbx_struct_conn_angle.ptnr1_PDB_ins_code 
_pdbx_struct_conn_angle.ptnr1_symmetry 
_pdbx_struct_conn_angle.ptnr2_label_atom_id 
_pdbx_struct_conn_angle.ptnr2_label_alt_id 
_pdbx_struct_conn_angle.ptnr2_label_asym_id 
_pdbx_struct_conn_angle.ptnr2_label_comp_id 
_pdbx_struct_conn_angle.ptnr2_label_seq_id 
_pdbx_struct_conn_angle.ptnr2_auth_atom_id 
_pdbx_struct_conn_angle.ptnr2_auth_asym_id 
_pdbx_struct_conn_angle.ptnr2_auth_comp_id 
_pdbx_struct_conn_angle.ptnr2_auth_seq_id 
_pdbx_struct_conn_angle.ptnr2_PDB_ins_code 
_pdbx_struct_conn_angle.ptnr2_symmetry 
_pdbx_struct_conn_angle.ptnr3_label_atom_id 
_pdbx_struct_conn_angle.ptnr3_label_alt_id 
_pdbx_struct_conn_angle.ptnr3_label_asym_id 
_pdbx_struct_conn_angle.ptnr3_label_comp_id 
_pdbx_struct_conn_angle.ptnr3_label_seq_id 
_pdbx_struct_conn_angle.ptnr3_auth_atom_id 
_pdbx_struct_conn_angle.ptnr3_auth_asym_id 
_pdbx_struct_conn_angle.ptnr3_auth_comp_id 
_pdbx_struct_conn_angle.ptnr3_auth_seq_id 
_pdbx_struct_conn_angle.ptnr3_PDB_ins_code 
_pdbx_struct_conn_angle.ptnr3_symmetry 
_pdbx_struct_conn_angle.value 
_pdbx_struct_conn_angle.value_esd 
1  NE2 ? A HIS 30 ? A HIS 23  ? 1_555 NI ? D NI . ? A NI 102 ? 1_555 O   ? H HOH .  ? A HOH 239 ? 1_555 79.6  ? 
2  NE2 ? A HIS 30 ? A HIS 23  ? 1_555 NI ? D NI . ? A NI 102 ? 1_555 O   ? H HOH .  ? A HOH 240 ? 1_555 91.3  ? 
3  O   ? H HOH .  ? A HOH 239 ? 1_555 NI ? D NI . ? A NI 102 ? 1_555 O   ? H HOH .  ? A HOH 240 ? 1_555 85.5  ? 
4  NE2 ? A HIS 30 ? A HIS 23  ? 1_555 NI ? D NI . ? A NI 102 ? 1_555 OXT ? B ALA 89 ? B ALA 82  ? 1_555 90.2  ? 
5  O   ? H HOH .  ? A HOH 239 ? 1_555 NI ? D NI . ? A NI 102 ? 1_555 OXT ? B ALA 89 ? B ALA 82  ? 1_555 169.8 ? 
6  O   ? H HOH .  ? A HOH 240 ? 1_555 NI ? D NI . ? A NI 102 ? 1_555 OXT ? B ALA 89 ? B ALA 82  ? 1_555 93.6  ? 
7  NE2 ? A HIS 30 ? A HIS 23  ? 1_555 NI ? D NI . ? A NI 102 ? 1_555 O   ? I HOH .  ? B HOH 241 ? 1_555 99.6  ? 
8  O   ? H HOH .  ? A HOH 239 ? 1_555 NI ? D NI . ? A NI 102 ? 1_555 O   ? I HOH .  ? B HOH 241 ? 1_555 95.1  ? 
9  O   ? H HOH .  ? A HOH 240 ? 1_555 NI ? D NI . ? A NI 102 ? 1_555 O   ? I HOH .  ? B HOH 241 ? 1_555 168.9 ? 
10 OXT ? B ALA 89 ? B ALA 82  ? 1_555 NI ? D NI . ? A NI 102 ? 1_555 O   ? I HOH .  ? B HOH 241 ? 1_555 87.7  ? 
11 OE1 ? A GLU 81 ? A GLU 74  ? 1_555 NI ? C NI . ? A NI 101 ? 1_555 OE2 ? A GLU 81 ? A GLU 74  ? 1_555 60.1  ? 
12 OE1 ? A GLU 81 ? A GLU 74  ? 1_555 NI ? C NI . ? A NI 101 ? 1_555 O   ? H HOH .  ? A HOH 243 ? 1_555 159.1 ? 
13 OE2 ? A GLU 81 ? A GLU 74  ? 1_555 NI ? C NI . ? A NI 101 ? 1_555 O   ? H HOH .  ? A HOH 243 ? 1_555 103.9 ? 
14 OE1 ? A GLU 81 ? A GLU 74  ? 1_555 NI ? C NI . ? A NI 101 ? 1_555 O   ? H HOH .  ? A HOH 244 ? 1_555 100.9 ? 
15 OE2 ? A GLU 81 ? A GLU 74  ? 1_555 NI ? C NI . ? A NI 101 ? 1_555 O   ? H HOH .  ? A HOH 244 ? 1_555 160.7 ? 
16 O   ? H HOH .  ? A HOH 243 ? 1_555 NI ? C NI . ? A NI 101 ? 1_555 O   ? H HOH .  ? A HOH 244 ? 1_555 93.6  ? 
17 OE1 ? A GLU 81 ? A GLU 74  ? 1_555 NI ? C NI . ? A NI 101 ? 1_555 O   ? H HOH .  ? A HOH 245 ? 1_555 87.9  ? 
18 OE2 ? A GLU 81 ? A GLU 74  ? 1_555 NI ? C NI . ? A NI 101 ? 1_555 O   ? H HOH .  ? A HOH 245 ? 1_555 81.0  ? 
19 O   ? H HOH .  ? A HOH 243 ? 1_555 NI ? C NI . ? A NI 101 ? 1_555 O   ? H HOH .  ? A HOH 245 ? 1_555 75.7  ? 
20 O   ? H HOH .  ? A HOH 244 ? 1_555 NI ? C NI . ? A NI 101 ? 1_555 O   ? H HOH .  ? A HOH 245 ? 1_555 95.7  ? 
21 ND1 ? A HIS 83 ? A HIS 76  ? 1_555 NI ? E NI . ? B NI 101 ? 1_555 OD2 ? B ASP 50 ? B ASP 43  ? 1_555 89.6  ? 
22 ND1 ? A HIS 83 ? A HIS 76  ? 1_555 NI ? E NI . ? B NI 101 ? 1_555 OG  ? B SER 53 ? B SER 46  ? 1_555 93.2  ? 
23 OD2 ? B ASP 50 ? B ASP 43  ? 1_555 NI ? E NI . ? B NI 101 ? 1_555 OG  ? B SER 53 ? B SER 46  ? 1_555 82.5  ? 
24 ND1 ? A HIS 83 ? A HIS 76  ? 1_555 NI ? E NI . ? B NI 101 ? 1_555 O7  ? G CIT .  ? B CIT 103 ? 1_555 167.3 ? 
25 OD2 ? B ASP 50 ? B ASP 43  ? 1_555 NI ? E NI . ? B NI 101 ? 1_555 O7  ? G CIT .  ? B CIT 103 ? 1_555 103.0 ? 
26 OG  ? B SER 53 ? B SER 46  ? 1_555 NI ? E NI . ? B NI 101 ? 1_555 O7  ? G CIT .  ? B CIT 103 ? 1_555 86.9  ? 
27 ND1 ? A HIS 83 ? A HIS 76  ? 1_555 NI ? E NI . ? B NI 101 ? 1_555 O4  ? G CIT .  ? B CIT 103 ? 1_555 101.1 ? 
28 OD2 ? B ASP 50 ? B ASP 43  ? 1_555 NI ? E NI . ? B NI 101 ? 1_555 O4  ? G CIT .  ? B CIT 103 ? 1_555 99.1  ? 
29 OG  ? B SER 53 ? B SER 46  ? 1_555 NI ? E NI . ? B NI 101 ? 1_555 O4  ? G CIT .  ? B CIT 103 ? 1_555 165.6 ? 
30 O7  ? G CIT .  ? B CIT 103 ? 1_555 NI ? E NI . ? B NI 101 ? 1_555 O4  ? G CIT .  ? B CIT 103 ? 1_555 78.8  ? 
31 ND1 ? A HIS 83 ? A HIS 76  ? 1_555 NI ? E NI . ? B NI 101 ? 1_555 O6  ? G CIT .  ? B CIT 103 ? 1_555 92.1  ? 
32 OD2 ? B ASP 50 ? B ASP 43  ? 1_555 NI ? E NI . ? B NI 101 ? 1_555 O6  ? G CIT .  ? B CIT 103 ? 1_555 166.9 ? 
33 OG  ? B SER 53 ? B SER 46  ? 1_555 NI ? E NI . ? B NI 101 ? 1_555 O6  ? G CIT .  ? B CIT 103 ? 1_555 84.4  ? 
34 O7  ? G CIT .  ? B CIT 103 ? 1_555 NI ? E NI . ? B NI 101 ? 1_555 O6  ? G CIT .  ? B CIT 103 ? 1_555 75.2  ? 
35 O4  ? G CIT .  ? B CIT 103 ? 1_555 NI ? E NI . ? B NI 101 ? 1_555 O6  ? G CIT .  ? B CIT 103 ? 1_555 93.3  ? 
36 NE2 ? B HIS 10 ? B HIS 3   ? 1_555 NI ? F NI . ? B NI 102 ? 1_555 OE2 ? B GLU 45 ? B GLU 38  ? 1_555 96.3  ? 
37 NE2 ? B HIS 10 ? B HIS 3   ? 1_555 NI ? F NI . ? B NI 102 ? 1_555 O   ? I HOH .  ? B HOH 227 ? 1_555 88.7  ? 
38 OE2 ? B GLU 45 ? B GLU 38  ? 1_555 NI ? F NI . ? B NI 102 ? 1_555 O   ? I HOH .  ? B HOH 227 ? 1_555 92.1  ? 
39 NE2 ? B HIS 10 ? B HIS 3   ? 1_555 NI ? F NI . ? B NI 102 ? 1_555 O   ? I HOH .  ? B HOH 234 ? 1_555 87.3  ? 
40 OE2 ? B GLU 45 ? B GLU 38  ? 1_555 NI ? F NI . ? B NI 102 ? 1_555 O   ? I HOH .  ? B HOH 234 ? 1_555 176.3 ? 
41 O   ? I HOH .  ? B HOH 227 ? 1_555 NI ? F NI . ? B NI 102 ? 1_555 O   ? I HOH .  ? B HOH 234 ? 1_555 88.6  ? 
42 NE2 ? B HIS 10 ? B HIS 3   ? 1_555 NI ? F NI . ? B NI 102 ? 1_555 O   ? I HOH .  ? B HOH 242 ? 1_555 162.2 ? 
43 OE2 ? B GLU 45 ? B GLU 38  ? 1_555 NI ? F NI . ? B NI 102 ? 1_555 O   ? I HOH .  ? B HOH 242 ? 1_555 85.0  ? 
44 O   ? I HOH .  ? B HOH 227 ? 1_555 NI ? F NI . ? B NI 102 ? 1_555 O   ? I HOH .  ? B HOH 242 ? 1_555 73.6  ? 
45 O   ? I HOH .  ? B HOH 234 ? 1_555 NI ? F NI . ? B NI 102 ? 1_555 O   ? I HOH .  ? B HOH 242 ? 1_555 91.8  ? 
# 
loop_
_pdbx_modification_feature.ordinal 
_pdbx_modification_feature.label_comp_id 
_pdbx_modification_feature.label_asym_id 
_pdbx_modification_feature.label_seq_id 
_pdbx_modification_feature.label_alt_id 
_pdbx_modification_feature.modified_residue_label_comp_id 
_pdbx_modification_feature.modified_residue_label_asym_id 
_pdbx_modification_feature.modified_residue_label_seq_id 
_pdbx_modification_feature.modified_residue_label_alt_id 
_pdbx_modification_feature.auth_comp_id 
_pdbx_modification_feature.auth_asym_id 
_pdbx_modification_feature.auth_seq_id 
_pdbx_modification_feature.PDB_ins_code 
_pdbx_modification_feature.symmetry 
_pdbx_modification_feature.modified_residue_auth_comp_id 
_pdbx_modification_feature.modified_residue_auth_asym_id 
_pdbx_modification_feature.modified_residue_auth_seq_id 
_pdbx_modification_feature.modified_residue_PDB_ins_code 
_pdbx_modification_feature.modified_residue_symmetry 
_pdbx_modification_feature.comp_id_linking_atom 
_pdbx_modification_feature.modified_residue_id_linking_atom 
_pdbx_modification_feature.modified_residue_id 
_pdbx_modification_feature.ref_pcm_id 
_pdbx_modification_feature.ref_comp_id 
_pdbx_modification_feature.type 
_pdbx_modification_feature.category 
1 MSE A 12 ? . . . . MSE A 5  ? 1_555 . . . . . . . MET 1 MSE Selenomethionine 'Named protein modification' 
2 MSE A 18 ? . . . . MSE A 11 ? 1_555 . . . . . . . MET 1 MSE Selenomethionine 'Named protein modification' 
3 MSE B 12 ? . . . . MSE B 5  ? 1_555 . . . . . . . MET 1 MSE Selenomethionine 'Named protein modification' 
4 MSE B 18 ? . . . . MSE B 11 ? 1_555 . . . . . . . MET 1 MSE Selenomethionine 'Named protein modification' 
# 
loop_
_struct_sheet.id 
_struct_sheet.type 
_struct_sheet.number_strands 
_struct_sheet.details 
A ? 5 ? 
B ? 5 ? 
# 
loop_
_struct_sheet_order.sheet_id 
_struct_sheet_order.range_id_1 
_struct_sheet_order.range_id_2 
_struct_sheet_order.offset 
_struct_sheet_order.sense 
A 1 2 ? anti-parallel 
A 2 3 ? anti-parallel 
A 3 4 ? anti-parallel 
A 4 5 ? anti-parallel 
B 1 2 ? anti-parallel 
B 2 3 ? anti-parallel 
B 3 4 ? anti-parallel 
B 4 5 ? anti-parallel 
# 
loop_
_struct_sheet_range.sheet_id 
_struct_sheet_range.id 
_struct_sheet_range.beg_label_comp_id 
_struct_sheet_range.beg_label_asym_id 
_struct_sheet_range.beg_label_seq_id 
_struct_sheet_range.pdbx_beg_PDB_ins_code 
_struct_sheet_range.end_label_comp_id 
_struct_sheet_range.end_label_asym_id 
_struct_sheet_range.end_label_seq_id 
_struct_sheet_range.pdbx_end_PDB_ins_code 
_struct_sheet_range.beg_auth_comp_id 
_struct_sheet_range.beg_auth_asym_id 
_struct_sheet_range.beg_auth_seq_id 
_struct_sheet_range.end_auth_comp_id 
_struct_sheet_range.end_auth_asym_id 
_struct_sheet_range.end_auth_seq_id 
A 1 GLU A 81 ? GLU A 84 ? GLU A 74 GLU A 77 
A 2 HIS A 10 ? HIS A 15 ? HIS A 3  HIS A 8  
A 3 THR A 55 ? GLU A 61 ? THR A 48 GLU A 54 
A 4 HIS A 43 ? ASP A 50 ? HIS A 36 ASP A 43 
A 5 LEU B 87 ? ALA B 89 ? LEU B 80 ALA B 82 
B 1 LEU A 87 ? ALA A 89 ? LEU A 80 ALA A 82 
B 2 HIS B 43 ? ASP B 50 ? HIS B 36 ASP B 43 
B 3 THR B 55 ? GLU B 61 ? THR B 48 GLU B 54 
B 4 HIS B 10 ? HIS B 15 ? HIS B 3  HIS B 8  
B 5 GLU B 81 ? GLU B 84 ? GLU B 74 GLU B 77 
# 
loop_
_pdbx_struct_sheet_hbond.sheet_id 
_pdbx_struct_sheet_hbond.range_id_1 
_pdbx_struct_sheet_hbond.range_id_2 
_pdbx_struct_sheet_hbond.range_1_label_atom_id 
_pdbx_struct_sheet_hbond.range_1_label_comp_id 
_pdbx_struct_sheet_hbond.range_1_label_asym_id 
_pdbx_struct_sheet_hbond.range_1_label_seq_id 
_pdbx_struct_sheet_hbond.range_1_PDB_ins_code 
_pdbx_struct_sheet_hbond.range_1_auth_atom_id 
_pdbx_struct_sheet_hbond.range_1_auth_comp_id 
_pdbx_struct_sheet_hbond.range_1_auth_asym_id 
_pdbx_struct_sheet_hbond.range_1_auth_seq_id 
_pdbx_struct_sheet_hbond.range_2_label_atom_id 
_pdbx_struct_sheet_hbond.range_2_label_comp_id 
_pdbx_struct_sheet_hbond.range_2_label_asym_id 
_pdbx_struct_sheet_hbond.range_2_label_seq_id 
_pdbx_struct_sheet_hbond.range_2_PDB_ins_code 
_pdbx_struct_sheet_hbond.range_2_auth_atom_id 
_pdbx_struct_sheet_hbond.range_2_auth_comp_id 
_pdbx_struct_sheet_hbond.range_2_auth_asym_id 
_pdbx_struct_sheet_hbond.range_2_auth_seq_id 
A 1 2 O HIS A 83 ? O HIS A 76 N MSE A 12 ? N MSE A 5  
A 2 3 N HIS A 15 ? N HIS A 8  O ILE A 56 ? O ILE A 49 
A 3 4 O TYR A 57 ? O TYR A 50 N TRP A 48 ? N TRP A 41 
A 4 5 N ALA A 49 ? N ALA A 42 O LEU B 87 ? O LEU B 80 
B 1 2 N LEU A 87 ? N LEU A 80 O ALA B 49 ? O ALA B 42 
B 2 3 N HIS B 43 ? N HIS B 36 O GLU B 61 ? O GLU B 54 
B 3 4 O SER B 60 ? O SER B 53 N PHE B 11 ? N PHE B 4  
B 4 5 N VAL B 14 ? N VAL B 7  O GLU B 81 ? O GLU B 74 
# 
loop_
_struct_site.id 
_struct_site.pdbx_evidence_code 
_struct_site.pdbx_auth_asym_id 
_struct_site.pdbx_auth_comp_id 
_struct_site.pdbx_auth_seq_id 
_struct_site.pdbx_auth_ins_code 
_struct_site.pdbx_num_residues 
_struct_site.details 
AC1 Software A NI  101 ? 5 'BINDING SITE FOR RESIDUE NI A 101'  
AC2 Software A NI  102 ? 5 'BINDING SITE FOR RESIDUE NI A 102'  
AC3 Software B NI  101 ? 4 'BINDING SITE FOR RESIDUE NI B 101'  
AC4 Software B NI  102 ? 6 'BINDING SITE FOR RESIDUE NI B 102'  
AC5 Software B CIT 103 ? 8 'BINDING SITE FOR RESIDUE CIT B 103' 
# 
loop_
_struct_site_gen.id 
_struct_site_gen.site_id 
_struct_site_gen.pdbx_num_res 
_struct_site_gen.label_comp_id 
_struct_site_gen.label_asym_id 
_struct_site_gen.label_seq_id 
_struct_site_gen.pdbx_auth_ins_code 
_struct_site_gen.auth_comp_id 
_struct_site_gen.auth_asym_id 
_struct_site_gen.auth_seq_id 
_struct_site_gen.label_atom_id 
_struct_site_gen.label_alt_id 
_struct_site_gen.symmetry 
_struct_site_gen.details 
1  AC1 5 GLU A 81 ? GLU A 74  . ? 1_555 ? 
2  AC1 5 HOH H .  ? HOH A 243 . ? 1_555 ? 
3  AC1 5 HOH H .  ? HOH A 244 . ? 1_555 ? 
4  AC1 5 HOH H .  ? HOH A 245 . ? 1_555 ? 
5  AC1 5 HIS B 27 ? HIS B 20  . ? 1_655 ? 
6  AC2 5 HIS A 30 ? HIS A 23  . ? 1_555 ? 
7  AC2 5 HOH H .  ? HOH A 239 . ? 1_555 ? 
8  AC2 5 HOH H .  ? HOH A 240 . ? 1_555 ? 
9  AC2 5 ALA B 89 ? ALA B 82  . ? 1_555 ? 
10 AC2 5 HOH I .  ? HOH B 241 . ? 1_555 ? 
11 AC3 4 HIS A 83 ? HIS A 76  . ? 1_555 ? 
12 AC3 4 ASP B 50 ? ASP B 43  . ? 1_555 ? 
13 AC3 4 SER B 53 ? SER B 46  . ? 1_555 ? 
14 AC3 4 CIT G .  ? CIT B 103 . ? 1_555 ? 
15 AC4 6 HIS A 19 ? HIS A 12  . ? 1_455 ? 
16 AC4 6 HIS B 10 ? HIS B 3   . ? 1_555 ? 
17 AC4 6 GLU B 45 ? GLU B 38  . ? 1_555 ? 
18 AC4 6 HOH I .  ? HOH B 227 . ? 1_555 ? 
19 AC4 6 HOH I .  ? HOH B 234 . ? 1_555 ? 
20 AC4 6 HOH I .  ? HOH B 242 . ? 1_555 ? 
21 AC5 8 HIS A 83 ? HIS A 76  . ? 1_555 ? 
22 AC5 8 GLU A 84 ? GLU A 77  . ? 1_555 ? 
23 AC5 8 HOH H .  ? HOH A 222 . ? 1_555 ? 
24 AC5 8 ASP B 50 ? ASP B 43  . ? 1_555 ? 
25 AC5 8 ALA B 52 ? ALA B 45  . ? 1_555 ? 
26 AC5 8 SER B 53 ? SER B 46  . ? 1_555 ? 
27 AC5 8 NI  E .  ? NI  B 101 . ? 1_555 ? 
28 AC5 8 HOH I .  ? HOH B 220 . ? 1_555 ? 
# 
_pdbx_entry_details.entry_id                   4OI6 
_pdbx_entry_details.compound_details           ? 
_pdbx_entry_details.source_details             ? 
_pdbx_entry_details.nonpolymer_details         ? 
_pdbx_entry_details.sequence_details           ? 
_pdbx_entry_details.has_ligand_of_interest     ? 
_pdbx_entry_details.has_protein_modification   Y 
# 
loop_
_pdbx_validate_close_contact.id 
_pdbx_validate_close_contact.PDB_model_num 
_pdbx_validate_close_contact.auth_atom_id_1 
_pdbx_validate_close_contact.auth_asym_id_1 
_pdbx_validate_close_contact.auth_comp_id_1 
_pdbx_validate_close_contact.auth_seq_id_1 
_pdbx_validate_close_contact.PDB_ins_code_1 
_pdbx_validate_close_contact.label_alt_id_1 
_pdbx_validate_close_contact.auth_atom_id_2 
_pdbx_validate_close_contact.auth_asym_id_2 
_pdbx_validate_close_contact.auth_comp_id_2 
_pdbx_validate_close_contact.auth_seq_id_2 
_pdbx_validate_close_contact.PDB_ins_code_2 
_pdbx_validate_close_contact.label_alt_id_2 
_pdbx_validate_close_contact.dist 
1 1 O   A HOH 244 ? ? O B HOH 246 ? ? 1.94 
2 1 O   A HOH 243 ? ? O B HOH 247 ? ? 2.01 
3 1 NE2 A HIS 70  ? B O A HOH 202 ? ? 2.17 
# 
loop_
_pdbx_validate_torsion.id 
_pdbx_validate_torsion.PDB_model_num 
_pdbx_validate_torsion.auth_comp_id 
_pdbx_validate_torsion.auth_asym_id 
_pdbx_validate_torsion.auth_seq_id 
_pdbx_validate_torsion.PDB_ins_code 
_pdbx_validate_torsion.label_alt_id 
_pdbx_validate_torsion.phi 
_pdbx_validate_torsion.psi 
1 1 MSE A 11 ? ? -84.96  42.01 
2 1 HIS A 70 ? ? -153.41 88.10 
3 1 VAL A 78 ? ? -117.50 78.18 
4 1 HIS B 70 ? ? -152.33 69.38 
# 
loop_
_pdbx_struct_mod_residue.id 
_pdbx_struct_mod_residue.label_asym_id 
_pdbx_struct_mod_residue.label_comp_id 
_pdbx_struct_mod_residue.label_seq_id 
_pdbx_struct_mod_residue.auth_asym_id 
_pdbx_struct_mod_residue.auth_comp_id 
_pdbx_struct_mod_residue.auth_seq_id 
_pdbx_struct_mod_residue.PDB_ins_code 
_pdbx_struct_mod_residue.parent_comp_id 
_pdbx_struct_mod_residue.details 
1 A MSE 12 A MSE 5  ? MET SELENOMETHIONINE 
2 A MSE 18 A MSE 11 ? MET SELENOMETHIONINE 
3 B MSE 12 B MSE 5  ? MET SELENOMETHIONINE 
4 B MSE 18 B MSE 11 ? MET SELENOMETHIONINE 
# 
loop_
_pdbx_unobs_or_zero_occ_residues.id 
_pdbx_unobs_or_zero_occ_residues.PDB_model_num 
_pdbx_unobs_or_zero_occ_residues.polymer_flag 
_pdbx_unobs_or_zero_occ_residues.occupancy_flag 
_pdbx_unobs_or_zero_occ_residues.auth_asym_id 
_pdbx_unobs_or_zero_occ_residues.auth_comp_id 
_pdbx_unobs_or_zero_occ_residues.auth_seq_id 
_pdbx_unobs_or_zero_occ_residues.PDB_ins_code 
_pdbx_unobs_or_zero_occ_residues.label_asym_id 
_pdbx_unobs_or_zero_occ_residues.label_comp_id 
_pdbx_unobs_or_zero_occ_residues.label_seq_id 
1  1 Y 1 A MSE -6 ? A MSE 1 
2  1 Y 1 A HIS -5 ? A HIS 2 
3  1 Y 1 A HIS -4 ? A HIS 3 
4  1 Y 1 A HIS -3 ? A HIS 4 
5  1 Y 1 A HIS -2 ? A HIS 5 
6  1 Y 1 A HIS -1 ? A HIS 6 
7  1 Y 1 A HIS 0  ? A HIS 7 
8  1 Y 1 A MSE 1  ? A MSE 8 
9  1 Y 1 B MSE -6 ? B MSE 1 
10 1 Y 1 B HIS -5 ? B HIS 2 
11 1 Y 1 B HIS -4 ? B HIS 3 
12 1 Y 1 B HIS -3 ? B HIS 4 
13 1 Y 1 B HIS -2 ? B HIS 5 
14 1 Y 1 B HIS -1 ? B HIS 6 
15 1 Y 1 B HIS 0  ? B HIS 7 
16 1 Y 1 B MSE 1  ? B MSE 8 
# 
loop_
_chem_comp_atom.comp_id 
_chem_comp_atom.atom_id 
_chem_comp_atom.type_symbol 
_chem_comp_atom.pdbx_aromatic_flag 
_chem_comp_atom.pdbx_stereo_config 
_chem_comp_atom.pdbx_ordinal 
ALA N    N  N N 1   
ALA CA   C  N S 2   
ALA C    C  N N 3   
ALA O    O  N N 4   
ALA CB   C  N N 5   
ALA OXT  O  N N 6   
ALA H    H  N N 7   
ALA H2   H  N N 8   
ALA HA   H  N N 9   
ALA HB1  H  N N 10  
ALA HB2  H  N N 11  
ALA HB3  H  N N 12  
ALA HXT  H  N N 13  
ARG N    N  N N 14  
ARG CA   C  N S 15  
ARG C    C  N N 16  
ARG O    O  N N 17  
ARG CB   C  N N 18  
ARG CG   C  N N 19  
ARG CD   C  N N 20  
ARG NE   N  N N 21  
ARG CZ   C  N N 22  
ARG NH1  N  N N 23  
ARG NH2  N  N N 24  
ARG OXT  O  N N 25  
ARG H    H  N N 26  
ARG H2   H  N N 27  
ARG HA   H  N N 28  
ARG HB2  H  N N 29  
ARG HB3  H  N N 30  
ARG HG2  H  N N 31  
ARG HG3  H  N N 32  
ARG HD2  H  N N 33  
ARG HD3  H  N N 34  
ARG HE   H  N N 35  
ARG HH11 H  N N 36  
ARG HH12 H  N N 37  
ARG HH21 H  N N 38  
ARG HH22 H  N N 39  
ARG HXT  H  N N 40  
ASN N    N  N N 41  
ASN CA   C  N S 42  
ASN C    C  N N 43  
ASN O    O  N N 44  
ASN CB   C  N N 45  
ASN CG   C  N N 46  
ASN OD1  O  N N 47  
ASN ND2  N  N N 48  
ASN OXT  O  N N 49  
ASN H    H  N N 50  
ASN H2   H  N N 51  
ASN HA   H  N N 52  
ASN HB2  H  N N 53  
ASN HB3  H  N N 54  
ASN HD21 H  N N 55  
ASN HD22 H  N N 56  
ASN HXT  H  N N 57  
ASP N    N  N N 58  
ASP CA   C  N S 59  
ASP C    C  N N 60  
ASP O    O  N N 61  
ASP CB   C  N N 62  
ASP CG   C  N N 63  
ASP OD1  O  N N 64  
ASP OD2  O  N N 65  
ASP OXT  O  N N 66  
ASP H    H  N N 67  
ASP H2   H  N N 68  
ASP HA   H  N N 69  
ASP HB2  H  N N 70  
ASP HB3  H  N N 71  
ASP HD2  H  N N 72  
ASP HXT  H  N N 73  
CIT C1   C  N N 74  
CIT O1   O  N N 75  
CIT O2   O  N N 76  
CIT C2   C  N N 77  
CIT C3   C  N N 78  
CIT O7   O  N N 79  
CIT C4   C  N N 80  
CIT C5   C  N N 81  
CIT O3   O  N N 82  
CIT O4   O  N N 83  
CIT C6   C  N N 84  
CIT O5   O  N N 85  
CIT O6   O  N N 86  
CIT HO2  H  N N 87  
CIT H21  H  N N 88  
CIT H22  H  N N 89  
CIT HO7  H  N N 90  
CIT H41  H  N N 91  
CIT H42  H  N N 92  
CIT HO4  H  N N 93  
CIT HO6  H  N N 94  
CYS N    N  N N 95  
CYS CA   C  N R 96  
CYS C    C  N N 97  
CYS O    O  N N 98  
CYS CB   C  N N 99  
CYS SG   S  N N 100 
CYS OXT  O  N N 101 
CYS H    H  N N 102 
CYS H2   H  N N 103 
CYS HA   H  N N 104 
CYS HB2  H  N N 105 
CYS HB3  H  N N 106 
CYS HG   H  N N 107 
CYS HXT  H  N N 108 
GLN N    N  N N 109 
GLN CA   C  N S 110 
GLN C    C  N N 111 
GLN O    O  N N 112 
GLN CB   C  N N 113 
GLN CG   C  N N 114 
GLN CD   C  N N 115 
GLN OE1  O  N N 116 
GLN NE2  N  N N 117 
GLN OXT  O  N N 118 
GLN H    H  N N 119 
GLN H2   H  N N 120 
GLN HA   H  N N 121 
GLN HB2  H  N N 122 
GLN HB3  H  N N 123 
GLN HG2  H  N N 124 
GLN HG3  H  N N 125 
GLN HE21 H  N N 126 
GLN HE22 H  N N 127 
GLN HXT  H  N N 128 
GLU N    N  N N 129 
GLU CA   C  N S 130 
GLU C    C  N N 131 
GLU O    O  N N 132 
GLU CB   C  N N 133 
GLU CG   C  N N 134 
GLU CD   C  N N 135 
GLU OE1  O  N N 136 
GLU OE2  O  N N 137 
GLU OXT  O  N N 138 
GLU H    H  N N 139 
GLU H2   H  N N 140 
GLU HA   H  N N 141 
GLU HB2  H  N N 142 
GLU HB3  H  N N 143 
GLU HG2  H  N N 144 
GLU HG3  H  N N 145 
GLU HE2  H  N N 146 
GLU HXT  H  N N 147 
GLY N    N  N N 148 
GLY CA   C  N N 149 
GLY C    C  N N 150 
GLY O    O  N N 151 
GLY OXT  O  N N 152 
GLY H    H  N N 153 
GLY H2   H  N N 154 
GLY HA2  H  N N 155 
GLY HA3  H  N N 156 
GLY HXT  H  N N 157 
HIS N    N  N N 158 
HIS CA   C  N S 159 
HIS C    C  N N 160 
HIS O    O  N N 161 
HIS CB   C  N N 162 
HIS CG   C  Y N 163 
HIS ND1  N  Y N 164 
HIS CD2  C  Y N 165 
HIS CE1  C  Y N 166 
HIS NE2  N  Y N 167 
HIS OXT  O  N N 168 
HIS H    H  N N 169 
HIS H2   H  N N 170 
HIS HA   H  N N 171 
HIS HB2  H  N N 172 
HIS HB3  H  N N 173 
HIS HD1  H  N N 174 
HIS HD2  H  N N 175 
HIS HE1  H  N N 176 
HIS HE2  H  N N 177 
HIS HXT  H  N N 178 
HOH O    O  N N 179 
HOH H1   H  N N 180 
HOH H2   H  N N 181 
ILE N    N  N N 182 
ILE CA   C  N S 183 
ILE C    C  N N 184 
ILE O    O  N N 185 
ILE CB   C  N S 186 
ILE CG1  C  N N 187 
ILE CG2  C  N N 188 
ILE CD1  C  N N 189 
ILE OXT  O  N N 190 
ILE H    H  N N 191 
ILE H2   H  N N 192 
ILE HA   H  N N 193 
ILE HB   H  N N 194 
ILE HG12 H  N N 195 
ILE HG13 H  N N 196 
ILE HG21 H  N N 197 
ILE HG22 H  N N 198 
ILE HG23 H  N N 199 
ILE HD11 H  N N 200 
ILE HD12 H  N N 201 
ILE HD13 H  N N 202 
ILE HXT  H  N N 203 
LEU N    N  N N 204 
LEU CA   C  N S 205 
LEU C    C  N N 206 
LEU O    O  N N 207 
LEU CB   C  N N 208 
LEU CG   C  N N 209 
LEU CD1  C  N N 210 
LEU CD2  C  N N 211 
LEU OXT  O  N N 212 
LEU H    H  N N 213 
LEU H2   H  N N 214 
LEU HA   H  N N 215 
LEU HB2  H  N N 216 
LEU HB3  H  N N 217 
LEU HG   H  N N 218 
LEU HD11 H  N N 219 
LEU HD12 H  N N 220 
LEU HD13 H  N N 221 
LEU HD21 H  N N 222 
LEU HD22 H  N N 223 
LEU HD23 H  N N 224 
LEU HXT  H  N N 225 
LYS N    N  N N 226 
LYS CA   C  N S 227 
LYS C    C  N N 228 
LYS O    O  N N 229 
LYS CB   C  N N 230 
LYS CG   C  N N 231 
LYS CD   C  N N 232 
LYS CE   C  N N 233 
LYS NZ   N  N N 234 
LYS OXT  O  N N 235 
LYS H    H  N N 236 
LYS H2   H  N N 237 
LYS HA   H  N N 238 
LYS HB2  H  N N 239 
LYS HB3  H  N N 240 
LYS HG2  H  N N 241 
LYS HG3  H  N N 242 
LYS HD2  H  N N 243 
LYS HD3  H  N N 244 
LYS HE2  H  N N 245 
LYS HE3  H  N N 246 
LYS HZ1  H  N N 247 
LYS HZ2  H  N N 248 
LYS HZ3  H  N N 249 
LYS HXT  H  N N 250 
MSE N    N  N N 251 
MSE CA   C  N S 252 
MSE C    C  N N 253 
MSE O    O  N N 254 
MSE OXT  O  N N 255 
MSE CB   C  N N 256 
MSE CG   C  N N 257 
MSE SE   SE N N 258 
MSE CE   C  N N 259 
MSE H    H  N N 260 
MSE H2   H  N N 261 
MSE HA   H  N N 262 
MSE HXT  H  N N 263 
MSE HB2  H  N N 264 
MSE HB3  H  N N 265 
MSE HG2  H  N N 266 
MSE HG3  H  N N 267 
MSE HE1  H  N N 268 
MSE HE2  H  N N 269 
MSE HE3  H  N N 270 
NI  NI   NI N N 271 
PHE N    N  N N 272 
PHE CA   C  N S 273 
PHE C    C  N N 274 
PHE O    O  N N 275 
PHE CB   C  N N 276 
PHE CG   C  Y N 277 
PHE CD1  C  Y N 278 
PHE CD2  C  Y N 279 
PHE CE1  C  Y N 280 
PHE CE2  C  Y N 281 
PHE CZ   C  Y N 282 
PHE OXT  O  N N 283 
PHE H    H  N N 284 
PHE H2   H  N N 285 
PHE HA   H  N N 286 
PHE HB2  H  N N 287 
PHE HB3  H  N N 288 
PHE HD1  H  N N 289 
PHE HD2  H  N N 290 
PHE HE1  H  N N 291 
PHE HE2  H  N N 292 
PHE HZ   H  N N 293 
PHE HXT  H  N N 294 
PRO N    N  N N 295 
PRO CA   C  N S 296 
PRO C    C  N N 297 
PRO O    O  N N 298 
PRO CB   C  N N 299 
PRO CG   C  N N 300 
PRO CD   C  N N 301 
PRO OXT  O  N N 302 
PRO H    H  N N 303 
PRO HA   H  N N 304 
PRO HB2  H  N N 305 
PRO HB3  H  N N 306 
PRO HG2  H  N N 307 
PRO HG3  H  N N 308 
PRO HD2  H  N N 309 
PRO HD3  H  N N 310 
PRO HXT  H  N N 311 
SER N    N  N N 312 
SER CA   C  N S 313 
SER C    C  N N 314 
SER O    O  N N 315 
SER CB   C  N N 316 
SER OG   O  N N 317 
SER OXT  O  N N 318 
SER H    H  N N 319 
SER H2   H  N N 320 
SER HA   H  N N 321 
SER HB2  H  N N 322 
SER HB3  H  N N 323 
SER HG   H  N N 324 
SER HXT  H  N N 325 
THR N    N  N N 326 
THR CA   C  N S 327 
THR C    C  N N 328 
THR O    O  N N 329 
THR CB   C  N R 330 
THR OG1  O  N N 331 
THR CG2  C  N N 332 
THR OXT  O  N N 333 
THR H    H  N N 334 
THR H2   H  N N 335 
THR HA   H  N N 336 
THR HB   H  N N 337 
THR HG1  H  N N 338 
THR HG21 H  N N 339 
THR HG22 H  N N 340 
THR HG23 H  N N 341 
THR HXT  H  N N 342 
TRP N    N  N N 343 
TRP CA   C  N S 344 
TRP C    C  N N 345 
TRP O    O  N N 346 
TRP CB   C  N N 347 
TRP CG   C  Y N 348 
TRP CD1  C  Y N 349 
TRP CD2  C  Y N 350 
TRP NE1  N  Y N 351 
TRP CE2  C  Y N 352 
TRP CE3  C  Y N 353 
TRP CZ2  C  Y N 354 
TRP CZ3  C  Y N 355 
TRP CH2  C  Y N 356 
TRP OXT  O  N N 357 
TRP H    H  N N 358 
TRP H2   H  N N 359 
TRP HA   H  N N 360 
TRP HB2  H  N N 361 
TRP HB3  H  N N 362 
TRP HD1  H  N N 363 
TRP HE1  H  N N 364 
TRP HE3  H  N N 365 
TRP HZ2  H  N N 366 
TRP HZ3  H  N N 367 
TRP HH2  H  N N 368 
TRP HXT  H  N N 369 
TYR N    N  N N 370 
TYR CA   C  N S 371 
TYR C    C  N N 372 
TYR O    O  N N 373 
TYR CB   C  N N 374 
TYR CG   C  Y N 375 
TYR CD1  C  Y N 376 
TYR CD2  C  Y N 377 
TYR CE1  C  Y N 378 
TYR CE2  C  Y N 379 
TYR CZ   C  Y N 380 
TYR OH   O  N N 381 
TYR OXT  O  N N 382 
TYR H    H  N N 383 
TYR H2   H  N N 384 
TYR HA   H  N N 385 
TYR HB2  H  N N 386 
TYR HB3  H  N N 387 
TYR HD1  H  N N 388 
TYR HD2  H  N N 389 
TYR HE1  H  N N 390 
TYR HE2  H  N N 391 
TYR HH   H  N N 392 
TYR HXT  H  N N 393 
VAL N    N  N N 394 
VAL CA   C  N S 395 
VAL C    C  N N 396 
VAL O    O  N N 397 
VAL CB   C  N N 398 
VAL CG1  C  N N 399 
VAL CG2  C  N N 400 
VAL OXT  O  N N 401 
VAL H    H  N N 402 
VAL H2   H  N N 403 
VAL HA   H  N N 404 
VAL HB   H  N N 405 
VAL HG11 H  N N 406 
VAL HG12 H  N N 407 
VAL HG13 H  N N 408 
VAL HG21 H  N N 409 
VAL HG22 H  N N 410 
VAL HG23 H  N N 411 
VAL HXT  H  N N 412 
# 
loop_
_chem_comp_bond.comp_id 
_chem_comp_bond.atom_id_1 
_chem_comp_bond.atom_id_2 
_chem_comp_bond.value_order 
_chem_comp_bond.pdbx_aromatic_flag 
_chem_comp_bond.pdbx_stereo_config 
_chem_comp_bond.pdbx_ordinal 
ALA N   CA   sing N N 1   
ALA N   H    sing N N 2   
ALA N   H2   sing N N 3   
ALA CA  C    sing N N 4   
ALA CA  CB   sing N N 5   
ALA CA  HA   sing N N 6   
ALA C   O    doub N N 7   
ALA C   OXT  sing N N 8   
ALA CB  HB1  sing N N 9   
ALA CB  HB2  sing N N 10  
ALA CB  HB3  sing N N 11  
ALA OXT HXT  sing N N 12  
ARG N   CA   sing N N 13  
ARG N   H    sing N N 14  
ARG N   H2   sing N N 15  
ARG CA  C    sing N N 16  
ARG CA  CB   sing N N 17  
ARG CA  HA   sing N N 18  
ARG C   O    doub N N 19  
ARG C   OXT  sing N N 20  
ARG CB  CG   sing N N 21  
ARG CB  HB2  sing N N 22  
ARG CB  HB3  sing N N 23  
ARG CG  CD   sing N N 24  
ARG CG  HG2  sing N N 25  
ARG CG  HG3  sing N N 26  
ARG CD  NE   sing N N 27  
ARG CD  HD2  sing N N 28  
ARG CD  HD3  sing N N 29  
ARG NE  CZ   sing N N 30  
ARG NE  HE   sing N N 31  
ARG CZ  NH1  sing N N 32  
ARG CZ  NH2  doub N N 33  
ARG NH1 HH11 sing N N 34  
ARG NH1 HH12 sing N N 35  
ARG NH2 HH21 sing N N 36  
ARG NH2 HH22 sing N N 37  
ARG OXT HXT  sing N N 38  
ASN N   CA   sing N N 39  
ASN N   H    sing N N 40  
ASN N   H2   sing N N 41  
ASN CA  C    sing N N 42  
ASN CA  CB   sing N N 43  
ASN CA  HA   sing N N 44  
ASN C   O    doub N N 45  
ASN C   OXT  sing N N 46  
ASN CB  CG   sing N N 47  
ASN CB  HB2  sing N N 48  
ASN CB  HB3  sing N N 49  
ASN CG  OD1  doub N N 50  
ASN CG  ND2  sing N N 51  
ASN ND2 HD21 sing N N 52  
ASN ND2 HD22 sing N N 53  
ASN OXT HXT  sing N N 54  
ASP N   CA   sing N N 55  
ASP N   H    sing N N 56  
ASP N   H2   sing N N 57  
ASP CA  C    sing N N 58  
ASP CA  CB   sing N N 59  
ASP CA  HA   sing N N 60  
ASP C   O    doub N N 61  
ASP C   OXT  sing N N 62  
ASP CB  CG   sing N N 63  
ASP CB  HB2  sing N N 64  
ASP CB  HB3  sing N N 65  
ASP CG  OD1  doub N N 66  
ASP CG  OD2  sing N N 67  
ASP OD2 HD2  sing N N 68  
ASP OXT HXT  sing N N 69  
CIT C1  O1   doub N N 70  
CIT C1  O2   sing N N 71  
CIT C1  C2   sing N N 72  
CIT O2  HO2  sing N N 73  
CIT C2  C3   sing N N 74  
CIT C2  H21  sing N N 75  
CIT C2  H22  sing N N 76  
CIT C3  O7   sing N N 77  
CIT C3  C4   sing N N 78  
CIT C3  C6   sing N N 79  
CIT O7  HO7  sing N N 80  
CIT C4  C5   sing N N 81  
CIT C4  H41  sing N N 82  
CIT C4  H42  sing N N 83  
CIT C5  O3   doub N N 84  
CIT C5  O4   sing N N 85  
CIT O4  HO4  sing N N 86  
CIT C6  O5   doub N N 87  
CIT C6  O6   sing N N 88  
CIT O6  HO6  sing N N 89  
CYS N   CA   sing N N 90  
CYS N   H    sing N N 91  
CYS N   H2   sing N N 92  
CYS CA  C    sing N N 93  
CYS CA  CB   sing N N 94  
CYS CA  HA   sing N N 95  
CYS C   O    doub N N 96  
CYS C   OXT  sing N N 97  
CYS CB  SG   sing N N 98  
CYS CB  HB2  sing N N 99  
CYS CB  HB3  sing N N 100 
CYS SG  HG   sing N N 101 
CYS OXT HXT  sing N N 102 
GLN N   CA   sing N N 103 
GLN N   H    sing N N 104 
GLN N   H2   sing N N 105 
GLN CA  C    sing N N 106 
GLN CA  CB   sing N N 107 
GLN CA  HA   sing N N 108 
GLN C   O    doub N N 109 
GLN C   OXT  sing N N 110 
GLN CB  CG   sing N N 111 
GLN CB  HB2  sing N N 112 
GLN CB  HB3  sing N N 113 
GLN CG  CD   sing N N 114 
GLN CG  HG2  sing N N 115 
GLN CG  HG3  sing N N 116 
GLN CD  OE1  doub N N 117 
GLN CD  NE2  sing N N 118 
GLN NE2 HE21 sing N N 119 
GLN NE2 HE22 sing N N 120 
GLN OXT HXT  sing N N 121 
GLU N   CA   sing N N 122 
GLU N   H    sing N N 123 
GLU N   H2   sing N N 124 
GLU CA  C    sing N N 125 
GLU CA  CB   sing N N 126 
GLU CA  HA   sing N N 127 
GLU C   O    doub N N 128 
GLU C   OXT  sing N N 129 
GLU CB  CG   sing N N 130 
GLU CB  HB2  sing N N 131 
GLU CB  HB3  sing N N 132 
GLU CG  CD   sing N N 133 
GLU CG  HG2  sing N N 134 
GLU CG  HG3  sing N N 135 
GLU CD  OE1  doub N N 136 
GLU CD  OE2  sing N N 137 
GLU OE2 HE2  sing N N 138 
GLU OXT HXT  sing N N 139 
GLY N   CA   sing N N 140 
GLY N   H    sing N N 141 
GLY N   H2   sing N N 142 
GLY CA  C    sing N N 143 
GLY CA  HA2  sing N N 144 
GLY CA  HA3  sing N N 145 
GLY C   O    doub N N 146 
GLY C   OXT  sing N N 147 
GLY OXT HXT  sing N N 148 
HIS N   CA   sing N N 149 
HIS N   H    sing N N 150 
HIS N   H2   sing N N 151 
HIS CA  C    sing N N 152 
HIS CA  CB   sing N N 153 
HIS CA  HA   sing N N 154 
HIS C   O    doub N N 155 
HIS C   OXT  sing N N 156 
HIS CB  CG   sing N N 157 
HIS CB  HB2  sing N N 158 
HIS CB  HB3  sing N N 159 
HIS CG  ND1  sing Y N 160 
HIS CG  CD2  doub Y N 161 
HIS ND1 CE1  doub Y N 162 
HIS ND1 HD1  sing N N 163 
HIS CD2 NE2  sing Y N 164 
HIS CD2 HD2  sing N N 165 
HIS CE1 NE2  sing Y N 166 
HIS CE1 HE1  sing N N 167 
HIS NE2 HE2  sing N N 168 
HIS OXT HXT  sing N N 169 
HOH O   H1   sing N N 170 
HOH O   H2   sing N N 171 
ILE N   CA   sing N N 172 
ILE N   H    sing N N 173 
ILE N   H2   sing N N 174 
ILE CA  C    sing N N 175 
ILE CA  CB   sing N N 176 
ILE CA  HA   sing N N 177 
ILE C   O    doub N N 178 
ILE C   OXT  sing N N 179 
ILE CB  CG1  sing N N 180 
ILE CB  CG2  sing N N 181 
ILE CB  HB   sing N N 182 
ILE CG1 CD1  sing N N 183 
ILE CG1 HG12 sing N N 184 
ILE CG1 HG13 sing N N 185 
ILE CG2 HG21 sing N N 186 
ILE CG2 HG22 sing N N 187 
ILE CG2 HG23 sing N N 188 
ILE CD1 HD11 sing N N 189 
ILE CD1 HD12 sing N N 190 
ILE CD1 HD13 sing N N 191 
ILE OXT HXT  sing N N 192 
LEU N   CA   sing N N 193 
LEU N   H    sing N N 194 
LEU N   H2   sing N N 195 
LEU CA  C    sing N N 196 
LEU CA  CB   sing N N 197 
LEU CA  HA   sing N N 198 
LEU C   O    doub N N 199 
LEU C   OXT  sing N N 200 
LEU CB  CG   sing N N 201 
LEU CB  HB2  sing N N 202 
LEU CB  HB3  sing N N 203 
LEU CG  CD1  sing N N 204 
LEU CG  CD2  sing N N 205 
LEU CG  HG   sing N N 206 
LEU CD1 HD11 sing N N 207 
LEU CD1 HD12 sing N N 208 
LEU CD1 HD13 sing N N 209 
LEU CD2 HD21 sing N N 210 
LEU CD2 HD22 sing N N 211 
LEU CD2 HD23 sing N N 212 
LEU OXT HXT  sing N N 213 
LYS N   CA   sing N N 214 
LYS N   H    sing N N 215 
LYS N   H2   sing N N 216 
LYS CA  C    sing N N 217 
LYS CA  CB   sing N N 218 
LYS CA  HA   sing N N 219 
LYS C   O    doub N N 220 
LYS C   OXT  sing N N 221 
LYS CB  CG   sing N N 222 
LYS CB  HB2  sing N N 223 
LYS CB  HB3  sing N N 224 
LYS CG  CD   sing N N 225 
LYS CG  HG2  sing N N 226 
LYS CG  HG3  sing N N 227 
LYS CD  CE   sing N N 228 
LYS CD  HD2  sing N N 229 
LYS CD  HD3  sing N N 230 
LYS CE  NZ   sing N N 231 
LYS CE  HE2  sing N N 232 
LYS CE  HE3  sing N N 233 
LYS NZ  HZ1  sing N N 234 
LYS NZ  HZ2  sing N N 235 
LYS NZ  HZ3  sing N N 236 
LYS OXT HXT  sing N N 237 
MSE N   CA   sing N N 238 
MSE N   H    sing N N 239 
MSE N   H2   sing N N 240 
MSE CA  C    sing N N 241 
MSE CA  CB   sing N N 242 
MSE CA  HA   sing N N 243 
MSE C   O    doub N N 244 
MSE C   OXT  sing N N 245 
MSE OXT HXT  sing N N 246 
MSE CB  CG   sing N N 247 
MSE CB  HB2  sing N N 248 
MSE CB  HB3  sing N N 249 
MSE CG  SE   sing N N 250 
MSE CG  HG2  sing N N 251 
MSE CG  HG3  sing N N 252 
MSE SE  CE   sing N N 253 
MSE CE  HE1  sing N N 254 
MSE CE  HE2  sing N N 255 
MSE CE  HE3  sing N N 256 
PHE N   CA   sing N N 257 
PHE N   H    sing N N 258 
PHE N   H2   sing N N 259 
PHE CA  C    sing N N 260 
PHE CA  CB   sing N N 261 
PHE CA  HA   sing N N 262 
PHE C   O    doub N N 263 
PHE C   OXT  sing N N 264 
PHE CB  CG   sing N N 265 
PHE CB  HB2  sing N N 266 
PHE CB  HB3  sing N N 267 
PHE CG  CD1  doub Y N 268 
PHE CG  CD2  sing Y N 269 
PHE CD1 CE1  sing Y N 270 
PHE CD1 HD1  sing N N 271 
PHE CD2 CE2  doub Y N 272 
PHE CD2 HD2  sing N N 273 
PHE CE1 CZ   doub Y N 274 
PHE CE1 HE1  sing N N 275 
PHE CE2 CZ   sing Y N 276 
PHE CE2 HE2  sing N N 277 
PHE CZ  HZ   sing N N 278 
PHE OXT HXT  sing N N 279 
PRO N   CA   sing N N 280 
PRO N   CD   sing N N 281 
PRO N   H    sing N N 282 
PRO CA  C    sing N N 283 
PRO CA  CB   sing N N 284 
PRO CA  HA   sing N N 285 
PRO C   O    doub N N 286 
PRO C   OXT  sing N N 287 
PRO CB  CG   sing N N 288 
PRO CB  HB2  sing N N 289 
PRO CB  HB3  sing N N 290 
PRO CG  CD   sing N N 291 
PRO CG  HG2  sing N N 292 
PRO CG  HG3  sing N N 293 
PRO CD  HD2  sing N N 294 
PRO CD  HD3  sing N N 295 
PRO OXT HXT  sing N N 296 
SER N   CA   sing N N 297 
SER N   H    sing N N 298 
SER N   H2   sing N N 299 
SER CA  C    sing N N 300 
SER CA  CB   sing N N 301 
SER CA  HA   sing N N 302 
SER C   O    doub N N 303 
SER C   OXT  sing N N 304 
SER CB  OG   sing N N 305 
SER CB  HB2  sing N N 306 
SER CB  HB3  sing N N 307 
SER OG  HG   sing N N 308 
SER OXT HXT  sing N N 309 
THR N   CA   sing N N 310 
THR N   H    sing N N 311 
THR N   H2   sing N N 312 
THR CA  C    sing N N 313 
THR CA  CB   sing N N 314 
THR CA  HA   sing N N 315 
THR C   O    doub N N 316 
THR C   OXT  sing N N 317 
THR CB  OG1  sing N N 318 
THR CB  CG2  sing N N 319 
THR CB  HB   sing N N 320 
THR OG1 HG1  sing N N 321 
THR CG2 HG21 sing N N 322 
THR CG2 HG22 sing N N 323 
THR CG2 HG23 sing N N 324 
THR OXT HXT  sing N N 325 
TRP N   CA   sing N N 326 
TRP N   H    sing N N 327 
TRP N   H2   sing N N 328 
TRP CA  C    sing N N 329 
TRP CA  CB   sing N N 330 
TRP CA  HA   sing N N 331 
TRP C   O    doub N N 332 
TRP C   OXT  sing N N 333 
TRP CB  CG   sing N N 334 
TRP CB  HB2  sing N N 335 
TRP CB  HB3  sing N N 336 
TRP CG  CD1  doub Y N 337 
TRP CG  CD2  sing Y N 338 
TRP CD1 NE1  sing Y N 339 
TRP CD1 HD1  sing N N 340 
TRP CD2 CE2  doub Y N 341 
TRP CD2 CE3  sing Y N 342 
TRP NE1 CE2  sing Y N 343 
TRP NE1 HE1  sing N N 344 
TRP CE2 CZ2  sing Y N 345 
TRP CE3 CZ3  doub Y N 346 
TRP CE3 HE3  sing N N 347 
TRP CZ2 CH2  doub Y N 348 
TRP CZ2 HZ2  sing N N 349 
TRP CZ3 CH2  sing Y N 350 
TRP CZ3 HZ3  sing N N 351 
TRP CH2 HH2  sing N N 352 
TRP OXT HXT  sing N N 353 
TYR N   CA   sing N N 354 
TYR N   H    sing N N 355 
TYR N   H2   sing N N 356 
TYR CA  C    sing N N 357 
TYR CA  CB   sing N N 358 
TYR CA  HA   sing N N 359 
TYR C   O    doub N N 360 
TYR C   OXT  sing N N 361 
TYR CB  CG   sing N N 362 
TYR CB  HB2  sing N N 363 
TYR CB  HB3  sing N N 364 
TYR CG  CD1  doub Y N 365 
TYR CG  CD2  sing Y N 366 
TYR CD1 CE1  sing Y N 367 
TYR CD1 HD1  sing N N 368 
TYR CD2 CE2  doub Y N 369 
TYR CD2 HD2  sing N N 370 
TYR CE1 CZ   doub Y N 371 
TYR CE1 HE1  sing N N 372 
TYR CE2 CZ   sing Y N 373 
TYR CE2 HE2  sing N N 374 
TYR CZ  OH   sing N N 375 
TYR OH  HH   sing N N 376 
TYR OXT HXT  sing N N 377 
VAL N   CA   sing N N 378 
VAL N   H    sing N N 379 
VAL N   H2   sing N N 380 
VAL CA  C    sing N N 381 
VAL CA  CB   sing N N 382 
VAL CA  HA   sing N N 383 
VAL C   O    doub N N 384 
VAL C   OXT  sing N N 385 
VAL CB  CG1  sing N N 386 
VAL CB  CG2  sing N N 387 
VAL CB  HB   sing N N 388 
VAL CG1 HG11 sing N N 389 
VAL CG1 HG12 sing N N 390 
VAL CG1 HG13 sing N N 391 
VAL CG2 HG21 sing N N 392 
VAL CG2 HG22 sing N N 393 
VAL CG2 HG23 sing N N 394 
VAL OXT HXT  sing N N 395 
# 
_atom_sites.entry_id                    4OI6 
_atom_sites.fract_transf_matrix[1][1]   0.03485182 
_atom_sites.fract_transf_matrix[1][2]   -0.00174418 
_atom_sites.fract_transf_matrix[1][3]   -0.00614158 
_atom_sites.fract_transf_matrix[2][1]   0.00158878 
_atom_sites.fract_transf_matrix[2][2]   -0.00917761 
_atom_sites.fract_transf_matrix[2][3]   0.01162232 
_atom_sites.fract_transf_matrix[3][1]   -0.00169576 
_atom_sites.fract_transf_matrix[3][2]   -0.02252320 
_atom_sites.fract_transf_matrix[3][3]   -0.01755372 
_atom_sites.fract_transf_vector[1]      0.208588 
_atom_sites.fract_transf_vector[2]      -0.077300 
_atom_sites.fract_transf_vector[3]      0.270797 
# 
loop_
_atom_type.symbol 
C  
N  
NI 
O  
S  
SE 
# 
loop_
_atom_site.group_PDB 
_atom_site.id 
_atom_site.type_symbol 
_atom_site.label_atom_id 
_atom_site.label_alt_id 
_atom_site.label_comp_id 
_atom_site.label_asym_id 
_atom_site.label_entity_id 
_atom_site.label_seq_id 
_atom_site.pdbx_PDB_ins_code 
_atom_site.Cartn_x 
_atom_site.Cartn_y 
_atom_site.Cartn_z 
_atom_site.occupancy 
_atom_site.B_iso_or_equiv 
_atom_site.pdbx_formal_charge 
_atom_site.auth_seq_id 
_atom_site.auth_comp_id 
_atom_site.auth_asym_id 
_atom_site.auth_atom_id 
_atom_site.pdbx_PDB_model_num 
ATOM   1    N  N   . ALA A 1 9  ? -2.090  -12.919 9.614   1.00 9.22  ? 2   ALA A N   1 
ATOM   2    C  CA  . ALA A 1 9  ? -1.839  -11.485 9.782   1.00 9.67  ? 2   ALA A CA  1 
ATOM   3    C  C   . ALA A 1 9  ? -1.732  -10.829 8.407   1.00 11.70 ? 2   ALA A C   1 
ATOM   4    O  O   . ALA A 1 9  ? -1.633  -11.536 7.391   1.00 10.81 ? 2   ALA A O   1 
ATOM   5    C  CB  . ALA A 1 9  ? -0.566  -11.261 10.578  1.00 7.98  ? 2   ALA A CB  1 
ATOM   6    N  N   . HIS A 1 10 ? -1.732  -9.494  8.374   1.00 11.59 ? 3   HIS A N   1 
ATOM   7    C  CA  . HIS A 1 10 ? -1.584  -8.742  7.117   1.00 11.19 ? 3   HIS A CA  1 
ATOM   8    C  C   . HIS A 1 10 ? -0.331  -7.851  7.080   1.00 11.02 ? 3   HIS A C   1 
ATOM   9    O  O   . HIS A 1 10 ? 0.042   -7.238  8.091   1.00 9.68  ? 3   HIS A O   1 
ATOM   10   C  CB  . HIS A 1 10 ? -2.838  -7.912  6.831   1.00 12.21 ? 3   HIS A CB  1 
ATOM   11   C  CG  . HIS A 1 10 ? -4.004  -8.728  6.381   1.00 14.95 ? 3   HIS A CG  1 
ATOM   12   N  ND1 . HIS A 1 10 ? -4.893  -9.317  7.262   1.00 18.69 ? 3   HIS A ND1 1 
ATOM   13   C  CD2 . HIS A 1 10 ? -4.420  -9.083  5.140   1.00 18.37 ? 3   HIS A CD2 1 
ATOM   14   C  CE1 . HIS A 1 10 ? -5.805  -9.983  6.583   1.00 19.10 ? 3   HIS A CE1 1 
ATOM   15   N  NE2 . HIS A 1 10 ? -5.541  -9.861  5.292   1.00 20.15 ? 3   HIS A NE2 1 
ATOM   16   N  N   . PHE A 1 11 ? 0.312   -7.793  5.909   1.00 9.79  ? 4   PHE A N   1 
ATOM   17   C  CA  . PHE A 1 11 ? 1.554   -7.034  5.729   1.00 9.65  ? 4   PHE A CA  1 
ATOM   18   C  C   . PHE A 1 11 ? 1.568   -6.175  4.471   1.00 9.59  ? 4   PHE A C   1 
ATOM   19   O  O   . PHE A 1 11 ? 1.012   -6.553  3.436   1.00 8.60  ? 4   PHE A O   1 
ATOM   20   C  CB  . PHE A 1 11 ? 2.755   -7.987  5.694   1.00 9.46  ? 4   PHE A CB  1 
ATOM   21   C  CG  . PHE A 1 11 ? 2.887   -8.808  6.938   1.00 9.00  ? 4   PHE A CG  1 
ATOM   22   C  CD1 . PHE A 1 11 ? 2.277   -10.049 7.028   1.00 9.66  ? 4   PHE A CD1 1 
ATOM   23   C  CD2 . PHE A 1 11 ? 3.572   -8.312  8.041   1.00 9.13  ? 4   PHE A CD2 1 
ATOM   24   C  CE1 . PHE A 1 11 ? 2.370   -10.795 8.187   1.00 9.16  ? 4   PHE A CE1 1 
ATOM   25   C  CE2 . PHE A 1 11 ? 3.673   -9.059  9.209   1.00 9.00  ? 4   PHE A CE2 1 
ATOM   26   C  CZ  . PHE A 1 11 ? 3.070   -10.290 9.279   1.00 8.91  ? 4   PHE A CZ  1 
HETATM 27   N  N   . MSE A 1 12 ? 2.222   -5.023  4.572   1.00 8.66  ? 5   MSE A N   1 
HETATM 28   C  CA  . MSE A 1 12 ? 2.474   -4.178  3.419   1.00 9.29  ? 5   MSE A CA  1 
HETATM 29   C  C   . MSE A 1 12 ? 3.975   -4.055  3.296   1.00 10.11 ? 5   MSE A C   1 
HETATM 30   O  O   . MSE A 1 12 ? 4.640   -3.638  4.247   1.00 10.95 ? 5   MSE A O   1 
HETATM 31   C  CB  . MSE A 1 12 ? 1.877   -2.786  3.622   1.00 9.25  ? 5   MSE A CB  1 
HETATM 32   C  CG  . MSE A 1 12 ? 2.107   -1.859  2.422   1.00 9.14  ? 5   MSE A CG  1 
HETATM 33   SE SE  . MSE A 1 12 ? 0.841   -2.322  0.999   1.00 11.38 ? 5   MSE A SE  1 
HETATM 34   C  CE  . MSE A 1 12 ? -0.687  -1.337  1.675   1.00 12.16 ? 5   MSE A CE  1 
ATOM   35   N  N   . ASP A 1 13 ? 4.517   -4.436  2.142   1.00 9.43  ? 6   ASP A N   1 
ATOM   36   C  CA  . ASP A 1 13 ? 5.947   -4.315  1.920   1.00 10.05 ? 6   ASP A CA  1 
ATOM   37   C  C   . ASP A 1 13 ? 6.229   -3.395  0.737   1.00 10.81 ? 6   ASP A C   1 
ATOM   38   O  O   . ASP A 1 13 ? 5.365   -3.171  -0.111  1.00 9.04  ? 6   ASP A O   1 
ATOM   39   C  CB  . ASP A 1 13 ? 6.624   -5.695  1.768   1.00 11.65 ? 6   ASP A CB  1 
ATOM   40   C  CG  . ASP A 1 13 ? 6.251   -6.414  0.473   1.00 11.67 ? 6   ASP A CG  1 
ATOM   41   O  OD1 . ASP A 1 13 ? 6.393   -5.832  -0.625  1.00 13.67 ? 6   ASP A OD1 1 
ATOM   42   O  OD2 . ASP A 1 13 ? 5.825   -7.581  0.556   1.00 12.25 ? 6   ASP A OD2 1 
ATOM   43   N  N   . VAL A 1 14 ? 7.438   -2.845  0.707   1.00 11.37 ? 7   VAL A N   1 
ATOM   44   C  CA  . VAL A 1 14 ? 7.851   -1.869  -0.294  1.00 11.31 ? 7   VAL A CA  1 
ATOM   45   C  C   . VAL A 1 14 ? 9.189   -2.267  -0.897  1.00 12.97 ? 7   VAL A C   1 
ATOM   46   O  O   . VAL A 1 14 ? 10.151  -2.595  -0.148  1.00 11.60 ? 7   VAL A O   1 
ATOM   47   C  CB  . VAL A 1 14 ? 8.049   -0.486  0.321   1.00 11.31 ? 7   VAL A CB  1 
ATOM   48   C  CG1 . VAL A 1 14 ? 8.255   0.547   -0.783  1.00 13.76 ? 7   VAL A CG1 1 
ATOM   49   C  CG2 . VAL A 1 14 ? 6.868   -0.101  1.187   1.00 14.34 ? 7   VAL A CG2 1 
ATOM   50   N  N   . HIS A 1 15 ? 9.233   -2.238  -2.236  1.00 10.65 ? 8   HIS A N   1 
ATOM   51   C  CA  . HIS A 1 15 ? 10.479  -2.367  -3.000  1.00 13.87 ? 8   HIS A CA  1 
ATOM   52   C  C   . HIS A 1 15 ? 10.737  -1.039  -3.696  1.00 15.35 ? 8   HIS A C   1 
ATOM   53   O  O   . HIS A 1 15 ? 9.832   -0.489  -4.327  1.00 14.25 ? 8   HIS A O   1 
ATOM   54   C  CB  . HIS A 1 15 ? 10.365  -3.423  -4.112  1.00 15.14 ? 8   HIS A CB  1 
ATOM   55   C  CG  . HIS A 1 15 ? 10.000  -4.796  -3.637  1.00 16.49 ? 8   HIS A CG  1 
ATOM   56   N  ND1 . HIS A 1 15 ? 10.912  -5.827  -3.572  1.00 21.36 ? 8   HIS A ND1 1 
ATOM   57   C  CD2 . HIS A 1 15 ? 8.812   -5.311  -3.239  1.00 16.26 ? 8   HIS A CD2 1 
ATOM   58   C  CE1 . HIS A 1 15 ? 10.304  -6.921  -3.134  1.00 17.41 ? 8   HIS A CE1 1 
ATOM   59   N  NE2 . HIS A 1 15 ? 9.034   -6.632  -2.925  1.00 17.44 ? 8   HIS A NE2 1 
ATOM   60   N  N   . ARG A 1 16 ? 11.960  -0.525  -3.627  1.00 13.65 ? 9   ARG A N   1 
ATOM   61   C  CA  . ARG A 1 16 ? 12.248  0.718   -4.343  1.00 16.29 ? 9   ARG A CA  1 
ATOM   62   C  C   . ARG A 1 16 ? 13.256  0.488   -5.453  1.00 15.76 ? 9   ARG A C   1 
ATOM   63   O  O   . ARG A 1 16 ? 13.774  -0.618  -5.595  1.00 17.29 ? 9   ARG A O   1 
ATOM   64   C  CB  . ARG A 1 16 ? 12.716  1.806   -3.374  1.00 14.09 ? 9   ARG A CB  1 
ATOM   65   C  CG  . ARG A 1 16 ? 11.684  2.097   -2.312  1.00 15.78 ? 9   ARG A CG  1 
ATOM   66   C  CD  . ARG A 1 16 ? 12.062  3.289   -1.459  1.00 16.12 ? 9   ARG A CD  1 
ATOM   67   N  NE  . ARG A 1 16 ? 11.150  3.434   -0.326  1.00 18.16 ? 9   ARG A NE  1 
ATOM   68   C  CZ  . ARG A 1 16 ? 11.372  2.915   0.877   1.00 17.43 ? 9   ARG A CZ  1 
ATOM   69   N  NH1 . ARG A 1 16 ? 12.481  2.214   1.099   1.00 18.88 ? 9   ARG A NH1 1 
ATOM   70   N  NH2 . ARG A 1 16 ? 10.490  3.091   1.855   1.00 16.19 ? 9   ARG A NH2 1 
ATOM   71   N  N   . GLY A 1 17 ? 13.520  1.525   -6.244  1.00 15.86 ? 10  GLY A N   1 
ATOM   72   C  CA  . GLY A 1 17 ? 14.499  1.428   -7.311  1.00 15.87 ? 10  GLY A CA  1 
ATOM   73   C  C   . GLY A 1 17 ? 14.016  0.725   -8.569  1.00 16.75 ? 10  GLY A C   1 
ATOM   74   O  O   . GLY A 1 17 ? 14.806  0.494   -9.492  1.00 17.55 ? 10  GLY A O   1 
HETATM 75   N  N   . MSE A 1 18 ? 12.725  0.395   -8.619  1.00 15.34 ? 11  MSE A N   1 
HETATM 76   C  CA  . MSE A 1 18 ? 12.157  -0.268  -9.790  1.00 13.69 ? 11  MSE A CA  1 
HETATM 77   C  C   . MSE A 1 18 ? 11.750  0.746   -10.862 1.00 13.27 ? 11  MSE A C   1 
HETATM 78   O  O   . MSE A 1 18 ? 10.679  0.610   -11.472 1.00 11.03 ? 11  MSE A O   1 
HETATM 79   C  CB  . MSE A 1 18 ? 10.920  -1.098  -9.409  1.00 14.17 ? 11  MSE A CB  1 
HETATM 80   C  CG  . MSE A 1 18 ? 11.163  -2.181  -8.369  1.00 19.88 ? 11  MSE A CG  1 
HETATM 81   SE SE  . MSE A 1 18 ? 12.791  -3.161  -8.735  1.00 35.71 ? 11  MSE A SE  1 
HETATM 82   C  CE  . MSE A 1 18 ? 12.252  -4.004  -10.415 1.00 25.24 ? 11  MSE A CE  1 
ATOM   83   N  N   . HIS A 1 19 ? 12.581  1.758   -11.101 1.00 12.43 ? 12  HIS A N   1 
ATOM   84   C  CA  . HIS A 1 19 ? 12.198  2.806   -12.056 1.00 14.11 ? 12  HIS A CA  1 
ATOM   85   C  C   . HIS A 1 19 ? 11.938  2.220   -13.448 1.00 11.85 ? 12  HIS A C   1 
ATOM   86   O  O   . HIS A 1 19 ? 12.650  1.327   -13.888 1.00 11.09 ? 12  HIS A O   1 
ATOM   87   C  CB  . HIS A 1 19 ? 13.277  3.895   -12.126 1.00 13.61 ? 12  HIS A CB  1 
ATOM   88   C  CG  . HIS A 1 19 ? 14.640  3.365   -12.421 1.00 13.22 ? 12  HIS A CG  1 
ATOM   89   N  ND1 . HIS A 1 19 ? 15.139  3.268   -13.705 1.00 14.07 ? 12  HIS A ND1 1 
ATOM   90   C  CD2 . HIS A 1 19 ? 15.608  2.879   -11.604 1.00 13.28 ? 12  HIS A CD2 1 
ATOM   91   C  CE1 . HIS A 1 19 ? 16.357  2.756   -13.663 1.00 14.14 ? 12  HIS A CE1 1 
ATOM   92   N  NE2 . HIS A 1 19 ? 16.671  2.521   -12.403 1.00 14.40 ? 12  HIS A NE2 1 
ATOM   93   N  N   . GLY A 1 20 ? 10.892  2.695   -14.120 1.00 12.58 ? 13  GLY A N   1 
ATOM   94   C  CA  . GLY A 1 20 ? 10.608  2.260   -15.481 1.00 11.44 ? 13  GLY A CA  1 
ATOM   95   C  C   . GLY A 1 20 ? 10.055  0.850   -15.642 1.00 12.74 ? 13  GLY A C   1 
ATOM   96   O  O   . GLY A 1 20 ? 9.866   0.396   -16.771 1.00 10.32 ? 13  GLY A O   1 
ATOM   97   N  N   . ILE A 1 21 ? 9.787   0.164   -14.525 1.00 10.59 ? 14  ILE A N   1 
ATOM   98   C  CA  . ILE A 1 21 ? 9.216   -1.188  -14.550 1.00 10.41 ? 14  ILE A CA  1 
ATOM   99   C  C   . ILE A 1 21 ? 7.953   -1.244  -15.419 1.00 11.41 ? 14  ILE A C   1 
ATOM   100  O  O   . ILE A 1 21 ? 7.118   -0.334  -15.377 1.00 11.55 ? 14  ILE A O   1 
ATOM   101  C  CB  . ILE A 1 21 ? 8.932   -1.714  -13.096 1.00 12.55 ? 14  ILE A CB  1 
ATOM   102  C  CG1 . ILE A 1 21 ? 8.580   -3.201  -13.081 1.00 11.27 ? 14  ILE A CG1 1 
ATOM   103  C  CG2 . ILE A 1 21 ? 7.827   -0.911  -12.389 1.00 12.03 ? 14  ILE A CG2 1 
ATOM   104  C  CD1 . ILE A 1 21 ? 8.344   -3.723  -11.671 1.00 11.37 ? 14  ILE A CD1 1 
ATOM   105  N  N   . THR A 1 22 ? 7.825   -2.297  -16.225 1.00 9.84  ? 15  THR A N   1 
ATOM   106  C  CA  . THR A 1 22 ? 6.678   -2.432  -17.127 1.00 10.32 ? 15  THR A CA  1 
ATOM   107  C  C   . THR A 1 22 ? 5.602   -3.297  -16.493 1.00 11.10 ? 15  THR A C   1 
ATOM   108  O  O   . THR A 1 22 ? 5.862   -3.975  -15.493 1.00 8.48  ? 15  THR A O   1 
ATOM   109  C  CB  . THR A 1 22 ? 7.091   -3.079  -18.444 1.00 9.62  ? 15  THR A CB  1 
ATOM   110  O  OG1 . THR A 1 22 ? 7.480   -4.430  -18.188 1.00 10.18 ? 15  THR A OG1 1 
ATOM   111  C  CG2 . THR A 1 22 ? 8.270   -2.322  -19.065 1.00 9.71  ? 15  THR A CG2 1 
ATOM   112  N  N   . SER A 1 23 ? 4.403   -3.297  -17.075 1.00 10.08 ? 16  SER A N   1 
ATOM   113  C  CA  . SER A 1 23 ? 3.339   -4.163  -16.558 1.00 12.34 ? 16  SER A CA  1 
ATOM   114  C  C   . SER A 1 23 ? 3.790   -5.635  -16.571 1.00 12.78 ? 16  SER A C   1 
ATOM   115  O  O   . SER A 1 23 ? 3.607   -6.357  -15.581 1.00 12.15 ? 16  SER A O   1 
ATOM   116  C  CB  . SER A 1 23 ? 2.034   -3.978  -17.340 1.00 12.53 ? 16  SER A CB  1 
ATOM   117  O  OG  . SER A 1 23 ? 1.017   -4.832  -16.834 1.00 16.79 ? 16  SER A OG  1 
ATOM   118  N  N   . ASP A 1 24 ? 4.400   -6.059  -17.681 1.00 11.24 ? 17  ASP A N   1 
ATOM   119  C  CA  . ASP A 1 24 ? 4.966   -7.408  -17.798 1.00 11.01 ? 17  ASP A CA  1 
ATOM   120  C  C   . ASP A 1 24 ? 5.916   -7.739  -16.649 1.00 11.87 ? 17  ASP A C   1 
ATOM   121  O  O   . ASP A 1 24 ? 5.846   -8.820  -16.071 1.00 12.09 ? 17  ASP A O   1 
ATOM   122  C  CB  . ASP A 1 24 ? 5.714   -7.576  -19.136 1.00 15.24 ? 17  ASP A CB  1 
ATOM   123  C  CG  . ASP A 1 24 ? 4.776   -7.744  -20.321 1.00 15.94 ? 17  ASP A CG  1 
ATOM   124  O  OD1 . ASP A 1 24 ? 3.648   -8.248  -20.121 1.00 16.28 ? 17  ASP A OD1 1 
ATOM   125  O  OD2 . ASP A 1 24 ? 5.168   -7.370  -21.451 1.00 17.65 ? 17  ASP A OD2 1 
ATOM   126  N  N   . GLN A 1 25 ? 6.799   -6.803  -16.311 1.00 11.85 ? 18  GLN A N   1 
ATOM   127  C  CA  . GLN A 1 25 ? 7.783   -7.054  -15.268 1.00 11.13 ? 18  GLN A CA  1 
ATOM   128  C  C   . GLN A 1 25 ? 7.178   -7.136  -13.879 1.00 13.04 ? 18  GLN A C   1 
ATOM   129  O  O   . GLN A 1 25 ? 7.598   -7.967  -13.062 1.00 10.58 ? 18  GLN A O   1 
ATOM   130  C  CB  . GLN A 1 25 ? 8.881   -6.007  -15.300 1.00 11.30 ? 18  GLN A CB  1 
ATOM   131  C  CG  . GLN A 1 25 ? 9.866   -6.221  -16.431 1.00 10.80 ? 18  GLN A CG  1 
ATOM   132  C  CD  . GLN A 1 25 ? 10.762  -5.018  -16.634 1.00 13.60 ? 18  GLN A CD  1 
ATOM   133  O  OE1 . GLN A 1 25 ? 10.445  -3.905  -16.184 1.00 10.25 ? 18  GLN A OE1 1 
ATOM   134  N  NE2 . GLN A 1 25 ? 11.885  -5.227  -17.322 1.00 15.56 ? 18  GLN A NE2 1 
ATOM   135  N  N   . LEU A 1 26 ? 6.201   -6.275  -13.599 1.00 10.92 ? 19  LEU A N   1 
ATOM   136  C  CA  . LEU A 1 26 ? 5.494   -6.367  -12.313 1.00 11.52 ? 19  LEU A CA  1 
ATOM   137  C  C   . LEU A 1 26 ? 4.771   -7.699  -12.221 1.00 11.56 ? 19  LEU A C   1 
ATOM   138  O  O   . LEU A 1 26 ? 4.808   -8.355  -11.185 1.00 11.76 ? 19  LEU A O   1 
ATOM   139  C  CB  . LEU A 1 26 ? 4.507   -5.209  -12.131 1.00 12.19 ? 19  LEU A CB  1 
ATOM   140  C  CG  . LEU A 1 26 ? 3.671   -5.252  -10.848 1.00 11.13 ? 19  LEU A CG  1 
ATOM   141  C  CD1 . LEU A 1 26 ? 4.543   -5.158  -9.600  1.00 9.11  ? 19  LEU A CD1 1 
ATOM   142  C  CD2 . LEU A 1 26 ? 2.648   -4.123  -10.880 1.00 11.29 ? 19  LEU A CD2 1 
ATOM   143  N  N   . HIS A 1 27 ? 4.121   -8.098  -13.315 1.00 12.59 ? 20  HIS A N   1 
ATOM   144  C  CA  . HIS A 1 27 ? 3.406   -9.377  -13.362 1.00 12.73 ? 20  HIS A CA  1 
ATOM   145  C  C   . HIS A 1 27 ? 4.358   -10.535 -13.119 1.00 12.35 ? 20  HIS A C   1 
ATOM   146  O  O   . HIS A 1 27 ? 4.029   -11.478 -12.402 1.00 12.43 ? 20  HIS A O   1 
ATOM   147  C  CB  . HIS A 1 27 ? 2.657   -9.557  -14.700 0.90 13.37 ? 20  HIS A CB  1 
ATOM   148  C  CG  . HIS A 1 27 ? 1.297   -8.933  -14.718 1.00 13.33 ? 20  HIS A CG  1 
ATOM   149  N  ND1 . HIS A 1 27 ? 1.081   -7.620  -15.083 0.58 14.54 ? 20  HIS A ND1 1 
ATOM   150  C  CD2 . HIS A 1 27 ? 0.080   -9.437  -14.397 0.74 13.29 ? 20  HIS A CD2 1 
ATOM   151  C  CE1 . HIS A 1 27 ? -0.207  -7.346  -14.997 1.00 15.15 ? 20  HIS A CE1 1 
ATOM   152  N  NE2 . HIS A 1 27 ? -0.837  -8.431  -14.577 0.54 14.39 ? 20  HIS A NE2 1 
ATOM   153  N  N   . GLN A 1 28 ? 5.545   -10.441 -13.710 1.00 12.92 ? 21  GLN A N   1 
ATOM   154  C  CA  . GLN A 1 28 ? 6.598   -11.443 -13.565 1.00 12.58 ? 21  GLN A CA  1 
ATOM   155  C  C   . GLN A 1 28 ? 7.055   -11.561 -12.111 1.00 13.51 ? 21  GLN A C   1 
ATOM   156  O  O   . GLN A 1 28 ? 7.159   -12.673 -11.565 1.00 11.44 ? 21  GLN A O   1 
ATOM   157  C  CB  . GLN A 1 28 ? 7.785   -11.081 -14.475 1.00 13.95 ? 21  GLN A CB  1 
ATOM   158  C  CG  . GLN A 1 28 ? 9.024   -11.973 -14.298 0.84 15.14 ? 21  GLN A CG  1 
ATOM   159  C  CD  . GLN A 1 28 ? 10.259  -11.434 -15.017 0.72 16.11 ? 21  GLN A CD  1 
ATOM   160  O  OE1 . GLN A 1 28 ? 10.159  -10.690 -16.003 0.97 15.94 ? 21  GLN A OE1 1 
ATOM   161  N  NE2 . GLN A 1 28 ? 11.434  -11.812 -14.523 1.00 18.65 ? 21  GLN A NE2 1 
ATOM   162  N  N   . ALA A 1 29 ? 7.336   -10.419 -11.483 1.00 12.90 ? 22  ALA A N   1 
ATOM   163  C  CA  . ALA A 1 29 ? 7.760   -10.418 -10.076 1.00 12.20 ? 22  ALA A CA  1 
ATOM   164  C  C   . ALA A 1 29 ? 6.684   -11.058 -9.197  1.00 11.76 ? 22  ALA A C   1 
ATOM   165  O  O   . ALA A 1 29 ? 6.954   -11.963 -8.385  1.00 10.07 ? 22  ALA A O   1 
ATOM   166  C  CB  . ALA A 1 29 ? 8.055   -8.996  -9.617  1.00 14.14 ? 22  ALA A CB  1 
ATOM   167  N  N   . HIS A 1 30 ? 5.459   -10.575 -9.385  1.00 10.93 ? 23  HIS A N   1 
ATOM   168  C  CA  . HIS A 1 30 ? 4.294   -11.078 -8.673  1.00 10.73 ? 23  HIS A CA  1 
ATOM   169  C  C   . HIS A 1 30 ? 4.174   -12.605 -8.810  1.00 11.76 ? 23  HIS A C   1 
ATOM   170  O  O   . HIS A 1 30 ? 4.054   -13.324 -7.805  1.00 11.96 ? 23  HIS A O   1 
ATOM   171  C  CB  . HIS A 1 30 ? 3.043   -10.392 -9.215  1.00 11.07 ? 23  HIS A CB  1 
ATOM   172  C  CG  . HIS A 1 30 ? 1.820   -10.620 -8.390  1.00 13.84 ? 23  HIS A CG  1 
ATOM   173  N  ND1 . HIS A 1 30 ? 1.816   -10.518 -7.012  1.00 13.76 ? 23  HIS A ND1 1 
ATOM   174  C  CD2 . HIS A 1 30 ? 0.544   -10.913 -8.748  1.00 13.96 ? 23  HIS A CD2 1 
ATOM   175  C  CE1 . HIS A 1 30 ? 0.597   -10.756 -6.561  1.00 12.98 ? 23  HIS A CE1 1 
ATOM   176  N  NE2 . HIS A 1 30 ? -0.191  -10.992 -7.589  1.00 14.26 ? 23  HIS A NE2 1 
ATOM   177  N  N   . GLN A 1 31 ? 4.219   -13.092 -10.049 1.00 11.08 ? 24  GLN A N   1 
ATOM   178  C  CA  . GLN A 1 31 ? 4.128   -14.527 -10.342 1.00 12.39 ? 24  GLN A CA  1 
ATOM   179  C  C   . GLN A 1 31 ? 5.229   -15.287 -9.643  1.00 10.73 ? 24  GLN A C   1 
ATOM   180  O  O   . GLN A 1 31 ? 4.997   -16.379 -9.134  1.00 12.32 ? 24  GLN A O   1 
ATOM   181  C  CB  . GLN A 1 31 ? 4.221   -14.815 -11.852 1.00 13.60 ? 24  GLN A CB  1 
ATOM   182  C  CG  . GLN A 1 31 ? 2.946   -14.559 -12.645 1.00 16.53 ? 24  GLN A CG  1 
ATOM   183  C  CD  . GLN A 1 31 ? 1.721   -15.153 -11.973 1.00 17.38 ? 24  GLN A CD  1 
ATOM   184  O  OE1 . GLN A 1 31 ? 1.731   -16.307 -11.542 1.00 17.90 ? 24  GLN A OE1 1 
ATOM   185  N  NE2 . GLN A 1 31 ? 0.669   -14.355 -11.853 1.00 19.05 ? 24  GLN A NE2 1 
ATOM   186  N  N   . ALA A 1 32 ? 6.438   -14.724 -9.641  1.00 11.24 ? 25  ALA A N   1 
ATOM   187  C  CA  . ALA A 1 32 ? 7.556   -15.354 -8.931  1.00 12.82 ? 25  ALA A CA  1 
ATOM   188  C  C   . ALA A 1 32 ? 7.242   -15.502 -7.440  1.00 11.03 ? 25  ALA A C   1 
ATOM   189  O  O   . ALA A 1 32 ? 7.561   -16.533 -6.841  1.00 10.08 ? 25  ALA A O   1 
ATOM   190  C  CB  . ALA A 1 32 ? 8.869   -14.585 -9.144  1.00 10.66 ? 25  ALA A CB  1 
ATOM   191  N  N   . ASP A 1 33 ? 6.626   -14.482 -6.840  1.00 10.78 ? 26  ASP A N   1 
ATOM   192  C  CA  . ASP A 1 33 ? 6.232   -14.583 -5.413  1.00 12.27 ? 26  ASP A CA  1 
ATOM   193  C  C   . ASP A 1 33 ? 5.157   -15.653 -5.180  1.00 11.57 ? 26  ASP A C   1 
ATOM   194  O  O   . ASP A 1 33 ? 5.230   -16.473 -4.235  1.00 11.58 ? 26  ASP A O   1 
ATOM   195  C  CB  . ASP A 1 33 ? 5.659   -13.249 -4.917  1.00 11.91 ? 26  ASP A CB  1 
ATOM   196  C  CG  . ASP A 1 33 ? 6.721   -12.189 -4.671  1.00 11.93 ? 26  ASP A CG  1 
ATOM   197  O  OD1 . ASP A 1 33 ? 7.868   -12.524 -4.312  1.00 11.36 ? 26  ASP A OD1 1 
ATOM   198  O  OD2 . ASP A 1 33 ? 6.375   -10.996 -4.799  1.00 12.23 ? 26  ASP A OD2 1 
ATOM   199  N  N   . LEU A 1 34 ? 4.138   -15.609 -6.035  1.00 11.55 ? 27  LEU A N   1 
ATOM   200  C  CA  . LEU A 1 34 ? 2.989   -16.505 -5.937  1.00 12.38 ? 27  LEU A CA  1 
ATOM   201  C  C   . LEU A 1 34 ? 3.439   -17.942 -6.086  1.00 11.82 ? 27  LEU A C   1 
ATOM   202  O  O   . LEU A 1 34 ? 2.909   -18.840 -5.437  1.00 11.11 ? 27  LEU A O   1 
ATOM   203  C  CB  . LEU A 1 34 ? 1.940   -16.176 -7.010  1.00 11.69 ? 27  LEU A CB  1 
ATOM   204  C  CG  . LEU A 1 34 ? 1.190   -14.852 -6.813  1.00 12.72 ? 27  LEU A CG  1 
ATOM   205  C  CD1 . LEU A 1 34 ? 0.477   -14.415 -8.098  1.00 11.89 ? 27  LEU A CD1 1 
ATOM   206  C  CD2 . LEU A 1 34 ? 0.180   -14.947 -5.643  1.00 13.41 ? 27  LEU A CD2 1 
ATOM   207  N  N   . ALA A 1 35 ? 4.436   -18.153 -6.934  1.00 12.02 ? 28  ALA A N   1 
ATOM   208  C  CA  . ALA A 1 35 ? 4.892   -19.504 -7.237  1.00 12.85 ? 28  ALA A CA  1 
ATOM   209  C  C   . ALA A 1 35 ? 5.467   -20.197 -6.006  1.00 12.84 ? 28  ALA A C   1 
ATOM   210  O  O   . ALA A 1 35 ? 5.437   -21.429 -5.913  1.00 10.85 ? 28  ALA A O   1 
ATOM   211  C  CB  . ALA A 1 35 ? 5.903   -19.479 -8.365  1.00 10.55 ? 28  ALA A CB  1 
ATOM   212  N  N   . VAL A 1 36 ? 5.993   -19.426 -5.053  1.00 10.50 ? 29  VAL A N   1 
ATOM   213  C  CA  . VAL A 1 36 ? 6.601   -20.062 -3.875  1.00 10.05 ? 29  VAL A CA  1 
ATOM   214  C  C   . VAL A 1 36 ? 5.965   -19.667 -2.540  1.00 10.71 ? 29  VAL A C   1 
ATOM   215  O  O   . VAL A 1 36 ? 6.429   -20.093 -1.476  1.00 13.84 ? 29  VAL A O   1 
ATOM   216  C  CB  . VAL A 1 36 ? 8.130   -19.820 -3.802  1.00 12.32 ? 29  VAL A CB  1 
ATOM   217  C  CG1 . VAL A 1 36 ? 8.847   -20.492 -4.972  1.00 13.68 ? 29  VAL A CG1 1 
ATOM   218  C  CG2 . VAL A 1 36 ? 8.424   -18.325 -3.763  1.00 12.57 ? 29  VAL A CG2 1 
ATOM   219  N  N   . GLU A 1 37 ? 4.900   -18.873 -2.587  1.00 11.12 ? 30  GLU A N   1 
ATOM   220  C  CA  . GLU A 1 37 ? 4.300   -18.362 -1.357  1.00 12.31 ? 30  GLU A CA  1 
ATOM   221  C  C   . GLU A 1 37 ? 3.605   -19.438 -0.515  1.00 12.84 ? 30  GLU A C   1 
ATOM   222  O  O   . GLU A 1 37 ? 3.570   -19.332 0.722   1.00 12.25 ? 30  GLU A O   1 
ATOM   223  C  CB  . GLU A 1 37 ? 3.306   -17.243 -1.666  1.00 11.11 ? 30  GLU A CB  1 
ATOM   224  C  CG  . GLU A 1 37 ? 2.086   -17.707 -2.439  1.00 11.73 ? 30  GLU A CG  1 
ATOM   225  C  CD  . GLU A 1 37 ? 1.087   -16.590 -2.672  1.00 12.86 ? 30  GLU A CD  1 
ATOM   226  O  OE1 . GLU A 1 37 ? 1.503   -15.410 -2.685  1.00 14.26 ? 30  GLU A OE1 1 
ATOM   227  O  OE2 . GLU A 1 37 ? -0.113  -16.896 -2.844  1.00 12.36 ? 30  GLU A OE2 1 
ATOM   228  N  N   . LYS A 1 38 ? 3.049   -20.461 -1.172  1.00 10.56 ? 31  LYS A N   1 
ATOM   229  C  CA  . LYS A 1 38 ? 2.201   -21.439 -0.479  1.00 13.58 ? 31  LYS A CA  1 
ATOM   230  C  C   . LYS A 1 38 ? 2.955   -22.199 0.619   1.00 15.28 ? 31  LYS A C   1 
ATOM   231  O  O   . LYS A 1 38 ? 2.387   -22.514 1.673   1.00 17.05 ? 31  LYS A O   1 
ATOM   232  C  CB  . LYS A 1 38 ? 1.562   -22.423 -1.475  1.00 16.12 ? 31  LYS A CB  1 
ATOM   233  C  CG  . LYS A 1 38 ? 0.622   -21.757 -2.500  1.00 17.38 ? 31  LYS A CG  1 
ATOM   234  C  CD  . LYS A 1 38 ? -0.243  -22.789 -3.233  1.00 18.08 ? 31  LYS A CD  1 
ATOM   235  C  CE  . LYS A 1 38 ? -1.024  -22.170 -4.394  1.00 20.03 ? 31  LYS A CE  1 
ATOM   236  N  NZ  . LYS A 1 38 ? -1.649  -20.859 -4.042  1.00 23.23 ? 31  LYS A NZ  1 
ATOM   237  N  N   . ASP A 1 39 ? 4.234   -22.467 0.378   1.00 14.38 ? 32  ASP A N   1 
ATOM   238  C  CA  . ASP A 1 39 ? 5.050   -23.206 1.339   1.00 18.52 ? 32  ASP A CA  1 
ATOM   239  C  C   . ASP A 1 39 ? 5.167   -22.486 2.685   1.00 16.82 ? 32  ASP A C   1 
ATOM   240  O  O   . ASP A 1 39 ? 5.382   -23.117 3.715   1.00 15.39 ? 32  ASP A O   1 
ATOM   241  C  CB  . ASP A 1 39 ? 6.449   -23.459 0.767   1.00 20.16 ? 32  ASP A CB  1 
ATOM   242  C  CG  . ASP A 1 39 ? 6.428   -24.336 -0.480  1.00 23.17 ? 32  ASP A CG  1 
ATOM   243  O  OD1 . ASP A 1 39 ? 5.593   -25.267 -0.555  1.00 25.58 ? 32  ASP A OD1 1 
ATOM   244  O  OD2 . ASP A 1 39 ? 7.253   -24.086 -1.384  1.00 24.65 ? 32  ASP A OD2 1 
ATOM   245  N  N   . GLU A 1 40 ? 5.031   -21.162 2.668   1.00 14.90 ? 33  GLU A N   1 
ATOM   246  C  CA  . GLU A 1 40 ? 5.123   -20.385 3.901   1.00 13.28 ? 33  GLU A CA  1 
ATOM   247  C  C   . GLU A 1 40 ? 3.759   -19.967 4.432   1.00 13.24 ? 33  GLU A C   1 
ATOM   248  O  O   . GLU A 1 40 ? 3.681   -19.248 5.436   1.00 13.59 ? 33  GLU A O   1 
ATOM   249  C  CB  . GLU A 1 40 ? 6.023   -19.156 3.720   1.00 12.69 ? 33  GLU A CB  1 
ATOM   250  C  CG  . GLU A 1 40 ? 7.499   -19.478 3.476   1.00 14.44 ? 33  GLU A CG  1 
ATOM   251  C  CD  . GLU A 1 40 ? 8.263   -19.897 4.744   1.00 14.70 ? 33  GLU A CD  1 
ATOM   252  O  OE1 . GLU A 1 40 ? 7.709   -19.796 5.861   1.00 13.65 ? 33  GLU A OE1 1 
ATOM   253  O  OE2 . GLU A 1 40 ? 9.438   -20.311 4.613   1.00 15.55 ? 33  GLU A OE2 1 
ATOM   254  N  N   . ASN A 1 41 ? 2.698   -20.432 3.773   1.00 12.27 ? 34  ASN A N   1 
ATOM   255  C  CA  . ASN A 1 41 ? 1.331   -20.044 4.135   1.00 15.69 ? 34  ASN A CA  1 
ATOM   256  C  C   . ASN A 1 41 ? 1.135   -18.541 3.928   1.00 14.63 ? 34  ASN A C   1 
ATOM   257  O  O   . ASN A 1 41 ? 0.427   -17.883 4.690   1.00 13.53 ? 34  ASN A O   1 
ATOM   258  C  CB  . ASN A 1 41 ? 1.006   -20.430 5.591   1.00 15.35 ? 34  ASN A CB  1 
ATOM   259  C  CG  . ASN A 1 41 ? -0.428  -20.888 5.774   1.00 21.11 ? 34  ASN A CG  1 
ATOM   260  O  OD1 . ASN A 1 41 ? -1.332  -20.472 5.037   1.00 24.06 ? 34  ASN A OD1 1 
ATOM   261  N  ND2 . ASN A 1 41 ? -0.648  -21.746 6.768   1.00 19.85 ? 34  ASN A ND2 1 
ATOM   262  N  N   . VAL A 1 42 ? 1.788   -18.010 2.898   1.00 13.58 ? 35  VAL A N   1 
ATOM   263  C  CA  . VAL A 1 42 ? 1.702   -16.592 2.570   1.00 13.20 ? 35  VAL A CA  1 
ATOM   264  C  C   . VAL A 1 42 ? 0.873   -16.417 1.297   1.00 13.42 ? 35  VAL A C   1 
ATOM   265  O  O   . VAL A 1 42 ? 0.943   -17.251 0.390   1.00 12.47 ? 35  VAL A O   1 
ATOM   266  C  CB  . VAL A 1 42 ? 3.120   -15.985 2.394   1.00 13.67 ? 35  VAL A CB  1 
ATOM   267  C  CG1 . VAL A 1 42 ? 3.080   -14.637 1.647   1.00 10.91 ? 35  VAL A CG1 1 
ATOM   268  C  CG2 . VAL A 1 42 ? 3.813   -15.843 3.754   1.00 8.93  ? 35  VAL A CG2 1 
ATOM   269  N  N   . HIS A 1 43 ? 0.060   -15.366 1.234   1.00 11.93 ? 36  HIS A N   1 
ATOM   270  C  CA  . HIS A 1 43 ? -0.628  -15.050 -0.015  1.00 13.33 ? 36  HIS A CA  1 
ATOM   271  C  C   . HIS A 1 43 ? -0.493  -13.573 -0.350  1.00 14.07 ? 36  HIS A C   1 
ATOM   272  O  O   . HIS A 1 43 ? -0.876  -12.695 0.441   1.00 13.09 ? 36  HIS A O   1 
ATOM   273  C  CB  . HIS A 1 43 ? -2.109  -15.465 0.007   1.00 16.40 ? 36  HIS A CB  1 
ATOM   274  C  CG  . HIS A 1 43 ? -2.855  -15.096 -1.245  1.00 21.15 ? 36  HIS A CG  1 
ATOM   275  N  ND1 . HIS A 1 43 ? -2.360  -15.343 -2.513  1.00 18.71 ? 36  HIS A ND1 1 
ATOM   276  C  CD2 . HIS A 1 43 ? -4.052  -14.482 -1.426  1.00 18.41 ? 36  HIS A CD2 1 
ATOM   277  C  CE1 . HIS A 1 43 ? -3.217  -14.899 -3.414  1.00 19.00 ? 36  HIS A CE1 1 
ATOM   278  N  NE2 . HIS A 1 43 ? -4.253  -14.374 -2.781  1.00 22.93 ? 36  HIS A NE2 1 
ATOM   279  N  N   . PHE A 1 44 ? 0.056   -13.295 -1.528  1.00 13.55 ? 37  PHE A N   1 
ATOM   280  C  CA  . PHE A 1 44 ? 0.134   -11.923 -1.996  1.00 14.08 ? 37  PHE A CA  1 
ATOM   281  C  C   . PHE A 1 44 ? -1.182  -11.497 -2.613  1.00 13.22 ? 37  PHE A C   1 
ATOM   282  O  O   . PHE A 1 44 ? -1.547  -11.944 -3.702  1.00 13.07 ? 37  PHE A O   1 
ATOM   283  C  CB  . PHE A 1 44 ? 1.323   -11.742 -2.942  1.00 12.99 ? 37  PHE A CB  1 
ATOM   284  C  CG  . PHE A 1 44 ? 2.634   -11.771 -2.222  1.00 13.96 ? 37  PHE A CG  1 
ATOM   285  C  CD1 . PHE A 1 44 ? 3.400   -12.931 -2.186  1.00 11.56 ? 37  PHE A CD1 1 
ATOM   286  C  CD2 . PHE A 1 44 ? 3.063   -10.659 -1.505  1.00 12.40 ? 37  PHE A CD2 1 
ATOM   287  C  CE1 . PHE A 1 44 ? 4.607   -12.968 -1.488  1.00 12.54 ? 37  PHE A CE1 1 
ATOM   288  C  CE2 . PHE A 1 44 ? 4.268   -10.684 -0.801  1.00 12.12 ? 37  PHE A CE2 1 
ATOM   289  C  CZ  . PHE A 1 44 ? 5.032   -11.844 -0.786  1.00 12.24 ? 37  PHE A CZ  1 
ATOM   290  N  N   . GLU A 1 45 ? -1.904  -10.644 -1.887  1.00 12.17 ? 38  GLU A N   1 
ATOM   291  C  CA  . GLU A 1 45 ? -3.239  -10.249 -2.298  1.00 12.70 ? 38  GLU A CA  1 
ATOM   292  C  C   . GLU A 1 45 ? -3.193  -9.179  -3.372  1.00 14.17 ? 38  GLU A C   1 
ATOM   293  O  O   . GLU A 1 45 ? -3.908  -9.259  -4.372  1.00 13.13 ? 38  GLU A O   1 
ATOM   294  C  CB  . GLU A 1 45 ? -4.052  -9.742  -1.100  1.00 14.18 ? 38  GLU A CB  1 
ATOM   295  C  CG  . GLU A 1 45 ? -4.364  -10.814 -0.061  1.00 14.20 ? 38  GLU A CG  1 
ATOM   296  C  CD  . GLU A 1 45 ? -5.061  -10.224 1.144   1.00 16.95 ? 38  GLU A CD  1 
ATOM   297  O  OE1 . GLU A 1 45 ? -5.270  -8.993  1.156   1.00 20.20 ? 38  GLU A OE1 1 
ATOM   298  O  OE2 . GLU A 1 45 ? -5.407  -10.982 2.068   1.00 18.14 ? 38  GLU A OE2 1 
ATOM   299  N  N   . GLN A 1 46 ? -2.378  -8.154  -3.166  1.00 11.90 ? 39  GLN A N   1 
ATOM   300  C  CA  . GLN A 1 46 ? -2.364  -7.099  -4.167  1.00 12.67 ? 39  GLN A CA  1 
ATOM   301  C  C   . GLN A 1 46 ? -0.962  -6.566  -4.344  1.00 12.94 ? 39  GLN A C   1 
ATOM   302  O  O   . GLN A 1 46 ? -0.184  -6.518  -3.391  1.00 11.37 ? 39  GLN A O   1 
ATOM   303  C  CB  . GLN A 1 46 ? -3.346  -5.972  -3.797  1.00 14.37 ? 39  GLN A CB  1 
ATOM   304  C  CG  . GLN A 1 46 ? -4.758  -6.055  -4.438  0.84 14.44 ? 39  GLN A CG  1 
ATOM   305  C  CD  . GLN A 1 46 ? -4.793  -5.607  -5.906  0.36 14.26 ? 39  GLN A CD  1 
ATOM   306  O  OE1 . GLN A 1 46 ? -3.891  -5.904  -6.690  0.72 15.40 ? 39  GLN A OE1 1 
ATOM   307  N  NE2 . GLN A 1 46 ? -5.843  -4.882  -6.274  0.28 14.97 ? 39  GLN A NE2 1 
ATOM   308  N  N   . ALA A 1 47 ? -0.632  -6.206  -5.581  1.00 10.62 ? 40  ALA A N   1 
ATOM   309  C  CA  . ALA A 1 47 ? 0.628   -5.539  -5.859  1.00 11.45 ? 40  ALA A CA  1 
ATOM   310  C  C   . ALA A 1 47 ? 0.368   -4.320  -6.736  1.00 11.49 ? 40  ALA A C   1 
ATOM   311  O  O   . ALA A 1 47 ? -0.296  -4.418  -7.777  1.00 10.88 ? 40  ALA A O   1 
ATOM   312  C  CB  . ALA A 1 47 ? 1.585   -6.481  -6.530  1.00 12.16 ? 40  ALA A CB  1 
ATOM   313  N  N   . TRP A 1 48 ? 0.880   -3.169  -6.311  1.00 10.31 ? 41  TRP A N   1 
ATOM   314  C  CA  . TRP A 1 48 ? 0.758   -1.953  -7.098  1.00 11.76 ? 41  TRP A CA  1 
ATOM   315  C  C   . TRP A 1 48 ? 2.152   -1.408  -7.375  1.00 11.44 ? 41  TRP A C   1 
ATOM   316  O  O   . TRP A 1 48 ? 3.003   -1.447  -6.497  1.00 11.14 ? 41  TRP A O   1 
ATOM   317  C  CB  . TRP A 1 48 ? -0.014  -0.899  -6.317  1.00 11.18 ? 41  TRP A CB  1 
ATOM   318  C  CG  . TRP A 1 48 ? -1.366  -1.324  -5.826  1.00 12.76 ? 41  TRP A CG  1 
ATOM   319  C  CD1 . TRP A 1 48 ? -2.569  -1.204  -6.483  1.00 12.79 ? 41  TRP A CD1 1 
ATOM   320  C  CD2 . TRP A 1 48 ? -1.660  -1.895  -4.541  1.00 13.01 ? 41  TRP A CD2 1 
ATOM   321  N  NE1 . TRP A 1 48 ? -3.585  -1.690  -5.683  1.00 11.91 ? 41  TRP A NE1 1 
ATOM   322  C  CE2 . TRP A 1 48 ? -3.059  -2.108  -4.497  1.00 13.60 ? 41  TRP A CE2 1 
ATOM   323  C  CE3 . TRP A 1 48 ? -0.876  -2.254  -3.442  1.00 12.29 ? 41  TRP A CE3 1 
ATOM   324  C  CZ2 . TRP A 1 48 ? -3.685  -2.671  -3.362  1.00 16.18 ? 41  TRP A CZ2 1 
ATOM   325  C  CZ3 . TRP A 1 48 ? -1.502  -2.811  -2.317  1.00 14.24 ? 41  TRP A CZ3 1 
ATOM   326  C  CH2 . TRP A 1 48 ? -2.892  -3.010  -2.289  1.00 14.60 ? 41  TRP A CH2 1 
ATOM   327  N  N   . ALA A 1 49 ? 2.391   -0.872  -8.573  1.00 8.80  ? 42  ALA A N   1 
ATOM   328  C  CA  . ALA A 1 49 ? 3.706   -0.293  -8.871  1.00 9.63  ? 42  ALA A CA  1 
ATOM   329  C  C   . ALA A 1 49 ? 3.604   1.088   -9.493  1.00 10.50 ? 42  ALA A C   1 
ATOM   330  O  O   . ALA A 1 49 ? 2.707   1.360   -10.298 1.00 8.93  ? 42  ALA A O   1 
ATOM   331  C  CB  . ALA A 1 49 ? 4.545   -1.219  -9.765  1.00 10.06 ? 42  ALA A CB  1 
ATOM   332  N  N   . ASP A 1 50 ? 4.547   1.944   -9.108  1.00 9.93  ? 43  ASP A N   1 
ATOM   333  C  CA  . ASP A 1 50 ? 4.711   3.276   -9.647  1.00 10.52 ? 43  ASP A CA  1 
ATOM   334  C  C   . ASP A 1 50 ? 6.011   3.268   -10.422 1.00 11.88 ? 43  ASP A C   1 
ATOM   335  O  O   . ASP A 1 50 ? 7.087   3.296   -9.817  1.00 11.78 ? 43  ASP A O   1 
ATOM   336  C  CB  . ASP A 1 50 ? 4.835   4.281   -8.509  1.00 11.53 ? 43  ASP A CB  1 
ATOM   337  C  CG  . ASP A 1 50 ? 5.123   5.687   -9.002  1.00 13.76 ? 43  ASP A CG  1 
ATOM   338  O  OD1 . ASP A 1 50 ? 4.862   5.971   -10.189 1.00 16.24 ? 43  ASP A OD1 1 
ATOM   339  O  OD2 . ASP A 1 50 ? 5.599   6.512   -8.196  1.00 16.44 ? 43  ASP A OD2 1 
ATOM   340  N  N   . PRO A 1 51 ? 5.922   3.234   -11.761 1.00 10.54 ? 44  PRO A N   1 
ATOM   341  C  CA  . PRO A 1 51 ? 7.145   3.179   -12.577 1.00 12.01 ? 44  PRO A CA  1 
ATOM   342  C  C   . PRO A 1 51 ? 7.890   4.518   -12.567 1.00 13.14 ? 44  PRO A C   1 
ATOM   343  O  O   . PRO A 1 51 ? 9.077   4.544   -12.893 1.00 12.61 ? 44  PRO A O   1 
ATOM   344  C  CB  . PRO A 1 51 ? 6.628   2.869   -13.994 1.00 13.25 ? 44  PRO A CB  1 
ATOM   345  C  CG  . PRO A 1 51 ? 5.135   2.553   -13.839 1.00 13.61 ? 44  PRO A CG  1 
ATOM   346  C  CD  . PRO A 1 51 ? 4.698   3.259   -12.581 1.00 11.89 ? 44  PRO A CD  1 
ATOM   347  N  N   . ALA A 1 52 ? 7.210   5.607   -12.197 1.00 12.69 ? 45  ALA A N   1 
ATOM   348  C  CA  . ALA A 1 52 ? 7.858   6.918   -12.171 1.00 13.52 ? 45  ALA A CA  1 
ATOM   349  C  C   . ALA A 1 52 ? 8.865   7.004   -11.024 1.00 14.60 ? 45  ALA A C   1 
ATOM   350  O  O   . ALA A 1 52 ? 10.041  7.309   -11.238 1.00 15.82 ? 45  ALA A O   1 
ATOM   351  C  CB  . ALA A 1 52 ? 6.828   8.050   -12.081 1.00 12.69 ? 45  ALA A CB  1 
ATOM   352  N  N   . SER A 1 53 ? 8.407   6.750   -9.804  1.00 13.09 ? 46  SER A N   1 
ATOM   353  C  CA  . SER A 1 53 ? 9.325   6.772   -8.667  1.00 13.91 ? 46  SER A CA  1 
ATOM   354  C  C   . SER A 1 53 ? 10.051  5.437   -8.578  1.00 12.86 ? 46  SER A C   1 
ATOM   355  O  O   . SER A 1 53 ? 11.160  5.342   -8.037  1.00 12.61 ? 46  SER A O   1 
ATOM   356  C  CB  . SER A 1 53 ? 8.589   7.107   -7.360  1.00 14.74 ? 46  SER A CB  1 
ATOM   357  O  OG  . SER A 1 53 ? 7.574   6.153   -7.068  1.00 15.81 ? 46  SER A OG  1 
ATOM   358  N  N   . GLY A 1 54 ? 9.438   4.401   -9.139  1.00 12.26 ? 47  GLY A N   1 
ATOM   359  C  CA  . GLY A 1 54 ? 10.030  3.083   -9.102  1.00 12.97 ? 47  GLY A CA  1 
ATOM   360  C  C   . GLY A 1 54 ? 9.671   2.370   -7.807  1.00 15.87 ? 47  GLY A C   1 
ATOM   361  O  O   . GLY A 1 54 ? 10.465  1.568   -7.300  1.00 14.95 ? 47  GLY A O   1 
ATOM   362  N  N   . THR A 1 55 ? 8.478   2.652   -7.278  1.00 11.54 ? 48  THR A N   1 
ATOM   363  C  CA  . THR A 1 55 ? 8.085   2.070   -5.993  1.00 12.91 ? 48  THR A CA  1 
ATOM   364  C  C   . THR A 1 55 ? 7.023   0.984   -6.159  1.00 14.41 ? 48  THR A C   1 
ATOM   365  O  O   . THR A 1 55 ? 6.012   1.194   -6.820  1.00 12.74 ? 48  THR A O   1 
ATOM   366  C  CB  . THR A 1 55 ? 7.550   3.141   -5.027  1.00 15.63 ? 48  THR A CB  1 
ATOM   367  O  OG1 . THR A 1 55 ? 8.466   4.243   -4.979  1.00 16.42 ? 48  THR A OG1 1 
ATOM   368  C  CG2 . THR A 1 55 ? 7.380   2.565   -3.601  1.00 12.92 ? 48  THR A CG2 1 
ATOM   369  N  N   . ILE A 1 56 ? 7.251   -0.181  -5.558  1.00 12.59 ? 49  ILE A N   1 
ATOM   370  C  CA  . ILE A 1 56 ? 6.247   -1.241  -5.567  1.00 12.60 ? 49  ILE A CA  1 
ATOM   371  C  C   . ILE A 1 56 ? 5.722   -1.478  -4.155  1.00 12.21 ? 49  ILE A C   1 
ATOM   372  O  O   . ILE A 1 56 ? 6.516   -1.621  -3.210  1.00 12.34 ? 49  ILE A O   1 
ATOM   373  C  CB  . ILE A 1 56 ? 6.796   -2.569  -6.118  1.00 12.07 ? 49  ILE A CB  1 
ATOM   374  C  CG1 . ILE A 1 56 ? 7.441   -2.371  -7.490  1.00 12.60 ? 49  ILE A CG1 1 
ATOM   375  C  CG2 . ILE A 1 56 ? 5.681   -3.626  -6.194  1.00 11.66 ? 49  ILE A CG2 1 
ATOM   376  C  CD1 . ILE A 1 56 ? 7.966   -3.659  -8.094  1.00 14.26 ? 49  ILE A CD1 1 
ATOM   377  N  N   . TYR A 1 57 ? 4.396   -1.524  -4.022  1.00 9.83  ? 50  TYR A N   1 
ATOM   378  C  CA  . TYR A 1 57 ? 3.725   -1.882  -2.767  1.00 11.44 ? 50  TYR A CA  1 
ATOM   379  C  C   . TYR A 1 57 ? 3.055   -3.246  -2.869  1.00 11.56 ? 50  TYR A C   1 
ATOM   380  O  O   . TYR A 1 57 ? 2.276   -3.486  -3.785  1.00 11.63 ? 50  TYR A O   1 
ATOM   381  C  CB  . TYR A 1 57 ? 2.655   -0.841  -2.430  1.00 13.81 ? 50  TYR A CB  1 
ATOM   382  C  CG  . TYR A 1 57 ? 3.204   0.542   -2.161  1.00 13.57 ? 50  TYR A CG  1 
ATOM   383  C  CD1 . TYR A 1 57 ? 3.169   1.534   -3.138  1.00 14.79 ? 50  TYR A CD1 1 
ATOM   384  C  CD2 . TYR A 1 57 ? 3.758   0.851   -0.927  1.00 13.76 ? 50  TYR A CD2 1 
ATOM   385  C  CE1 . TYR A 1 57 ? 3.676   2.806   -2.881  1.00 16.09 ? 50  TYR A CE1 1 
ATOM   386  C  CE2 . TYR A 1 57 ? 4.266   2.110   -0.663  1.00 17.14 ? 50  TYR A CE2 1 
ATOM   387  C  CZ  . TYR A 1 57 ? 4.225   3.079   -1.640  1.00 17.25 ? 50  TYR A CZ  1 
ATOM   388  O  OH  . TYR A 1 57 ? 4.738   4.321   -1.353  1.00 25.55 ? 50  TYR A OH  1 
ATOM   389  N  N   . CYS A 1 58 ? 3.338   -4.137  -1.924  1.00 10.26 ? 51  CYS A N   1 
ATOM   390  C  CA  . CYS A 1 58 ? 2.687   -5.447  -1.899  1.00 10.38 ? 51  CYS A CA  1 
ATOM   391  C  C   . CYS A 1 58 ? 1.930   -5.684  -0.592  1.00 9.60  ? 51  CYS A C   1 
ATOM   392  O  O   . CYS A 1 58 ? 2.501   -5.642  0.502   1.00 9.29  ? 51  CYS A O   1 
ATOM   393  C  CB  . CYS A 1 58 ? 3.693   -6.589  -2.141  1.00 12.01 ? 51  CYS A CB  1 
ATOM   394  S  SG  . CYS A 1 58 ? 4.458   -6.639  -3.798  1.00 16.32 ? 51  CYS A SG  1 
ATOM   395  N  N   . LEU A 1 59 ? 0.629   -5.924  -0.731  1.00 8.92  ? 52  LEU A N   1 
ATOM   396  C  CA  . LEU A 1 59 ? -0.220  -6.340  0.367   1.00 8.92  ? 52  LEU A CA  1 
ATOM   397  C  C   . LEU A 1 59 ? -0.296  -7.863  0.355   1.00 10.52 ? 52  LEU A C   1 
ATOM   398  O  O   . LEU A 1 59 ? -0.676  -8.487  -0.662  1.00 10.48 ? 52  LEU A O   1 
ATOM   399  C  CB  . LEU A 1 59 ? -1.633  -5.765  0.210   1.00 10.12 ? 52  LEU A CB  1 
ATOM   400  C  CG  . LEU A 1 59 ? -2.594  -6.269  1.296   1.00 12.16 ? 52  LEU A CG  1 
ATOM   401  C  CD1 . LEU A 1 59 ? -2.260  -5.634  2.657   1.00 12.32 ? 52  LEU A CD1 1 
ATOM   402  C  CD2 . LEU A 1 59 ? -4.046  -6.002  0.918   1.00 13.57 ? 52  LEU A CD2 1 
ATOM   403  N  N   . SER A 1 60 ? 0.064   -8.458  1.487   1.00 9.49  ? 53  SER A N   1 
ATOM   404  C  CA  . SER A 1 60 ? 0.035   -9.906  1.636   1.00 9.71  ? 53  SER A CA  1 
ATOM   405  C  C   . SER A 1 60 ? -0.668  -10.308 2.916   1.00 11.42 ? 53  SER A C   1 
ATOM   406  O  O   . SER A 1 60 ? -0.813  -9.503  3.848   1.00 11.14 ? 53  SER A O   1 
ATOM   407  C  CB  . SER A 1 60 ? 1.460   -10.471 1.660   1.00 12.35 ? 53  SER A CB  1 
ATOM   408  O  OG  . SER A 1 60 ? 2.152   -10.077 2.835   1.00 11.64 ? 53  SER A OG  1 
ATOM   409  N  N   . GLU A 1 61 ? -1.093  -11.566 2.954   1.00 11.18 ? 54  GLU A N   1 
ATOM   410  C  CA  . GLU A 1 61 ? -1.588  -12.199 4.166   1.00 12.87 ? 54  GLU A CA  1 
ATOM   411  C  C   . GLU A 1 61 ? -0.606  -13.307 4.577   1.00 13.36 ? 54  GLU A C   1 
ATOM   412  O  O   . GLU A 1 61 ? -0.061  -14.013 3.723   1.00 12.40 ? 54  GLU A O   1 
ATOM   413  C  CB  . GLU A 1 61 ? -2.979  -12.775 3.892   1.00 15.05 ? 54  GLU A CB  1 
ATOM   414  C  CG  . GLU A 1 61 ? -3.590  -13.567 5.016   0.56 15.91 ? 54  GLU A CG  1 
ATOM   415  C  CD  . GLU A 1 61 ? -5.106  -13.572 4.930   0.12 18.01 ? 54  GLU A CD  1 
ATOM   416  O  OE1 . GLU A 1 61 ? -5.646  -13.088 3.912   0.48 19.24 ? 54  GLU A OE1 1 
ATOM   417  O  OE2 . GLU A 1 61 ? -5.753  -14.044 5.885   0.37 19.52 ? 54  GLU A OE2 1 
ATOM   418  N  N   . GLY A 1 62 ? -0.364  -13.460 5.877   1.00 12.17 ? 55  GLY A N   1 
ATOM   419  C  CA  . GLY A 1 62 ? 0.607   -14.440 6.325   1.00 10.39 ? 55  GLY A CA  1 
ATOM   420  C  C   . GLY A 1 62 ? 0.870   -14.461 7.814   1.00 10.67 ? 55  GLY A C   1 
ATOM   421  O  O   . GLY A 1 62 ? 0.361   -13.627 8.563   1.00 9.82  ? 55  GLY A O   1 
ATOM   422  N  N   . PRO A 1 63 ? 1.686   -15.424 8.259   1.00 10.58 ? 56  PRO A N   1 
ATOM   423  C  CA  . PRO A 1 63 ? 1.874   -15.579 9.705   1.00 9.71  ? 56  PRO A CA  1 
ATOM   424  C  C   . PRO A 1 63 ? 2.851   -14.568 10.293  1.00 10.03 ? 56  PRO A C   1 
ATOM   425  O  O   . PRO A 1 63 ? 2.742   -14.262 11.471  1.00 9.14  ? 56  PRO A O   1 
ATOM   426  C  CB  . PRO A 1 63 ? 2.432   -17.006 9.841   1.00 11.03 ? 56  PRO A CB  1 
ATOM   427  C  CG  . PRO A 1 63 ? 3.104   -17.276 8.521   1.00 13.53 ? 56  PRO A CG  1 
ATOM   428  C  CD  . PRO A 1 63 ? 2.328   -16.498 7.479   1.00 11.06 ? 56  PRO A CD  1 
ATOM   429  N  N   . SER A 1 64 ? 3.792   -14.064 9.502   1.00 11.35 ? 57  SER A N   1 
ATOM   430  C  CA  . SER A 1 64 ? 4.764   -13.107 10.023  1.00 11.38 ? 57  SER A CA  1 
ATOM   431  C  C   . SER A 1 64 ? 5.459   -12.392 8.892   1.00 9.79  ? 57  SER A C   1 
ATOM   432  O  O   . SER A 1 64 ? 5.393   -12.828 7.739   1.00 10.62 ? 57  SER A O   1 
ATOM   433  C  CB  . SER A 1 64 ? 5.834   -13.815 10.838  1.00 10.13 ? 57  SER A CB  1 
ATOM   434  O  OG  . SER A 1 64 ? 6.679   -14.565 9.984   1.00 8.98  ? 57  SER A OG  1 
ATOM   435  N  N   . ALA A 1 65 ? 6.144   -11.302 9.229   1.00 9.27  ? 58  ALA A N   1 
ATOM   436  C  CA  . ALA A 1 65 ? 6.973   -10.592 8.257   1.00 10.92 ? 58  ALA A CA  1 
ATOM   437  C  C   . ALA A 1 65 ? 8.156   -11.462 7.804   1.00 11.05 ? 58  ALA A C   1 
ATOM   438  O  O   . ALA A 1 65 ? 8.595   -11.397 6.645   1.00 11.05 ? 58  ALA A O   1 
ATOM   439  C  CB  . ALA A 1 65 ? 7.454   -9.273  8.845   1.00 10.47 ? 58  ALA A CB  1 
ATOM   440  N  N   . GLU A 1 66 ? 8.670   -12.277 8.720   1.00 11.15 ? 59  GLU A N   1 
ATOM   441  C  CA  . GLU A 1 66 ? 9.777   -13.165 8.405   1.00 11.09 ? 59  GLU A CA  1 
ATOM   442  C  C   . GLU A 1 66 ? 9.404   -14.079 7.262   1.00 10.00 ? 59  GLU A C   1 
ATOM   443  O  O   . GLU A 1 66 ? 10.172  -14.260 6.322   1.00 10.94 ? 59  GLU A O   1 
ATOM   444  C  CB  . GLU A 1 66 ? 10.138  -14.017 9.626   1.00 11.58 ? 59  GLU A CB  1 
ATOM   445  C  CG  . GLU A 1 66 ? 10.733  -13.228 10.752  1.00 13.54 ? 59  GLU A CG  1 
ATOM   446  C  CD  . GLU A 1 66 ? 11.088  -14.103 11.940  1.00 13.18 ? 59  GLU A CD  1 
ATOM   447  O  OE1 . GLU A 1 66 ? 10.720  -15.301 11.953  1.00 14.59 ? 59  GLU A OE1 1 
ATOM   448  O  OE2 . GLU A 1 66 ? 11.739  -13.584 12.861  1.00 17.42 ? 59  GLU A OE2 1 
ATOM   449  N  N   . ALA A 1 67 ? 8.218   -14.670 7.353   1.00 10.52 ? 60  ALA A N   1 
ATOM   450  C  CA  . ALA A 1 67 ? 7.755   -15.607 6.330   1.00 10.22 ? 60  ALA A CA  1 
ATOM   451  C  C   . ALA A 1 67 ? 7.649   -14.918 4.959   1.00 10.97 ? 60  ALA A C   1 
ATOM   452  O  O   . ALA A 1 67 ? 8.130   -15.438 3.933   1.00 10.32 ? 60  ALA A O   1 
ATOM   453  C  CB  . ALA A 1 67 ? 6.416   -16.203 6.740   1.00 9.33  ? 60  ALA A CB  1 
ATOM   454  N  N   . VAL A 1 68 ? 7.022   -13.739 4.955   1.00 9.79  ? 61  VAL A N   1 
ATOM   455  C  CA  . VAL A 1 68 ? 6.841   -12.969 3.731   1.00 9.70  ? 61  VAL A CA  1 
ATOM   456  C  C   . VAL A 1 68 ? 8.193   -12.694 3.083   1.00 11.36 ? 61  VAL A C   1 
ATOM   457  O  O   . VAL A 1 68 ? 8.380   -12.875 1.867   1.00 11.03 ? 61  VAL A O   1 
ATOM   458  C  CB  . VAL A 1 68 ? 6.139   -11.635 4.013   1.00 11.40 ? 61  VAL A CB  1 
ATOM   459  C  CG1 . VAL A 1 68 ? 6.021   -10.803 2.731   1.00 9.75  ? 61  VAL A CG1 1 
ATOM   460  C  CG2 . VAL A 1 68 ? 4.749   -11.873 4.624   1.00 9.04  ? 61  VAL A CG2 1 
ATOM   461  N  N   . GLN A 1 69 ? 9.144   -12.268 3.904   1.00 11.54 ? 62  GLN A N   1 
ATOM   462  C  CA  . GLN A 1 69 ? 10.472  -11.973 3.390   1.00 11.63 ? 62  GLN A CA  1 
ATOM   463  C  C   . GLN A 1 69 ? 11.203  -13.237 2.888   1.00 13.35 ? 62  GLN A C   1 
ATOM   464  O  O   . GLN A 1 69 ? 11.935  -13.176 1.900   1.00 14.04 ? 62  GLN A O   1 
ATOM   465  C  CB  . GLN A 1 69 ? 11.290  -11.213 4.437   1.00 14.64 ? 62  GLN A CB  1 
ATOM   466  C  CG  . GLN A 1 69 ? 12.365  -10.313 3.842   1.00 20.43 ? 62  GLN A CG  1 
ATOM   467  C  CD  . GLN A 1 69 ? 11.811  -9.103  3.075   1.00 20.82 ? 62  GLN A CD  1 
ATOM   468  O  OE1 . GLN A 1 69 ? 11.116  -9.248  2.058   1.00 17.99 ? 62  GLN A OE1 1 
ATOM   469  N  NE2 . GLN A 1 69 ? 12.147  -7.903  3.552   1.00 16.18 ? 62  GLN A NE2 1 
ATOM   470  N  N   . ARG A 1 70 ? 11.013  -14.374 3.555   1.00 11.69 ? 63  ARG A N   1 
ATOM   471  C  CA  . ARG A 1 70 ? 11.575  -15.626 3.050   1.00 12.54 ? 63  ARG A CA  1 
ATOM   472  C  C   . ARG A 1 70 ? 11.006  -15.952 1.662   1.00 12.09 ? 63  ARG A C   1 
ATOM   473  O  O   . ARG A 1 70 ? 11.744  -16.392 0.762   1.00 11.93 ? 63  ARG A O   1 
ATOM   474  C  CB  . ARG A 1 70 ? 11.330  -16.781 4.025   1.00 12.71 ? 63  ARG A CB  1 
ATOM   475  C  CG  . ARG A 1 70 ? 12.353  -16.877 5.160   1.00 13.35 ? 63  ARG A CG  1 
ATOM   476  C  CD  . ARG A 1 70 ? 12.220  -18.214 5.925   1.00 10.51 ? 63  ARG A CD  1 
ATOM   477  N  NE  . ARG A 1 70 ? 10.862  -18.461 6.408   1.00 12.34 ? 63  ARG A NE  1 
ATOM   478  C  CZ  . ARG A 1 70 ? 10.408  -18.082 7.604   1.00 12.78 ? 63  ARG A CZ  1 
ATOM   479  N  NH1 . ARG A 1 70 ? 11.204  -17.425 8.458   1.00 11.10 ? 63  ARG A NH1 1 
ATOM   480  N  NH2 . ARG A 1 70 ? 9.155   -18.359 7.958   1.00 11.71 ? 63  ARG A NH2 1 
ATOM   481  N  N   . VAL A 1 71 ? 9.705   -15.717 1.472   1.00 10.65 ? 64  VAL A N   1 
ATOM   482  C  CA  . VAL A 1 71 ? 9.117   -15.904 0.138   1.00 12.37 ? 64  VAL A CA  1 
ATOM   483  C  C   . VAL A 1 71 ? 9.729   -14.958 -0.899  1.00 12.82 ? 64  VAL A C   1 
ATOM   484  O  O   . VAL A 1 71 ? 10.123  -15.398 -1.990  1.00 12.81 ? 64  VAL A O   1 
ATOM   485  C  CB  . VAL A 1 71 ? 7.579   -15.766 0.130   1.00 12.67 ? 64  VAL A CB  1 
ATOM   486  C  CG1 . VAL A 1 71 ? 7.055   -15.819 -1.300  1.00 10.75 ? 64  VAL A CG1 1 
ATOM   487  C  CG2 . VAL A 1 71 ? 6.941   -16.868 0.978   1.00 11.39 ? 64  VAL A CG2 1 
ATOM   488  N  N   . HIS A 1 72 ? 9.806   -13.666 -0.575  1.00 11.11 ? 65  HIS A N   1 
ATOM   489  C  CA  . HIS A 1 72 ? 10.414  -12.706 -1.510  1.00 13.95 ? 65  HIS A CA  1 
ATOM   490  C  C   . HIS A 1 72 ? 11.843  -13.114 -1.870  1.00 13.80 ? 65  HIS A C   1 
ATOM   491  O  O   . HIS A 1 72 ? 12.280  -13.004 -3.018  1.00 13.90 ? 65  HIS A O   1 
ATOM   492  C  CB  . HIS A 1 72 ? 10.455  -11.294 -0.913  1.00 14.70 ? 65  HIS A CB  1 
ATOM   493  C  CG  . HIS A 1 72 ? 9.163   -10.550 -1.004  1.00 15.28 ? 65  HIS A CG  1 
ATOM   494  N  ND1 . HIS A 1 72 ? 8.366   -10.564 -2.138  1.00 16.53 ? 65  HIS A ND1 1 
ATOM   495  C  CD2 . HIS A 1 72 ? 8.527   -9.753  -0.112  1.00 14.32 ? 65  HIS A CD2 1 
ATOM   496  C  CE1 . HIS A 1 72 ? 7.304   -9.809  -1.930  1.00 14.61 ? 65  HIS A CE1 1 
ATOM   497  N  NE2 . HIS A 1 72 ? 7.374   -9.304  -0.711  1.00 14.12 ? 65  HIS A NE2 1 
ATOM   498  N  N   . GLU A 1 73 ? 12.572  -13.564 -0.866  1.00 11.67 ? 66  GLU A N   1 
ATOM   499  C  CA  . GLU A 1 73 ? 13.966  -13.954 -1.019  1.00 13.12 ? 66  GLU A CA  1 
ATOM   500  C  C   . GLU A 1 73 ? 14.080  -15.149 -1.969  1.00 13.13 ? 66  GLU A C   1 
ATOM   501  O  O   . GLU A 1 73 ? 14.875  -15.125 -2.913  1.00 13.82 ? 66  GLU A O   1 
ATOM   502  C  CB  . GLU A 1 73 ? 14.565  -14.272 0.354   1.00 15.53 ? 66  GLU A CB  1 
ATOM   503  C  CG  . GLU A 1 73 ? 15.973  -14.818 0.325   1.00 19.42 ? 66  GLU A CG  1 
ATOM   504  C  CD  . GLU A 1 73 ? 16.497  -15.093 1.717   0.15 19.33 ? 66  GLU A CD  1 
ATOM   505  O  OE1 . GLU A 1 73 ? 15.668  -15.360 2.616   0.67 20.06 ? 66  GLU A OE1 1 
ATOM   506  O  OE2 . GLU A 1 73 ? 17.728  -15.034 1.914   0.42 20.46 ? 66  GLU A OE2 1 
ATOM   507  N  N   . ARG A 1 74 ? 13.274  -16.182 -1.741  1.00 13.06 ? 67  ARG A N   1 
ATOM   508  C  CA  . ARG A 1 74 ? 13.266  -17.311 -2.668  1.00 14.95 ? 67  ARG A CA  1 
ATOM   509  C  C   . ARG A 1 74 ? 12.860  -16.891 -4.084  1.00 14.83 ? 67  ARG A C   1 
ATOM   510  O  O   . ARG A 1 74 ? 13.355  -17.442 -5.064  1.00 14.63 ? 67  ARG A O   1 
ATOM   511  C  CB  . ARG A 1 74 ? 12.370  -18.427 -2.149  1.00 12.76 ? 67  ARG A CB  1 
ATOM   512  C  CG  . ARG A 1 74 ? 12.915  -19.083 -0.898  1.00 14.19 ? 67  ARG A CG  1 
ATOM   513  C  CD  . ARG A 1 74 ? 11.918  -20.018 -0.237  1.00 12.59 ? 67  ARG A CD  1 
ATOM   514  N  NE  . ARG A 1 74 ? 12.498  -20.585 0.980   1.00 17.20 ? 67  ARG A NE  1 
ATOM   515  C  CZ  . ARG A 1 74 ? 11.897  -20.627 2.167   1.00 16.14 ? 67  ARG A CZ  1 
ATOM   516  N  NH1 . ARG A 1 74 ? 10.671  -20.139 2.323   1.00 16.91 ? 67  ARG A NH1 1 
ATOM   517  N  NH2 . ARG A 1 74 ? 12.529  -21.161 3.200   1.00 16.21 ? 67  ARG A NH2 1 
ATOM   518  N  N   . ALA A 1 75 ? 11.974  -15.903 -4.181  1.00 14.96 ? 68  ALA A N   1 
ATOM   519  C  CA  . ALA A 1 75 ? 11.470  -15.425 -5.473  1.00 14.35 ? 68  ALA A CA  1 
ATOM   520  C  C   . ALA A 1 75 ? 12.495  -14.551 -6.201  1.00 16.77 ? 68  ALA A C   1 
ATOM   521  O  O   . ALA A 1 75 ? 12.379  -14.308 -7.408  1.00 19.10 ? 68  ALA A O   1 
ATOM   522  C  CB  . ALA A 1 75 ? 10.157  -14.660 -5.280  1.00 12.25 ? 68  ALA A CB  1 
ATOM   523  N  N   . GLY A 1 76 ? 13.482  -14.056 -5.457  1.00 17.63 ? 69  GLY A N   1 
ATOM   524  C  CA  . GLY A 1 76 ? 14.596  -13.332 -6.046  1.00 17.43 ? 69  GLY A CA  1 
ATOM   525  C  C   . GLY A 1 76 ? 14.602  -11.828 -5.845  1.00 20.32 ? 69  GLY A C   1 
ATOM   526  O  O   . GLY A 1 76 ? 15.342  -11.106 -6.527  1.00 22.58 ? 69  GLY A O   1 
ATOM   527  N  N   . HIS A 1 77 ? 13.774  -11.342 -4.926  1.00 18.09 ? 70  HIS A N   1 
ATOM   528  C  CA  A HIS A 1 77 ? 13.677  -9.914  -4.660  0.52 17.90 ? 70  HIS A CA  1 
ATOM   529  C  CA  B HIS A 1 77 ? 13.780  -9.918  -4.607  0.48 17.90 ? 70  HIS A CA  1 
ATOM   530  C  C   . HIS A 1 77 ? 13.217  -9.606  -3.232  1.00 18.13 ? 70  HIS A C   1 
ATOM   531  O  O   . HIS A 1 77 ? 12.014  -9.457  -3.018  1.00 19.48 ? 70  HIS A O   1 
ATOM   532  C  CB  A HIS A 1 77 ? 12.718  -9.253  -5.670  0.52 18.99 ? 70  HIS A CB  1 
ATOM   533  C  CB  B HIS A 1 77 ? 13.096  -9.065  -5.677  0.48 19.04 ? 70  HIS A CB  1 
ATOM   534  C  CG  A HIS A 1 77 ? 11.493  -10.062 -5.983  0.52 18.26 ? 70  HIS A CG  1 
ATOM   535  C  CG  B HIS A 1 77 ? 13.604  -7.656  -5.719  0.48 19.26 ? 70  HIS A CG  1 
ATOM   536  N  ND1 A HIS A 1 77 ? 11.186  -10.488 -7.263  0.52 18.14 ? 70  HIS A ND1 1 
ATOM   537  N  ND1 B HIS A 1 77 ? 12.829  -6.590  -6.122  0.48 20.64 ? 70  HIS A ND1 1 
ATOM   538  C  CD2 A HIS A 1 77 ? 10.489  -10.522 -5.193  0.52 16.83 ? 70  HIS A CD2 1 
ATOM   539  C  CD2 B HIS A 1 77 ? 14.814  -7.141  -5.397  0.48 18.99 ? 70  HIS A CD2 1 
ATOM   540  C  CE1 A HIS A 1 77 ? 10.056  -11.169 -7.243  0.52 14.77 ? 70  HIS A CE1 1 
ATOM   541  C  CE1 B HIS A 1 77 ? 13.541  -5.480  -6.054  0.48 20.71 ? 70  HIS A CE1 1 
ATOM   542  N  NE2 A HIS A 1 77 ? 9.609   -11.205 -6.002  0.52 15.28 ? 70  HIS A NE2 1 
ATOM   543  N  NE2 B HIS A 1 77 ? 14.750  -5.787  -5.617  0.48 20.08 ? 70  HIS A NE2 1 
ATOM   544  N  N   . LYS A 1 78 ? 14.142  -9.508  -2.281  1.00 15.58 ? 71  LYS A N   1 
ATOM   545  C  CA  . LYS A 1 78 ? 13.794  -9.132  -0.918  1.00 18.34 ? 71  LYS A CA  1 
ATOM   546  C  C   . LYS A 1 78 ? 13.171  -7.730  -0.933  1.00 17.11 ? 71  LYS A C   1 
ATOM   547  O  O   . LYS A 1 78 ? 13.586  -6.864  -1.718  1.00 16.49 ? 71  LYS A O   1 
ATOM   548  C  CB  . LYS A 1 78 ? 15.050  -9.158  -0.038  1.00 20.78 ? 71  LYS A CB  1 
ATOM   549  C  CG  . LYS A 1 78 ? 14.796  -9.137  1.459   1.00 22.56 ? 71  LYS A CG  1 
ATOM   550  C  CD  . LYS A 1 78 ? 16.089  -9.378  2.256   1.00 26.83 ? 71  LYS A CD  1 
ATOM   551  C  CE  . LYS A 1 78 ? 16.050  -10.711 3.017   1.00 33.83 ? 71  LYS A CE  1 
ATOM   552  N  NZ  . LYS A 1 78 ? 17.408  -11.172 3.478   1.00 42.07 ? 71  LYS A NZ  1 
ATOM   553  N  N   . ALA A 1 79 ? 12.157  -7.516  -0.097  1.00 14.64 ? 72  ALA A N   1 
ATOM   554  C  CA  . ALA A 1 79 ? 11.543  -6.190  0.030   1.00 13.59 ? 72  ALA A CA  1 
ATOM   555  C  C   . ALA A 1 79 ? 12.446  -5.291  0.864   1.00 13.89 ? 72  ALA A C   1 
ATOM   556  O  O   . ALA A 1 79 ? 13.099  -5.768  1.792   1.00 12.83 ? 72  ALA A O   1 
ATOM   557  C  CB  . ALA A 1 79 ? 10.175  -6.301  0.674   1.00 13.22 ? 72  ALA A CB  1 
ATOM   558  N  N   . ASP A 1 80 ? 12.478  -3.996  0.559   1.00 12.42 ? 73  ASP A N   1 
ATOM   559  C  CA  . ASP A 1 80 ? 13.302  -3.069  1.337   1.00 13.11 ? 73  ASP A CA  1 
ATOM   560  C  C   . ASP A 1 80 ? 12.655  -2.738  2.667   1.00 12.90 ? 73  ASP A C   1 
ATOM   561  O  O   . ASP A 1 80 ? 13.345  -2.462  3.649   1.00 11.16 ? 73  ASP A O   1 
ATOM   562  C  CB  . ASP A 1 80 ? 13.569  -1.788  0.552   1.00 13.31 ? 73  ASP A CB  1 
ATOM   563  C  CG  . ASP A 1 80 ? 14.212  -2.066  -0.786  1.00 13.58 ? 73  ASP A CG  1 
ATOM   564  O  OD1 . ASP A 1 80 ? 15.388  -2.490  -0.798  1.00 13.49 ? 73  ASP A OD1 1 
ATOM   565  O  OD2 . ASP A 1 80 ? 13.529  -1.892  -1.816  1.00 14.47 ? 73  ASP A OD2 1 
ATOM   566  N  N   . GLU A 1 81 ? 11.325  -2.762  2.699   1.00 9.88  ? 74  GLU A N   1 
ATOM   567  C  CA  . GLU A 1 81 ? 10.641  -2.642  3.984   1.00 11.60 ? 74  GLU A CA  1 
ATOM   568  C  C   . GLU A 1 81 ? 9.437   -3.539  4.032   1.00 10.93 ? 74  GLU A C   1 
ATOM   569  O  O   . GLU A 1 81 ? 8.785   -3.748  3.021   1.00 10.35 ? 74  GLU A O   1 
ATOM   570  C  CB  . GLU A 1 81 ? 10.160  -1.207  4.225   1.00 12.55 ? 74  GLU A CB  1 
ATOM   571  C  CG  . GLU A 1 81 ? 11.258  -0.179  4.304   1.00 14.05 ? 74  GLU A CG  1 
ATOM   572  C  CD  . GLU A 1 81 ? 10.753  1.130   4.858   1.00 13.26 ? 74  GLU A CD  1 
ATOM   573  O  OE1 . GLU A 1 81 ? 10.219  1.099   5.988   1.00 12.76 ? 74  GLU A OE1 1 
ATOM   574  O  OE2 . GLU A 1 81 ? 10.866  2.165   4.157   1.00 14.06 ? 74  GLU A OE2 1 
ATOM   575  N  N   . ILE A 1 82 ? 9.123   -4.035  5.220   1.00 10.92 ? 75  ILE A N   1 
ATOM   576  C  CA  . ILE A 1 82 ? 7.901   -4.790  5.427   1.00 11.48 ? 75  ILE A CA  1 
ATOM   577  C  C   . ILE A 1 82 ? 7.293   -4.449  6.791   1.00 12.07 ? 75  ILE A C   1 
ATOM   578  O  O   . ILE A 1 82 ? 7.978   -4.488  7.821   1.00 12.69 ? 75  ILE A O   1 
ATOM   579  C  CB  . ILE A 1 82 ? 8.129   -6.309  5.284   1.00 9.83  ? 75  ILE A CB  1 
ATOM   580  C  CG1 . ILE A 1 82 ? 6.882   -7.055  5.725   1.00 10.41 ? 75  ILE A CG1 1 
ATOM   581  C  CG2 . ILE A 1 82 ? 9.323   -6.778  6.119   1.00 11.72 ? 75  ILE A CG2 1 
ATOM   582  C  CD1 . ILE A 1 82 ? 6.801   -8.414  5.139   1.00 11.58 ? 75  ILE A CD1 1 
ATOM   583  N  N   . HIS A 1 83 ? 6.010   -4.096  6.786   1.00 11.31 ? 76  HIS A N   1 
ATOM   584  C  CA  . HIS A 1 83 ? 5.324   -3.674  8.003   1.00 11.44 ? 76  HIS A CA  1 
ATOM   585  C  C   . HIS A 1 83 ? 4.024   -4.443  8.179   1.00 10.00 ? 76  HIS A C   1 
ATOM   586  O  O   . HIS A 1 83 ? 3.300   -4.647  7.212   1.00 9.91  ? 76  HIS A O   1 
ATOM   587  C  CB  . HIS A 1 83 ? 5.001   -2.178  7.923   1.00 9.13  ? 76  HIS A CB  1 
ATOM   588  C  CG  . HIS A 1 83 ? 6.210   -1.296  7.866   1.00 10.82 ? 76  HIS A CG  1 
ATOM   589  N  ND1 . HIS A 1 83 ? 6.875   -0.865  8.994   1.00 12.06 ? 76  HIS A ND1 1 
ATOM   590  C  CD2 . HIS A 1 83 ? 6.867   -0.749  6.814   1.00 12.11 ? 76  HIS A CD2 1 
ATOM   591  C  CE1 . HIS A 1 83 ? 7.893   -0.103  8.641   1.00 12.90 ? 76  HIS A CE1 1 
ATOM   592  N  NE2 . HIS A 1 83 ? 7.909   -0.011  7.326   1.00 12.95 ? 76  HIS A NE2 1 
ATOM   593  N  N   . GLU A 1 84 ? 3.710   -4.862  9.401   1.00 10.35 ? 77  GLU A N   1 
ATOM   594  C  CA  . GLU A 1 84 ? 2.419   -5.510  9.620   1.00 10.46 ? 77  GLU A CA  1 
ATOM   595  C  C   . GLU A 1 84 ? 1.346   -4.427  9.632   1.00 9.54  ? 77  GLU A C   1 
ATOM   596  O  O   . GLU A 1 84 ? 1.532   -3.368  10.236  1.00 8.64  ? 77  GLU A O   1 
ATOM   597  C  CB  . GLU A 1 84 ? 2.396   -6.283  10.944  1.00 9.04  ? 77  GLU A CB  1 
ATOM   598  C  CG  . GLU A 1 84 ? 1.240   -7.294  11.060  1.00 9.86  ? 77  GLU A CG  1 
ATOM   599  C  CD  . GLU A 1 84 ? 1.214   -8.010  12.410  1.00 10.27 ? 77  GLU A CD  1 
ATOM   600  O  OE1 . GLU A 1 84 ? 2.288   -8.149  13.027  1.00 11.33 ? 77  GLU A OE1 1 
ATOM   601  O  OE2 . GLU A 1 84 ? 0.123   -8.427  12.859  1.00 10.11 ? 77  GLU A OE2 1 
ATOM   602  N  N   . VAL A 1 85 ? 0.222   -4.691  8.975   1.00 8.91  ? 78  VAL A N   1 
ATOM   603  C  CA  . VAL A 1 85 ? -0.908  -3.765  9.016   1.00 10.19 ? 78  VAL A CA  1 
ATOM   604  C  C   . VAL A 1 85 ? -2.127  -4.438  9.663   1.00 9.49  ? 78  VAL A C   1 
ATOM   605  O  O   . VAL A 1 85 ? -3.057  -4.855  8.973   1.00 8.96  ? 78  VAL A O   1 
ATOM   606  C  CB  . VAL A 1 85 ? -1.237  -3.195  7.603   1.00 9.68  ? 78  VAL A CB  1 
ATOM   607  C  CG1 . VAL A 1 85 ? -0.195  -2.154  7.191   1.00 9.24  ? 78  VAL A CG1 1 
ATOM   608  C  CG2 . VAL A 1 85 ? -1.279  -4.314  6.558   1.00 11.50 ? 78  VAL A CG2 1 
ATOM   609  N  N   . PRO A 1 86 ? -2.130  -4.530  11.008  1.00 9.37  ? 79  PRO A N   1 
ATOM   610  C  CA  . PRO A 1 86 ? -3.211  -5.276  11.671  1.00 9.93  ? 79  PRO A CA  1 
ATOM   611  C  C   . PRO A 1 86 ? -4.580  -4.604  11.544  1.00 10.62 ? 79  PRO A C   1 
ATOM   612  O  O   . PRO A 1 86 ? -5.605  -5.239  11.819  1.00 10.87 ? 79  PRO A O   1 
ATOM   613  C  CB  . PRO A 1 86 ? -2.768  -5.322  13.143  1.00 10.96 ? 79  PRO A CB  1 
ATOM   614  C  CG  . PRO A 1 86 ? -1.832  -4.142  13.313  1.00 9.69  ? 79  PRO A CG  1 
ATOM   615  C  CD  . PRO A 1 86 ? -1.204  -3.884  11.960  1.00 8.41  ? 79  PRO A CD  1 
ATOM   616  N  N   . LEU A 1 87 ? -4.604  -3.342  11.123  1.00 9.20  ? 80  LEU A N   1 
ATOM   617  C  CA  . LEU A 1 87 ? -5.854  -2.598  11.085  1.00 11.28 ? 80  LEU A CA  1 
ATOM   618  C  C   . LEU A 1 87 ? -6.177  -2.187  9.655   1.00 11.46 ? 80  LEU A C   1 
ATOM   619  O  O   . LEU A 1 87 ? -5.289  -1.773  8.902   1.00 10.42 ? 80  LEU A O   1 
ATOM   620  C  CB  . LEU A 1 87 ? -5.771  -1.346  11.957  1.00 10.26 ? 80  LEU A CB  1 
ATOM   621  C  CG  . LEU A 1 87 ? -5.438  -1.477  13.437  1.00 11.14 ? 80  LEU A CG  1 
ATOM   622  C  CD1 . LEU A 1 87 ? -5.429  -0.093  14.071  1.00 14.03 ? 80  LEU A CD1 1 
ATOM   623  C  CD2 . LEU A 1 87 ? -6.443  -2.355  14.121  1.00 11.73 ? 80  LEU A CD2 1 
ATOM   624  N  N   . SER A 1 88 ? -7.450  -2.287  9.284   1.00 10.47 ? 81  SER A N   1 
ATOM   625  C  CA  . SER A 1 88 ? -7.863  -1.954  7.931   1.00 12.04 ? 81  SER A CA  1 
ATOM   626  C  C   . SER A 1 88 ? -9.226  -1.292  7.994   1.00 12.99 ? 81  SER A C   1 
ATOM   627  O  O   . SER A 1 88 ? -9.997  -1.544  8.926   1.00 11.97 ? 81  SER A O   1 
ATOM   628  C  CB  . SER A 1 88 ? -7.927  -3.210  7.074   1.00 12.30 ? 81  SER A CB  1 
ATOM   629  O  OG  . SER A 1 88 ? -8.886  -4.113  7.596   1.00 14.75 ? 81  SER A OG  1 
ATOM   630  N  N   . ALA A 1 89 ? -9.518  -0.446  7.009   1.00 11.24 ? 82  ALA A N   1 
ATOM   631  C  CA  . ALA A 1 89 ? -10.810 0.235   6.923   1.00 12.18 ? 82  ALA A CA  1 
ATOM   632  C  C   . ALA A 1 89 ? -11.210 0.441   5.472   1.00 13.47 ? 82  ALA A C   1 
ATOM   633  O  O   . ALA A 1 89 ? -10.358 0.401   4.574   1.00 13.53 ? 82  ALA A O   1 
ATOM   634  C  CB  . ALA A 1 89 ? -10.762 1.571   7.634   1.00 8.91  ? 82  ALA A CB  1 
ATOM   635  O  OXT . ALA A 1 89 ? -12.387 0.679   5.179   1.00 12.42 ? 82  ALA A OXT 1 
ATOM   636  N  N   . ALA B 1 9  ? -7.330  7.372   -12.485 1.00 7.88  ? 2   ALA B N   1 
ATOM   637  C  CA  . ALA B 1 9  ? -6.007  6.935   -12.021 1.00 11.39 ? 2   ALA B CA  1 
ATOM   638  C  C   . ALA B 1 9  ? -6.066  6.380   -10.598 1.00 11.80 ? 2   ALA B C   1 
ATOM   639  O  O   . ALA B 1 9  ? -7.009  6.681   -9.854  1.00 11.42 ? 2   ALA B O   1 
ATOM   640  C  CB  . ALA B 1 9  ? -5.014  8.090   -12.092 1.00 10.46 ? 2   ALA B CB  1 
ATOM   641  N  N   . HIS B 1 10 ? -5.065  5.582   -10.211 1.00 9.93  ? 3   HIS B N   1 
ATOM   642  C  CA  . HIS B 1 10 ? -4.977  5.083   -8.829  1.00 10.73 ? 3   HIS B CA  1 
ATOM   643  C  C   . HIS B 1 10 ? -3.734  5.618   -8.112  1.00 11.42 ? 3   HIS B C   1 
ATOM   644  O  O   . HIS B 1 10 ? -2.698  5.876   -8.744  1.00 10.59 ? 3   HIS B O   1 
ATOM   645  C  CB  . HIS B 1 10 ? -4.946  3.552   -8.774  1.00 11.09 ? 3   HIS B CB  1 
ATOM   646  C  CG  . HIS B 1 10 ? -6.265  2.898   -9.026  1.00 12.15 ? 3   HIS B CG  1 
ATOM   647  N  ND1 . HIS B 1 10 ? -6.797  2.748   -10.293 1.00 12.18 ? 3   HIS B ND1 1 
ATOM   648  C  CD2 . HIS B 1 10 ? -7.150  2.314   -8.177  1.00 11.99 ? 3   HIS B CD2 1 
ATOM   649  C  CE1 . HIS B 1 10 ? -7.956  2.119   -10.208 1.00 12.67 ? 3   HIS B CE1 1 
ATOM   650  N  NE2 . HIS B 1 10 ? -8.192  1.840   -8.938  1.00 11.23 ? 3   HIS B NE2 1 
ATOM   651  N  N   . PHE B 1 11 ? -3.837  5.753   -6.789  1.00 10.41 ? 4   PHE B N   1 
ATOM   652  C  CA  . PHE B 1 11 ? -2.764  6.323   -5.971  1.00 10.75 ? 4   PHE B CA  1 
ATOM   653  C  C   . PHE B 1 11 ? -2.611  5.564   -4.654  1.00 9.95  ? 4   PHE B C   1 
ATOM   654  O  O   . PHE B 1 11 ? -3.598  5.095   -4.071  1.00 8.30  ? 4   PHE B O   1 
ATOM   655  C  CB  . PHE B 1 11 ? -3.038  7.815   -5.701  1.00 11.40 ? 4   PHE B CB  1 
ATOM   656  C  CG  . PHE B 1 11 ? -3.283  8.611   -6.960  1.00 11.05 ? 4   PHE B CG  1 
ATOM   657  C  CD1 . PHE B 1 11 ? -4.560  8.688   -7.514  1.00 10.97 ? 4   PHE B CD1 1 
ATOM   658  C  CD2 . PHE B 1 11 ? -2.232  9.250   -7.603  1.00 9.21  ? 4   PHE B CD2 1 
ATOM   659  C  CE1 . PHE B 1 11 ? -4.784  9.391   -8.688  1.00 11.37 ? 4   PHE B CE1 1 
ATOM   660  C  CE2 . PHE B 1 11 ? -2.449  9.956   -8.787  1.00 12.19 ? 4   PHE B CE2 1 
ATOM   661  C  CZ  . PHE B 1 11 ? -3.723  10.029  -9.322  1.00 11.67 ? 4   PHE B CZ  1 
HETATM 662  N  N   . MSE B 1 12 ? -1.361  5.418   -4.215  1.00 10.21 ? 5   MSE B N   1 
HETATM 663  C  CA  . MSE B 1 12 ? -1.076  4.939   -2.867  1.00 10.85 ? 5   MSE B CA  1 
HETATM 664  C  C   . MSE B 1 12 ? -0.479  6.130   -2.150  1.00 12.14 ? 5   MSE B C   1 
HETATM 665  O  O   . MSE B 1 12 ? 0.476   6.748   -2.643  1.00 12.11 ? 5   MSE B O   1 
HETATM 666  C  CB  . MSE B 1 12 ? -0.068  3.779   -2.877  1.00 10.64 ? 5   MSE B CB  1 
HETATM 667  C  CG  . MSE B 1 12 ? 0.238   3.221   -1.465  1.00 12.91 ? 5   MSE B CG  1 
HETATM 668  SE SE  . MSE B 1 12 ? -1.320  2.253   -0.722  1.00 12.87 ? 5   MSE B SE  1 
HETATM 669  C  CE  . MSE B 1 12 ? -1.124  0.584   -1.734  1.00 12.35 ? 5   MSE B CE  1 
ATOM   670  N  N   . ASP B 1 13 ? -1.053  6.484   -1.010  1.00 11.56 ? 6   ASP B N   1 
ATOM   671  C  CA  . ASP B 1 13 ? -0.505  7.572   -0.227  1.00 11.36 ? 6   ASP B CA  1 
ATOM   672  C  C   . ASP B 1 13 ? -0.194  7.106   1.190   1.00 10.88 ? 6   ASP B C   1 
ATOM   673  O  O   . ASP B 1 13 ? -0.769  6.139   1.686   1.00 11.14 ? 6   ASP B O   1 
ATOM   674  C  CB  . ASP B 1 13 ? -1.398  8.836   -0.273  1.00 11.55 ? 6   ASP B CB  1 
ATOM   675  C  CG  . ASP B 1 13 ? -2.672  8.719   0.579   1.00 15.26 ? 6   ASP B CG  1 
ATOM   676  O  OD1 . ASP B 1 13 ? -2.581  8.495   1.816   1.00 13.67 ? 6   ASP B OD1 1 
ATOM   677  O  OD2 . ASP B 1 13 ? -3.774  8.883   0.003   1.00 12.17 ? 6   ASP B OD2 1 
ATOM   678  N  N   . VAL B 1 14 ? 0.741   7.794   1.825   1.00 11.85 ? 7   VAL B N   1 
ATOM   679  C  CA  . VAL B 1 14 ? 1.212   7.444   3.149   1.00 12.83 ? 7   VAL B CA  1 
ATOM   680  C  C   . VAL B 1 14 ? 1.104   8.650   4.074   1.00 17.21 ? 7   VAL B C   1 
ATOM   681  O  O   . VAL B 1 14 ? 1.446   9.787   3.670   1.00 13.18 ? 7   VAL B O   1 
ATOM   682  C  CB  . VAL B 1 14 ? 2.671   6.990   3.076   1.00 14.68 ? 7   VAL B CB  1 
ATOM   683  C  CG1 . VAL B 1 14 ? 3.173   6.578   4.464   1.00 16.83 ? 7   VAL B CG1 1 
ATOM   684  C  CG2 . VAL B 1 14 ? 2.806   5.838   2.094   1.00 14.32 ? 7   VAL B CG2 1 
ATOM   685  N  N   . HIS B 1 15 ? 0.581   8.393   5.283   1.00 13.21 ? 8   HIS B N   1 
ATOM   686  C  CA  . HIS B 1 15 ? 0.622   9.329   6.404   1.00 15.13 ? 8   HIS B CA  1 
ATOM   687  C  C   . HIS B 1 15 ? 1.529   8.700   7.454   1.00 18.89 ? 8   HIS B C   1 
ATOM   688  O  O   . HIS B 1 15 ? 1.285   7.561   7.868   1.00 18.30 ? 8   HIS B O   1 
ATOM   689  C  CB  . HIS B 1 15 ? -0.755  9.506   7.060   1.00 16.81 ? 8   HIS B CB  1 
ATOM   690  C  CG  . HIS B 1 15 ? -1.803  10.094  6.167   1.00 19.99 ? 8   HIS B CG  1 
ATOM   691  N  ND1 . HIS B 1 15 ? -2.496  9.349   5.237   1.00 19.97 ? 8   HIS B ND1 1 
ATOM   692  C  CD2 . HIS B 1 15 ? -2.295  11.355  6.087   1.00 17.78 ? 8   HIS B CD2 1 
ATOM   693  C  CE1 . HIS B 1 15 ? -3.361  10.130  4.610   1.00 20.04 ? 8   HIS B CE1 1 
ATOM   694  N  NE2 . HIS B 1 15 ? -3.261  11.346  5.107   1.00 21.28 ? 8   HIS B NE2 1 
ATOM   695  N  N   . ARG B 1 16 ? 2.555   9.426   7.895   1.00 17.70 ? 9   ARG B N   1 
ATOM   696  C  CA  . ARG B 1 16 ? 3.508   8.883   8.865   1.00 19.11 ? 9   ARG B CA  1 
ATOM   697  C  C   . ARG B 1 16 ? 3.384   9.585   10.208  1.00 21.30 ? 9   ARG B C   1 
ATOM   698  O  O   . ARG B 1 16 ? 2.653   10.573  10.344  1.00 20.50 ? 9   ARG B O   1 
ATOM   699  C  CB  . ARG B 1 16 ? 4.947   9.019   8.352   1.00 20.20 ? 9   ARG B CB  1 
ATOM   700  C  CG  . ARG B 1 16 ? 5.208   8.435   6.979   1.00 20.99 ? 9   ARG B CG  1 
ATOM   701  C  CD  . ARG B 1 16 ? 6.695   8.520   6.597   1.00 20.83 ? 9   ARG B CD  1 
ATOM   702  N  NE  . ARG B 1 16 ? 7.028   9.686   5.773   1.00 22.05 ? 9   ARG B NE  1 
ATOM   703  C  CZ  . ARG B 1 16 ? 7.320   9.619   4.475   1.00 20.99 ? 9   ARG B CZ  1 
ATOM   704  N  NH1 . ARG B 1 16 ? 7.318   8.447   3.857   1.00 20.46 ? 9   ARG B NH1 1 
ATOM   705  N  NH2 . ARG B 1 16 ? 7.614   10.718  3.788   1.00 23.08 ? 9   ARG B NH2 1 
ATOM   706  N  N   . GLY B 1 17 ? 4.100   9.070   11.206  1.00 22.26 ? 10  GLY B N   1 
ATOM   707  C  CA  . GLY B 1 17 ? 4.119   9.683   12.521  1.00 19.60 ? 10  GLY B CA  1 
ATOM   708  C  C   . GLY B 1 17 ? 2.781   9.727   13.237  1.00 25.72 ? 10  GLY B C   1 
ATOM   709  O  O   . GLY B 1 17 ? 2.511   10.665  13.995  1.00 30.13 ? 10  GLY B O   1 
HETATM 710  N  N   . MSE B 1 18 ? 1.939   8.720   13.013  1.00 25.43 ? 11  MSE B N   1 
HETATM 711  C  CA  . MSE B 1 18 ? 0.648   8.661   13.694  1.00 26.10 ? 11  MSE B CA  1 
HETATM 712  C  C   . MSE B 1 18 ? 0.808   8.167   15.136  1.00 29.96 ? 11  MSE B C   1 
HETATM 713  O  O   . MSE B 1 18 ? 1.550   7.220   15.404  1.00 27.19 ? 11  MSE B O   1 
HETATM 714  C  CB  . MSE B 1 18 ? -0.334  7.761   12.937  1.00 27.45 ? 11  MSE B CB  1 
HETATM 715  C  CG  . MSE B 1 18 ? -0.679  8.226   11.526  1.00 26.70 ? 11  MSE B CG  1 
HETATM 716  SE SE  . MSE B 1 18 ? -1.677  9.898   11.542  1.00 56.24 ? 11  MSE B SE  1 
HETATM 717  C  CE  . MSE B 1 18 ? -0.510  10.915  10.337  1.00 20.49 ? 11  MSE B CE  1 
ATOM   718  N  N   . HIS B 1 19 ? 0.100   8.809   16.059  1.00 29.34 ? 12  HIS B N   1 
ATOM   719  C  CA  . HIS B 1 19 ? 0.209   8.492   17.482  1.00 31.07 ? 12  HIS B CA  1 
ATOM   720  C  C   . HIS B 1 19 ? -0.958  7.617   17.977  1.00 31.22 ? 12  HIS B C   1 
ATOM   721  O  O   . HIS B 1 19 ? -2.119  8.043   17.973  1.00 32.67 ? 12  HIS B O   1 
ATOM   722  C  CB  . HIS B 1 19 ? 0.340   9.802   18.280  1.00 29.06 ? 12  HIS B CB  1 
ATOM   723  C  CG  . HIS B 1 19 ? -0.126  9.718   19.700  1.00 31.56 ? 12  HIS B CG  1 
ATOM   724  N  ND1 . HIS B 1 19 ? 0.533   8.981   20.661  1.00 33.58 ? 12  HIS B ND1 1 
ATOM   725  C  CD2 . HIS B 1 19 ? -1.173  10.306  20.327  1.00 31.77 ? 12  HIS B CD2 1 
ATOM   726  C  CE1 . HIS B 1 19 ? -0.099  9.105   21.816  1.00 36.29 ? 12  HIS B CE1 1 
ATOM   727  N  NE2 . HIS B 1 19 ? -1.135  9.903   21.641  1.00 37.38 ? 12  HIS B NE2 1 
ATOM   728  N  N   . GLY B 1 20 ? -0.633  6.385   18.373  0.73 28.28 ? 13  GLY B N   1 
ATOM   729  C  CA  . GLY B 1 20 ? -1.596  5.447   18.939  0.44 25.91 ? 13  GLY B CA  1 
ATOM   730  C  C   . GLY B 1 20 ? -2.871  5.189   18.143  0.55 23.00 ? 13  GLY B C   1 
ATOM   731  O  O   . GLY B 1 20 ? -3.972  5.331   18.680  0.64 23.06 ? 13  GLY B O   1 
ATOM   732  N  N   . ILE B 1 21 ? -2.728  4.810   16.873  1.00 20.13 ? 14  ILE B N   1 
ATOM   733  C  CA  . ILE B 1 21 ? -3.871  4.512   16.019  1.00 18.43 ? 14  ILE B CA  1 
ATOM   734  C  C   . ILE B 1 21 ? -4.615  3.297   16.539  1.00 15.76 ? 14  ILE B C   1 
ATOM   735  O  O   . ILE B 1 21 ? -4.006  2.257   16.770  1.00 13.03 ? 14  ILE B O   1 
ATOM   736  C  CB  . ILE B 1 21 ? -3.437  4.112   14.584  1.00 18.62 ? 14  ILE B CB  1 
ATOM   737  C  CG1 . ILE B 1 21 ? -2.503  5.142   13.969  1.00 20.29 ? 14  ILE B CG1 1 
ATOM   738  C  CG2 . ILE B 1 21 ? -4.654  3.920   13.699  1.00 19.70 ? 14  ILE B CG2 1 
ATOM   739  C  CD1 . ILE B 1 21 ? -2.069  4.782   12.549  1.00 19.79 ? 14  ILE B CD1 1 
ATOM   740  N  N   . THR B 1 22 ? -5.931  3.419   16.683  1.00 14.48 ? 15  THR B N   1 
ATOM   741  C  CA  . THR B 1 22 ? -6.801  2.285   16.998  1.00 14.18 ? 15  THR B CA  1 
ATOM   742  C  C   . THR B 1 22 ? -7.721  2.042   15.797  1.00 14.23 ? 15  THR B C   1 
ATOM   743  O  O   . THR B 1 22 ? -7.813  2.887   14.898  1.00 13.46 ? 15  THR B O   1 
ATOM   744  C  CB  . THR B 1 22 ? -7.696  2.602   18.194  1.00 14.22 ? 15  THR B CB  1 
ATOM   745  O  OG1 . THR B 1 22 ? -8.443  3.785   17.893  1.00 14.62 ? 15  THR B OG1 1 
ATOM   746  C  CG2 . THR B 1 22 ? -6.870  2.843   19.453  1.00 13.55 ? 15  THR B CG2 1 
ATOM   747  N  N   . SER B 1 23 ? -8.425  0.914   15.777  1.00 13.41 ? 16  SER B N   1 
ATOM   748  C  CA  . SER B 1 23 ? -9.356  0.670   14.674  1.00 13.04 ? 16  SER B CA  1 
ATOM   749  C  C   . SER B 1 23 ? -10.409 1.765   14.609  1.00 13.81 ? 16  SER B C   1 
ATOM   750  O  O   . SER B 1 23 ? -10.771 2.197   13.521  1.00 10.85 ? 16  SER B O   1 
ATOM   751  C  CB  . SER B 1 23 ? -10.021 -0.694  14.790  1.00 14.08 ? 16  SER B CB  1 
ATOM   752  O  OG  . SER B 1 23 ? -10.548 -0.878  16.092  1.00 20.22 ? 16  SER B OG  1 
ATOM   753  N  N   . ASP B 1 24 ? -10.900 2.212   15.768  1.00 14.55 ? 17  ASP B N   1 
ATOM   754  C  CA  . ASP B 1 24 ? -11.843 3.335   15.813  1.00 15.58 ? 17  ASP B CA  1 
ATOM   755  C  C   . ASP B 1 24 ? -11.293 4.588   15.133  1.00 11.99 ? 17  ASP B C   1 
ATOM   756  O  O   . ASP B 1 24 ? -11.978 5.212   14.317  1.00 14.18 ? 17  ASP B O   1 
ATOM   757  C  CB  . ASP B 1 24 ? -12.238 3.661   17.260  1.00 17.67 ? 17  ASP B CB  1 
ATOM   758  C  CG  . ASP B 1 24 ? -13.158 2.606   17.870  1.00 22.19 ? 17  ASP B CG  1 
ATOM   759  O  OD1 . ASP B 1 24 ? -13.560 1.669   17.141  1.00 22.84 ? 17  ASP B OD1 1 
ATOM   760  O  OD2 . ASP B 1 24 ? -13.484 2.720   19.076  1.00 19.90 ? 17  ASP B OD2 1 
ATOM   761  N  N   . GLN B 1 25 ? -10.060 4.959   15.479  1.00 13.41 ? 18  GLN B N   1 
ATOM   762  C  CA  . GLN B 1 25 ? -9.418  6.138   14.890  1.00 13.30 ? 18  GLN B CA  1 
ATOM   763  C  C   . GLN B 1 25 ? -9.197  5.992   13.392  1.00 12.42 ? 18  GLN B C   1 
ATOM   764  O  O   . GLN B 1 25 ? -9.429  6.932   12.644  1.00 11.38 ? 18  GLN B O   1 
ATOM   765  C  CB  . GLN B 1 25 ? -8.094  6.459   15.593  1.00 15.63 ? 18  GLN B CB  1 
ATOM   766  C  CG  . GLN B 1 25 ? -8.278  7.142   16.935  1.00 18.93 ? 18  GLN B CG  1 
ATOM   767  C  CD  . GLN B 1 25 ? -7.015  7.157   17.791  1.00 24.14 ? 18  GLN B CD  1 
ATOM   768  O  OE1 . GLN B 1 25 ? -5.924  6.790   17.336  1.00 25.19 ? 18  GLN B OE1 1 
ATOM   769  N  NE2 . GLN B 1 25 ? -7.163  7.588   19.045  1.00 21.18 ? 18  GLN B NE2 1 
ATOM   770  N  N   . LEU B 1 26 ? -8.742  4.817   12.958  1.00 12.91 ? 19  LEU B N   1 
ATOM   771  C  CA  . LEU B 1 26 ? -8.585  4.541   11.527  1.00 11.71 ? 19  LEU B CA  1 
ATOM   772  C  C   . LEU B 1 26 ? -9.915  4.642   10.797  1.00 10.55 ? 19  LEU B C   1 
ATOM   773  O  O   . LEU B 1 26 ? -10.000 5.217   9.707   1.00 9.13  ? 19  LEU B O   1 
ATOM   774  C  CB  . LEU B 1 26 ? -7.987  3.144   11.284  1.00 10.14 ? 19  LEU B CB  1 
ATOM   775  C  CG  . LEU B 1 26 ? -7.808  2.867   9.784   1.00 10.60 ? 19  LEU B CG  1 
ATOM   776  C  CD1 . LEU B 1 26 ? -6.866  3.905   9.194   1.00 9.71  ? 19  LEU B CD1 1 
ATOM   777  C  CD2 . LEU B 1 26 ? -7.311  1.439   9.493   1.00 8.98  ? 19  LEU B CD2 1 
ATOM   778  N  N   . HIS B 1 27 ? -10.947 4.045   11.395  1.00 9.83  ? 20  HIS B N   1 
ATOM   779  C  CA  . HIS B 1 27 ? -12.295 4.090   10.835  1.00 12.45 ? 20  HIS B CA  1 
ATOM   780  C  C   . HIS B 1 27 ? -12.720 5.538   10.653  1.00 12.36 ? 20  HIS B C   1 
ATOM   781  O  O   . HIS B 1 27 ? -13.284 5.907   9.613   1.00 11.56 ? 20  HIS B O   1 
ATOM   782  C  CB  . HIS B 1 27 ? -13.301 3.347   11.735  1.00 11.11 ? 20  HIS B CB  1 
ATOM   783  C  CG  . HIS B 1 27 ? -14.723 3.457   11.276  1.00 13.74 ? 20  HIS B CG  1 
ATOM   784  N  ND1 . HIS B 1 27 ? -15.589 4.423   11.747  1.00 11.94 ? 20  HIS B ND1 1 
ATOM   785  C  CD2 . HIS B 1 27 ? -15.432 2.728   10.374  1.00 14.68 ? 20  HIS B CD2 1 
ATOM   786  C  CE1 . HIS B 1 27 ? -16.767 4.279   11.169  1.00 12.80 ? 20  HIS B CE1 1 
ATOM   787  N  NE2 . HIS B 1 27 ? -16.700 3.258   10.332  1.00 12.86 ? 20  HIS B NE2 1 
ATOM   788  N  N   . GLN B 1 28 ? -12.447 6.367   11.657  1.00 10.94 ? 21  GLN B N   1 
ATOM   789  C  CA  . GLN B 1 28 ? -12.854 7.774   11.566  1.00 11.70 ? 21  GLN B CA  1 
ATOM   790  C  C   . GLN B 1 28 ? -12.034 8.614   10.562  1.00 12.74 ? 21  GLN B C   1 
ATOM   791  O  O   . GLN B 1 28 ? -12.589 9.467   9.870   1.00 10.66 ? 21  GLN B O   1 
ATOM   792  C  CB  . GLN B 1 28 ? -12.892 8.437   12.951  1.00 12.50 ? 21  GLN B CB  1 
ATOM   793  C  CG  . GLN B 1 28 ? -13.086 9.970   12.913  1.00 13.42 ? 21  GLN B CG  1 
ATOM   794  C  CD  . GLN B 1 28 ? -14.451 10.411  12.375  1.00 16.31 ? 21  GLN B CD  1 
ATOM   795  O  OE1 . GLN B 1 28 ? -15.437 9.659   12.446  1.00 14.95 ? 21  GLN B OE1 1 
ATOM   796  N  NE2 . GLN B 1 28 ? -14.514 11.647  11.831  1.00 13.66 ? 21  GLN B NE2 1 
ATOM   797  N  N   . ALA B 1 29 ? -10.721 8.385   10.481  1.00 11.33 ? 22  ALA B N   1 
ATOM   798  C  CA  . ALA B 1 29 ? -9.897  9.112   9.505   1.00 12.25 ? 22  ALA B CA  1 
ATOM   799  C  C   . ALA B 1 29 ? -10.384 8.785   8.086   1.00 11.25 ? 22  ALA B C   1 
ATOM   800  O  O   . ALA B 1 29 ? -10.565 9.667   7.208   1.00 11.36 ? 22  ALA B O   1 
ATOM   801  C  CB  . ALA B 1 29 ? -8.422  8.743   9.675   1.00 12.59 ? 22  ALA B CB  1 
ATOM   802  N  N   . HIS B 1 30 ? -10.616 7.498   7.880   1.00 10.57 ? 23  HIS B N   1 
ATOM   803  C  CA  . HIS B 1 30 ? -11.153 7.021   6.609   1.00 11.65 ? 23  HIS B CA  1 
ATOM   804  C  C   . HIS B 1 30 ? -12.543 7.617   6.303   1.00 11.53 ? 23  HIS B C   1 
ATOM   805  O  O   . HIS B 1 30 ? -12.804 8.079   5.189   1.00 11.15 ? 23  HIS B O   1 
ATOM   806  C  CB  . HIS B 1 30 ? -11.207 5.497   6.625   1.00 11.16 ? 23  HIS B CB  1 
ATOM   807  C  CG  . HIS B 1 30 ? -11.358 4.889   5.275   1.00 12.63 ? 23  HIS B CG  1 
ATOM   808  N  ND1 . HIS B 1 30 ? -10.646 5.326   4.176   1.00 13.25 ? 23  HIS B ND1 1 
ATOM   809  C  CD2 . HIS B 1 30 ? -12.127 3.861   4.839   1.00 13.63 ? 23  HIS B CD2 1 
ATOM   810  C  CE1 . HIS B 1 30 ? -10.980 4.605   3.124   1.00 12.83 ? 23  HIS B CE1 1 
ATOM   811  N  NE2 . HIS B 1 30 ? -11.877 3.708   3.497   1.00 12.31 ? 23  HIS B NE2 1 
ATOM   812  N  N   . GLN B 1 31 ? -13.433 7.608   7.287   1.00 10.42 ? 24  GLN B N   1 
ATOM   813  C  CA  . GLN B 1 31 ? -14.754 8.204   7.123   1.00 11.98 ? 24  GLN B CA  1 
ATOM   814  C  C   . GLN B 1 31 ? -14.667 9.707   6.810   1.00 11.74 ? 24  GLN B C   1 
ATOM   815  O  O   . GLN B 1 31 ? -15.437 10.222  6.005   1.00 10.26 ? 24  GLN B O   1 
ATOM   816  C  CB  . GLN B 1 31 ? -15.607 7.954   8.375   1.00 14.75 ? 24  GLN B CB  1 
ATOM   817  C  CG  . GLN B 1 31 ? -17.037 8.486   8.307   1.00 15.45 ? 24  GLN B CG  1 
ATOM   818  C  CD  . GLN B 1 31 ? -17.735 8.411   9.661   1.00 18.16 ? 24  GLN B CD  1 
ATOM   819  O  OE1 . GLN B 1 31 ? -18.322 7.383   10.016  1.00 19.85 ? 24  GLN B OE1 1 
ATOM   820  N  NE2 . GLN B 1 31 ? -17.657 9.497   10.431  1.00 14.89 ? 24  GLN B NE2 1 
ATOM   821  N  N   . ALA B 1 32 ? -13.717 10.407  7.425   1.00 12.44 ? 25  ALA B N   1 
ATOM   822  C  CA  . ALA B 1 32 ? -13.540 11.838  7.157   1.00 12.82 ? 25  ALA B CA  1 
ATOM   823  C  C   . ALA B 1 32 ? -13.148 12.060  5.705   1.00 13.01 ? 25  ALA B C   1 
ATOM   824  O  O   . ALA B 1 32 ? -13.613 13.030  5.078   1.00 10.39 ? 25  ALA B O   1 
ATOM   825  C  CB  . ALA B 1 32 ? -12.503 12.449  8.082   1.00 14.06 ? 25  ALA B CB  1 
ATOM   826  N  N   . ASP B 1 33 ? -12.272 11.204  5.173   1.00 10.88 ? 26  ASP B N   1 
ATOM   827  C  CA  . ASP B 1 33 ? -11.950 11.317  3.741   1.00 11.53 ? 26  ASP B CA  1 
ATOM   828  C  C   . ASP B 1 33 ? -13.167 10.996  2.858   1.00 11.88 ? 26  ASP B C   1 
ATOM   829  O  O   . ASP B 1 33 ? -13.485 11.719  1.891   1.00 10.65 ? 26  ASP B O   1 
ATOM   830  C  CB  . ASP B 1 33 ? -10.803 10.376  3.361   1.00 12.20 ? 26  ASP B CB  1 
ATOM   831  C  CG  . ASP B 1 33 ? -9.461  10.815  3.924   1.00 14.39 ? 26  ASP B CG  1 
ATOM   832  O  OD1 . ASP B 1 33 ? -9.184  12.033  3.984   1.00 14.59 ? 26  ASP B OD1 1 
ATOM   833  O  OD2 . ASP B 1 33 ? -8.669  9.929   4.300   1.00 16.41 ? 26  ASP B OD2 1 
ATOM   834  N  N   . LEU B 1 34 ? -13.840 9.892   3.184   1.00 10.50 ? 27  LEU B N   1 
ATOM   835  C  CA  . LEU B 1 34 ? -14.987 9.439   2.387   1.00 12.29 ? 27  LEU B CA  1 
ATOM   836  C  C   . LEU B 1 34 ? -16.098 10.482  2.329   1.00 12.17 ? 27  LEU B C   1 
ATOM   837  O  O   . LEU B 1 34 ? -16.773 10.629  1.307   1.00 10.06 ? 27  LEU B O   1 
ATOM   838  C  CB  . LEU B 1 34 ? -15.549 8.138   2.936   1.00 10.59 ? 27  LEU B CB  1 
ATOM   839  C  CG  . LEU B 1 34 ? -14.676 6.906   2.712   1.00 12.61 ? 27  LEU B CG  1 
ATOM   840  C  CD1 . LEU B 1 34 ? -15.100 5.800   3.670   1.00 13.41 ? 27  LEU B CD1 1 
ATOM   841  C  CD2 . LEU B 1 34 ? -14.753 6.435   1.244   1.00 9.52  ? 27  LEU B CD2 1 
ATOM   842  N  N   . ALA B 1 35 ? -16.277 11.203  3.433   1.00 10.35 ? 28  ALA B N   1 
ATOM   843  C  CA  . ALA B 1 35 ? -17.362 12.183  3.554   1.00 10.32 ? 28  ALA B CA  1 
ATOM   844  C  C   . ALA B 1 35 ? -17.267 13.309  2.527   1.00 13.25 ? 28  ALA B C   1 
ATOM   845  O  O   . ALA B 1 35 ? -18.290 13.877  2.103   1.00 10.99 ? 28  ALA B O   1 
ATOM   846  C  CB  . ALA B 1 35 ? -17.380 12.753  4.948   1.00 11.01 ? 28  ALA B CB  1 
ATOM   847  N  N   . VAL B 1 36 ? -16.044 13.659  2.139   1.00 10.73 ? 29  VAL B N   1 
ATOM   848  C  CA  . VAL B 1 36 ? -15.877 14.799  1.246   1.00 12.02 ? 29  VAL B CA  1 
ATOM   849  C  C   . VAL B 1 36 ? -15.211 14.458  -0.086  1.00 13.76 ? 29  VAL B C   1 
ATOM   850  O  O   . VAL B 1 36 ? -14.968 15.355  -0.897  1.00 15.09 ? 29  VAL B O   1 
ATOM   851  C  CB  . VAL B 1 36 ? -15.105 15.944  1.930   1.00 13.25 ? 29  VAL B CB  1 
ATOM   852  C  CG1 . VAL B 1 36 ? -15.902 16.506  3.101   1.00 14.96 ? 29  VAL B CG1 1 
ATOM   853  C  CG2 . VAL B 1 36 ? -13.729 15.465  2.387   1.00 13.48 ? 29  VAL B CG2 1 
ATOM   854  N  N   . GLU B 1 37 ? -14.918 13.177  -0.320  1.00 11.86 ? 30  GLU B N   1 
ATOM   855  C  CA  . GLU B 1 37 ? -14.261 12.788  -1.580  1.00 12.84 ? 30  GLU B CA  1 
ATOM   856  C  C   . GLU B 1 37 ? -15.038 13.140  -2.857  1.00 13.54 ? 30  GLU B C   1 
ATOM   857  O  O   . GLU B 1 37 ? -14.436 13.284  -3.934  1.00 12.90 ? 30  GLU B O   1 
ATOM   858  C  CB  . GLU B 1 37 ? -13.958 11.293  -1.596  1.00 11.17 ? 30  GLU B CB  1 
ATOM   859  C  CG  . GLU B 1 37 ? -15.219 10.447  -1.648  1.00 11.12 ? 30  GLU B CG  1 
ATOM   860  C  CD  . GLU B 1 37 ? -14.907 8.974   -1.698  1.00 12.26 ? 30  GLU B CD  1 
ATOM   861  O  OE1 . GLU B 1 37 ? -13.738 8.607   -1.421  1.00 11.59 ? 30  GLU B OE1 1 
ATOM   862  O  OE2 . GLU B 1 37 ? -15.830 8.192   -2.014  1.00 13.65 ? 30  GLU B OE2 1 
ATOM   863  N  N   . LYS B 1 38 ? -16.363 13.267  -2.758  1.00 14.05 ? 31  LYS B N   1 
ATOM   864  C  CA  . LYS B 1 38 ? -17.187 13.488  -3.949  1.00 16.24 ? 31  LYS B CA  1 
ATOM   865  C  C   . LYS B 1 38 ? -16.850 14.824  -4.603  1.00 16.56 ? 31  LYS B C   1 
ATOM   866  O  O   . LYS B 1 38 ? -16.938 14.968  -5.823  1.00 16.30 ? 31  LYS B O   1 
ATOM   867  C  CB  . LYS B 1 38 ? -18.687 13.406  -3.619  1.00 20.59 ? 31  LYS B CB  1 
ATOM   868  C  CG  . LYS B 1 38 ? -19.252 14.583  -2.805  1.00 21.62 ? 31  LYS B CG  1 
ATOM   869  C  CD  . LYS B 1 38 ? -20.763 14.399  -2.569  1.00 28.90 ? 31  LYS B CD  1 
ATOM   870  C  CE  . LYS B 1 38 ? -21.491 15.728  -2.372  0.38 30.72 ? 31  LYS B CE  1 
ATOM   871  N  NZ  . LYS B 1 38 ? -22.956 15.622  -2.684  1.00 35.41 ? 31  LYS B NZ  1 
ATOM   872  N  N   . ASP B 1 39 ? -16.431 15.789  -3.787  1.00 15.68 ? 32  ASP B N   1 
ATOM   873  C  CA  . ASP B 1 39 ? -16.132 17.133  -4.270  1.00 16.21 ? 32  ASP B CA  1 
ATOM   874  C  C   . ASP B 1 39 ? -14.892 17.175  -5.166  1.00 16.17 ? 32  ASP B C   1 
ATOM   875  O  O   . ASP B 1 39 ? -14.612 18.203  -5.784  1.00 14.42 ? 32  ASP B O   1 
ATOM   876  C  CB  . ASP B 1 39 ? -15.945 18.099  -3.090  1.00 17.39 ? 32  ASP B CB  1 
ATOM   877  C  CG  . ASP B 1 39 ? -17.154 18.141  -2.165  1.00 18.04 ? 32  ASP B CG  1 
ATOM   878  O  OD1 . ASP B 1 39 ? -18.296 18.028  -2.661  1.00 18.89 ? 32  ASP B OD1 1 
ATOM   879  O  OD2 . ASP B 1 39 ? -16.948 18.289  -0.940  1.00 19.22 ? 32  ASP B OD2 1 
ATOM   880  N  N   . GLU B 1 40 ? -14.148 16.068  -5.220  1.00 13.24 ? 33  GLU B N   1 
ATOM   881  C  CA  . GLU B 1 40 ? -13.009 15.957  -6.131  1.00 13.25 ? 33  GLU B CA  1 
ATOM   882  C  C   . GLU B 1 40 ? -13.124 14.703  -7.015  1.00 13.22 ? 33  GLU B C   1 
ATOM   883  O  O   . GLU B 1 40 ? -12.195 14.365  -7.739  1.00 12.50 ? 33  GLU B O   1 
ATOM   884  C  CB  . GLU B 1 40 ? -11.691 15.921  -5.348  1.00 11.23 ? 33  GLU B CB  1 
ATOM   885  C  CG  . GLU B 1 40 ? -11.321 17.212  -4.646  1.00 12.31 ? 33  GLU B CG  1 
ATOM   886  C  CD  . GLU B 1 40 ? -10.802 18.283  -5.590  1.00 14.34 ? 33  GLU B CD  1 
ATOM   887  O  OE1 . GLU B 1 40 ? -10.536 17.981  -6.785  1.00 11.38 ? 33  GLU B OE1 1 
ATOM   888  O  OE2 . GLU B 1 40 ? -10.658 19.435  -5.121  1.00 13.88 ? 33  GLU B OE2 1 
ATOM   889  N  N   . ASN B 1 41 ? -14.270 14.026  -6.939  1.00 13.29 ? 34  ASN B N   1 
ATOM   890  C  CA  . ASN B 1 41 ? -14.485 12.747  -7.610  1.00 14.65 ? 34  ASN B CA  1 
ATOM   891  C  C   . ASN B 1 41 ? -13.380 11.742  -7.339  1.00 14.19 ? 34  ASN B C   1 
ATOM   892  O  O   . ASN B 1 41 ? -12.914 11.033  -8.240  1.00 12.28 ? 34  ASN B O   1 
ATOM   893  C  CB  . ASN B 1 41 ? -14.711 12.959  -9.095  1.00 16.82 ? 34  ASN B CB  1 
ATOM   894  C  CG  . ASN B 1 41 ? -15.825 13.937  -9.347  1.00 17.00 ? 34  ASN B CG  1 
ATOM   895  O  OD1 . ASN B 1 41 ? -16.999 13.620  -9.140  1.00 19.83 ? 34  ASN B OD1 1 
ATOM   896  N  ND2 . ASN B 1 41 ? -15.466 15.148  -9.760  1.00 17.37 ? 34  ASN B ND2 1 
ATOM   897  N  N   . VAL B 1 42 ? -12.977 11.696  -6.070  1.00 13.41 ? 35  VAL B N   1 
ATOM   898  C  CA  . VAL B 1 42 ? -11.978 10.750  -5.592  1.00 12.45 ? 35  VAL B CA  1 
ATOM   899  C  C   . VAL B 1 42 ? -12.709 9.583   -4.927  1.00 12.89 ? 35  VAL B C   1 
ATOM   900  O  O   . VAL B 1 42 ? -13.801 9.773   -4.366  1.00 12.48 ? 35  VAL B O   1 
ATOM   901  C  CB  . VAL B 1 42 ? -11.017 11.447  -4.596  1.00 12.91 ? 35  VAL B CB  1 
ATOM   902  C  CG1 . VAL B 1 42 ? -10.164 10.437  -3.817  1.00 11.08 ? 35  VAL B CG1 1 
ATOM   903  C  CG2 . VAL B 1 42 ? -10.137 12.480  -5.335  1.00 10.93 ? 35  VAL B CG2 1 
ATOM   904  N  N   . HIS B 1 43 ? -12.125 8.385   -5.019  1.00 11.91 ? 36  HIS B N   1 
ATOM   905  C  CA  . HIS B 1 43 ? -12.652 7.202   -4.354  1.00 13.24 ? 36  HIS B CA  1 
ATOM   906  C  C   . HIS B 1 43 ? -11.603 6.550   -3.449  1.00 13.64 ? 36  HIS B C   1 
ATOM   907  O  O   . HIS B 1 43 ? -10.741 5.785   -3.924  1.00 13.39 ? 36  HIS B O   1 
ATOM   908  C  CB  . HIS B 1 43 ? -13.138 6.201   -5.401  1.00 12.70 ? 36  HIS B CB  1 
ATOM   909  C  CG  . HIS B 1 43 ? -13.911 6.839   -6.512  1.00 12.41 ? 36  HIS B CG  1 
ATOM   910  N  ND1 . HIS B 1 43 ? -13.371 7.066   -7.756  1.00 14.99 ? 36  HIS B ND1 1 
ATOM   911  C  CD2 . HIS B 1 43 ? -15.167 7.348   -6.543  1.00 15.35 ? 36  HIS B CD2 1 
ATOM   912  C  CE1 . HIS B 1 43 ? -14.269 7.668   -8.522  1.00 16.72 ? 36  HIS B CE1 1 
ATOM   913  N  NE2 . HIS B 1 43 ? -15.366 7.851   -7.807  1.00 15.95 ? 36  HIS B NE2 1 
ATOM   914  N  N   . PHE B 1 44 ? -11.669 6.851   -2.154  1.00 11.74 ? 37  PHE B N   1 
ATOM   915  C  CA  . PHE B 1 44 ? -10.806 6.167   -1.201  1.00 13.73 ? 37  PHE B CA  1 
ATOM   916  C  C   . PHE B 1 44 ? -11.233 4.719   -1.050  1.00 13.92 ? 37  PHE B C   1 
ATOM   917  O  O   . PHE B 1 44 ? -12.249 4.406   -0.421  1.00 16.61 ? 37  PHE B O   1 
ATOM   918  C  CB  . PHE B 1 44 ? -10.763 6.901   0.139   1.00 13.82 ? 37  PHE B CB  1 
ATOM   919  C  CG  . PHE B 1 44 ? -9.962  8.159   0.077   1.00 15.64 ? 37  PHE B CG  1 
ATOM   920  C  CD1 . PHE B 1 44 ? -10.585 9.392   -0.021  1.00 15.23 ? 37  PHE B CD1 1 
ATOM   921  C  CD2 . PHE B 1 44 ? -8.575  8.100   0.034   1.00 15.53 ? 37  PHE B CD2 1 
ATOM   922  C  CE1 . PHE B 1 44 ? -9.835  10.557  -0.109  1.00 17.06 ? 37  PHE B CE1 1 
ATOM   923  C  CE2 . PHE B 1 44 ? -7.820  9.255   -0.060  1.00 14.94 ? 37  PHE B CE2 1 
ATOM   924  C  CZ  . PHE B 1 44 ? -8.450  10.488  -0.124  1.00 15.99 ? 37  PHE B CZ  1 
ATOM   925  N  N   . GLU B 1 45 ? -10.451 3.840   -1.656  1.00 11.52 ? 38  GLU B N   1 
ATOM   926  C  CA  . GLU B 1 45 ? -10.827 2.443   -1.750  1.00 12.24 ? 38  GLU B CA  1 
ATOM   927  C  C   . GLU B 1 45 ? -10.526 1.699   -0.467  1.00 14.00 ? 38  GLU B C   1 
ATOM   928  O  O   . GLU B 1 45 ? -11.365 0.957   0.029   1.00 12.52 ? 38  GLU B O   1 
ATOM   929  C  CB  . GLU B 1 45 ? -10.100 1.771   -2.919  1.00 12.38 ? 38  GLU B CB  1 
ATOM   930  C  CG  . GLU B 1 45 ? -10.401 2.394   -4.254  1.00 12.15 ? 38  GLU B CG  1 
ATOM   931  C  CD  . GLU B 1 45 ? -9.881  1.548   -5.394  1.00 11.75 ? 38  GLU B CD  1 
ATOM   932  O  OE1 . GLU B 1 45 ? -9.187  0.554   -5.125  1.00 12.81 ? 38  GLU B OE1 1 
ATOM   933  O  OE2 . GLU B 1 45 ? -10.175 1.878   -6.555  1.00 12.63 ? 38  GLU B OE2 1 
ATOM   934  N  N   . GLN B 1 46 ? -9.323  1.888   0.065   1.00 14.17 ? 39  GLN B N   1 
ATOM   935  C  CA  . GLN B 1 46 ? -8.927  1.083   1.220   1.00 12.69 ? 39  GLN B CA  1 
ATOM   936  C  C   . GLN B 1 46 ? -7.859  1.773   2.035   1.00 11.57 ? 39  GLN B C   1 
ATOM   937  O  O   . GLN B 1 46 ? -7.066  2.523   1.494   1.00 11.63 ? 39  GLN B O   1 
ATOM   938  C  CB  . GLN B 1 46 ? -8.397  -0.276  0.751   1.00 14.39 ? 39  GLN B CB  1 
ATOM   939  C  CG  . GLN B 1 46 ? -9.320  -1.468  1.015   1.00 18.13 ? 39  GLN B CG  1 
ATOM   940  C  CD  . GLN B 1 46 ? -8.770  -2.759  0.433   0.54 17.17 ? 39  GLN B CD  1 
ATOM   941  O  OE1 . GLN B 1 46 ? -8.707  -2.929  -0.786  0.42 18.14 ? 39  GLN B OE1 1 
ATOM   942  N  NE2 . GLN B 1 46 ? -8.345  -3.664  1.302   0.71 18.46 ? 39  GLN B NE2 1 
ATOM   943  N  N   . ALA B 1 47 ? -7.844  1.509   3.338   1.00 12.01 ? 40  ALA B N   1 
ATOM   944  C  CA  . ALA B 1 47 ? -6.809  2.025   4.230   1.00 11.45 ? 40  ALA B CA  1 
ATOM   945  C  C   . ALA B 1 47 ? -6.332  0.910   5.148   1.00 11.11 ? 40  ALA B C   1 
ATOM   946  O  O   . ALA B 1 47 ? -7.141  0.123   5.643   1.00 9.33  ? 40  ALA B O   1 
ATOM   947  C  CB  . ALA B 1 47 ? -7.332  3.203   5.055   1.00 9.96  ? 40  ALA B CB  1 
ATOM   948  N  N   . TRP B 1 48 ? -5.019  0.853   5.365   1.00 10.72 ? 41  TRP B N   1 
ATOM   949  C  CA  . TRP B 1 48 ? -4.410  -0.134  6.251   1.00 10.50 ? 41  TRP B CA  1 
ATOM   950  C  C   . TRP B 1 48 ? -3.537  0.645   7.200   1.00 11.76 ? 41  TRP B C   1 
ATOM   951  O  O   . TRP B 1 48 ? -2.937  1.626   6.800   1.00 12.36 ? 41  TRP B O   1 
ATOM   952  C  CB  . TRP B 1 48 ? -3.514  -1.088  5.457   1.00 10.53 ? 41  TRP B CB  1 
ATOM   953  C  CG  . TRP B 1 48 ? -4.210  -1.828  4.345   1.00 11.40 ? 41  TRP B CG  1 
ATOM   954  C  CD1 . TRP B 1 48 ? -4.814  -3.058  4.423   1.00 11.25 ? 41  TRP B CD1 1 
ATOM   955  C  CD2 . TRP B 1 48 ? -4.368  -1.388  2.986   1.00 13.27 ? 41  TRP B CD2 1 
ATOM   956  N  NE1 . TRP B 1 48 ? -5.330  -3.407  3.191   1.00 10.52 ? 41  TRP B NE1 1 
ATOM   957  C  CE2 . TRP B 1 48 ? -5.070  -2.404  2.292   1.00 13.03 ? 41  TRP B CE2 1 
ATOM   958  C  CE3 . TRP B 1 48 ? -3.982  -0.239  2.288   1.00 11.96 ? 41  TRP B CE3 1 
ATOM   959  C  CZ2 . TRP B 1 48 ? -5.402  -2.295  0.937   1.00 11.27 ? 41  TRP B CZ2 1 
ATOM   960  C  CZ3 . TRP B 1 48 ? -4.303  -0.137  0.943   1.00 12.47 ? 41  TRP B CZ3 1 
ATOM   961  C  CH2 . TRP B 1 48 ? -5.006  -1.159  0.281   1.00 13.97 ? 41  TRP B CH2 1 
ATOM   962  N  N   . ALA B 1 49 ? -3.432  0.220   8.454   1.00 10.01 ? 42  ALA B N   1 
ATOM   963  C  CA  . ALA B 1 49 ? -2.566  0.960   9.370   1.00 10.89 ? 42  ALA B CA  1 
ATOM   964  C  C   . ALA B 1 49 ? -1.596  0.052   10.123  1.00 9.14  ? 42  ALA B C   1 
ATOM   965  O  O   . ALA B 1 49 ? -1.921  -1.082  10.460  1.00 8.47  ? 42  ALA B O   1 
ATOM   966  C  CB  . ALA B 1 49 ? -3.397  1.790   10.342  1.00 10.62 ? 42  ALA B CB  1 
ATOM   967  N  N   . ASP B 1 50 ? -0.401  0.578   10.370  1.00 9.27  ? 43  ASP B N   1 
ATOM   968  C  CA  . ASP B 1 50 ? 0.614   -0.063  11.191  1.00 9.98  ? 43  ASP B CA  1 
ATOM   969  C  C   . ASP B 1 50 ? 0.793   0.868   12.386  1.00 10.99 ? 43  ASP B C   1 
ATOM   970  O  O   . ASP B 1 50 ? 1.540   1.844   12.317  1.00 10.37 ? 43  ASP B O   1 
ATOM   971  C  CB  . ASP B 1 50 ? 1.900   -0.245  10.370  1.00 9.57  ? 43  ASP B CB  1 
ATOM   972  C  CG  . ASP B 1 50 ? 3.135   -0.568  11.215  1.00 11.53 ? 43  ASP B CG  1 
ATOM   973  O  OD1 . ASP B 1 50 ? 3.031   -0.910  12.410  1.00 10.31 ? 43  ASP B OD1 1 
ATOM   974  O  OD2 . ASP B 1 50 ? 4.240   -0.481  10.647  1.00 12.80 ? 43  ASP B OD2 1 
ATOM   975  N  N   . PRO B 1 51 ? 0.067   0.579   13.482  1.00 11.53 ? 44  PRO B N   1 
ATOM   976  C  CA  . PRO B 1 51 ? 0.025   1.448   14.661  1.00 12.57 ? 44  PRO B CA  1 
ATOM   977  C  C   . PRO B 1 51 ? 1.371   1.502   15.383  1.00 13.81 ? 44  PRO B C   1 
ATOM   978  O  O   . PRO B 1 51 ? 1.647   2.482   16.070  1.00 15.60 ? 44  PRO B O   1 
ATOM   979  C  CB  . PRO B 1 51 ? -1.015  0.764   15.561  1.00 13.37 ? 44  PRO B CB  1 
ATOM   980  C  CG  . PRO B 1 51 ? -1.823  -0.089  14.647  1.00 12.44 ? 44  PRO B CG  1 
ATOM   981  C  CD  . PRO B 1 51 ? -0.839  -0.574  13.622  1.00 10.75 ? 44  PRO B CD  1 
ATOM   982  N  N   . ALA B 1 52 ? 2.192   0.465   15.226  1.00 10.87 ? 45  ALA B N   1 
ATOM   983  C  CA  . ALA B 1 52 ? 3.491   0.419   15.890  1.00 13.41 ? 45  ALA B CA  1 
ATOM   984  C  C   . ALA B 1 52 ? 4.445   1.433   15.260  1.00 14.85 ? 45  ALA B C   1 
ATOM   985  O  O   . ALA B 1 52 ? 5.077   2.225   15.963  1.00 16.67 ? 45  ALA B O   1 
ATOM   986  C  CB  . ALA B 1 52 ? 4.074   -0.992  15.848  1.00 13.31 ? 45  ALA B CB  1 
ATOM   987  N  N   . SER B 1 53 ? 4.547   1.413   13.936  1.00 12.83 ? 46  SER B N   1 
ATOM   988  C  CA  . SER B 1 53 ? 5.320   2.426   13.221  1.00 13.19 ? 46  SER B CA  1 
ATOM   989  C  C   . SER B 1 53 ? 4.566   3.759   13.179  1.00 13.78 ? 46  SER B C   1 
ATOM   990  O  O   . SER B 1 53 ? 5.177   4.827   13.013  1.00 14.75 ? 46  SER B O   1 
ATOM   991  C  CB  . SER B 1 53 ? 5.623   1.975   11.779  1.00 13.63 ? 46  SER B CB  1 
ATOM   992  O  OG  . SER B 1 53 ? 6.512   0.864   11.730  1.00 13.42 ? 46  SER B OG  1 
ATOM   993  N  N   . GLY B 1 54 ? 3.241   3.694   13.313  1.00 14.65 ? 47  GLY B N   1 
ATOM   994  C  CA  . GLY B 1 54 ? 2.405   4.890   13.255  1.00 16.89 ? 47  GLY B CA  1 
ATOM   995  C  C   . GLY B 1 54 ? 2.095   5.336   11.833  1.00 18.39 ? 47  GLY B C   1 
ATOM   996  O  O   . GLY B 1 54 ? 2.065   6.531   11.549  1.00 20.15 ? 47  GLY B O   1 
ATOM   997  N  N   . THR B 1 55 ? 1.841   4.376   10.946  1.00 13.25 ? 48  THR B N   1 
ATOM   998  C  CA  . THR B 1 55 ? 1.701   4.661   9.517   1.00 14.41 ? 48  THR B CA  1 
ATOM   999  C  C   . THR B 1 55 ? 0.324   4.253   8.978   1.00 14.83 ? 48  THR B C   1 
ATOM   1000 O  O   . THR B 1 55 ? -0.186  3.190   9.313   1.00 12.12 ? 48  THR B O   1 
ATOM   1001 C  CB  . THR B 1 55 ? 2.798   3.930   8.716   1.00 14.11 ? 48  THR B CB  1 
ATOM   1002 O  OG1 . THR B 1 55 ? 4.090   4.397   9.129   1.00 17.18 ? 48  THR B OG1 1 
ATOM   1003 C  CG2 . THR B 1 55 ? 2.654   4.171   7.215   1.00 15.56 ? 48  THR B CG2 1 
ATOM   1004 N  N   . ILE B 1 56 ? -0.280  5.104   8.150   1.00 12.76 ? 49  ILE B N   1 
ATOM   1005 C  CA  . ILE B 1 56 ? -1.510  4.742   7.448   1.00 11.83 ? 49  ILE B CA  1 
ATOM   1006 C  C   . ILE B 1 56 ? -1.239  4.739   5.944   1.00 13.69 ? 49  ILE B C   1 
ATOM   1007 O  O   . ILE B 1 56 ? -0.736  5.730   5.396   1.00 11.99 ? 49  ILE B O   1 
ATOM   1008 C  CB  . ILE B 1 56 ? -2.656  5.719   7.739   1.00 14.64 ? 49  ILE B CB  1 
ATOM   1009 C  CG1 . ILE B 1 56 ? -2.974  5.758   9.240   1.00 15.94 ? 49  ILE B CG1 1 
ATOM   1010 C  CG2 . ILE B 1 56 ? -3.912  5.349   6.941   1.00 11.87 ? 49  ILE B CG2 1 
ATOM   1011 C  CD1 . ILE B 1 56 ? -4.131  6.714   9.577   1.00 15.86 ? 49  ILE B CD1 1 
ATOM   1012 N  N   . TYR B 1 57 ? -1.544  3.606   5.304   1.00 11.56 ? 50  TYR B N   1 
ATOM   1013 C  CA  . TYR B 1 57 ? -1.490  3.443   3.852   1.00 11.34 ? 50  TYR B CA  1 
ATOM   1014 C  C   . TYR B 1 57 ? -2.899  3.612   3.286   1.00 11.79 ? 50  TYR B C   1 
ATOM   1015 O  O   . TYR B 1 57 ? -3.857  3.016   3.785   1.00 11.45 ? 50  TYR B O   1 
ATOM   1016 C  CB  . TYR B 1 57 ? -0.960  2.051   3.493   1.00 13.22 ? 50  TYR B CB  1 
ATOM   1017 C  CG  . TYR B 1 57 ? 0.409   1.725   4.066   1.00 10.03 ? 50  TYR B CG  1 
ATOM   1018 C  CD1 . TYR B 1 57 ? 0.543   1.182   5.336   1.00 11.38 ? 50  TYR B CD1 1 
ATOM   1019 C  CD2 . TYR B 1 57 ? 1.562   1.951   3.322   1.00 9.75  ? 50  TYR B CD2 1 
ATOM   1020 C  CE1 . TYR B 1 57 ? 1.800   0.880   5.861   1.00 13.24 ? 50  TYR B CE1 1 
ATOM   1021 C  CE2 . TYR B 1 57 ? 2.826   1.650   3.831   1.00 11.89 ? 50  TYR B CE2 1 
ATOM   1022 C  CZ  . TYR B 1 57 ? 2.940   1.117   5.097   1.00 10.49 ? 50  TYR B CZ  1 
ATOM   1023 O  OH  . TYR B 1 57 ? 4.197   0.824   5.606   1.00 12.44 ? 50  TYR B OH  1 
ATOM   1024 N  N   . CYS B 1 58 ? -3.028  4.438   2.254   1.00 11.87 ? 51  CYS B N   1 
ATOM   1025 C  CA  . CYS B 1 58 ? -4.322  4.698   1.631   1.00 11.52 ? 51  CYS B CA  1 
ATOM   1026 C  C   . CYS B 1 58 ? -4.284  4.418   0.130   1.00 11.53 ? 51  CYS B C   1 
ATOM   1027 O  O   . CYS B 1 58 ? -3.478  5.001   -0.599  1.00 10.43 ? 51  CYS B O   1 
ATOM   1028 C  CB  . CYS B 1 58 ? -4.749  6.153   1.861   1.00 12.51 ? 51  CYS B CB  1 
ATOM   1029 S  SG  . CYS B 1 58 ? -5.468  6.517   3.487   1.00 19.68 ? 51  CYS B SG  1 
ATOM   1030 N  N   . LEU B 1 59 ? -5.161  3.528   -0.331  1.00 9.18  ? 52  LEU B N   1 
ATOM   1031 C  CA  . LEU B 1 59 ? -5.345  3.301   -1.766  1.00 10.06 ? 52  LEU B CA  1 
ATOM   1032 C  C   . LEU B 1 59 ? -6.600  4.031   -2.225  1.00 10.59 ? 52  LEU B C   1 
ATOM   1033 O  O   . LEU B 1 59 ? -7.696  3.833   -1.652  1.00 10.46 ? 52  LEU B O   1 
ATOM   1034 C  CB  . LEU B 1 59 ? -5.505  1.813   -2.068  1.00 8.98  ? 52  LEU B CB  1 
ATOM   1035 C  CG  . LEU B 1 59 ? -5.835  1.492   -3.518  1.00 11.22 ? 52  LEU B CG  1 
ATOM   1036 C  CD1 . LEU B 1 59 ? -4.624  1.757   -4.398  1.00 12.55 ? 52  LEU B CD1 1 
ATOM   1037 C  CD2 . LEU B 1 59 ? -6.300  0.057   -3.668  1.00 11.00 ? 52  LEU B CD2 1 
ATOM   1038 N  N   . SER B 1 60 ? -6.436  4.859   -3.261  1.00 9.91  ? 53  SER B N   1 
ATOM   1039 C  CA  . SER B 1 60 ? -7.538  5.634   -3.821  1.00 10.83 ? 53  SER B CA  1 
ATOM   1040 C  C   . SER B 1 60 ? -7.549  5.625   -5.353  1.00 12.97 ? 53  SER B C   1 
ATOM   1041 O  O   . SER B 1 60 ? -6.536  5.345   -5.999  1.00 11.98 ? 53  SER B O   1 
ATOM   1042 C  CB  . SER B 1 60 ? -7.449  7.085   -3.360  1.00 11.93 ? 53  SER B CB  1 
ATOM   1043 O  OG  . SER B 1 60 ? -6.471  7.789   -4.113  1.00 10.63 ? 53  SER B OG  1 
ATOM   1044 N  N   . GLU B 1 61 ? -8.708  5.935   -5.927  1.00 12.29 ? 54  GLU B N   1 
ATOM   1045 C  CA  . GLU B 1 61 ? -8.843  6.151   -7.359  1.00 11.11 ? 54  GLU B CA  1 
ATOM   1046 C  C   . GLU B 1 61 ? -9.269  7.602   -7.472  1.00 12.30 ? 54  GLU B C   1 
ATOM   1047 O  O   . GLU B 1 61 ? -10.142 8.048   -6.723  1.00 13.41 ? 54  GLU B O   1 
ATOM   1048 C  CB  . GLU B 1 61 ? -9.926  5.228   -7.942  1.00 12.91 ? 54  GLU B CB  1 
ATOM   1049 C  CG  . GLU B 1 61 ? -10.026 5.192   -9.474  1.00 13.47 ? 54  GLU B CG  1 
ATOM   1050 C  CD  . GLU B 1 61 ? -10.475 6.509   -10.095 1.00 14.62 ? 54  GLU B CD  1 
ATOM   1051 O  OE1 . GLU B 1 61 ? -11.437 7.139   -9.592  1.00 14.57 ? 54  GLU B OE1 1 
ATOM   1052 O  OE2 . GLU B 1 61 ? -9.859  6.925   -11.100 1.00 17.71 ? 54  GLU B OE2 1 
ATOM   1053 N  N   . GLY B 1 62 ? -8.657  8.343   -8.390  1.00 12.29 ? 55  GLY B N   1 
ATOM   1054 C  CA  . GLY B 1 62 ? -8.946  9.759   -8.523  1.00 11.85 ? 55  GLY B CA  1 
ATOM   1055 C  C   . GLY B 1 62 ? -8.414  10.319  -9.823  1.00 12.74 ? 55  GLY B C   1 
ATOM   1056 O  O   . GLY B 1 62 ? -7.702  9.627   -10.563 1.00 11.70 ? 55  GLY B O   1 
ATOM   1057 N  N   . PRO B 1 63 ? -8.778  11.572  -10.128 1.00 12.30 ? 56  PRO B N   1 
ATOM   1058 C  CA  . PRO B 1 63 ? -8.308  12.200  -11.368 1.00 10.81 ? 56  PRO B CA  1 
ATOM   1059 C  C   . PRO B 1 63 ? -6.815  12.522  -11.321 1.00 11.27 ? 56  PRO B C   1 
ATOM   1060 O  O   . PRO B 1 63 ? -6.179  12.525  -12.372 1.00 13.07 ? 56  PRO B O   1 
ATOM   1061 C  CB  . PRO B 1 63 ? -9.124  13.506  -11.438 1.00 12.68 ? 56  PRO B CB  1 
ATOM   1062 C  CG  . PRO B 1 63 ? -10.340 13.251  -10.560 1.00 13.95 ? 56  PRO B CG  1 
ATOM   1063 C  CD  . PRO B 1 63 ? -9.821  12.367  -9.453  1.00 13.40 ? 56  PRO B CD  1 
ATOM   1064 N  N   . SER B 1 64 ? -6.270  12.788  -10.134 1.00 10.97 ? 57  SER B N   1 
ATOM   1065 C  CA  . SER B 1 64 ? -4.884  13.244  -10.002 1.00 12.47 ? 57  SER B CA  1 
ATOM   1066 C  C   . SER B 1 64 ? -4.445  13.166  -8.542  1.00 12.04 ? 57  SER B C   1 
ATOM   1067 O  O   . SER B 1 64 ? -5.288  13.144  -7.636  1.00 10.71 ? 57  SER B O   1 
ATOM   1068 C  CB  . SER B 1 64 ? -4.762  14.697  -10.453 1.00 12.49 ? 57  SER B CB  1 
ATOM   1069 O  OG  . SER B 1 64 ? -5.380  15.542  -9.489  1.00 11.84 ? 57  SER B OG  1 
ATOM   1070 N  N   . ALA B 1 65 ? -3.130  13.138  -8.311  1.00 12.18 ? 58  ALA B N   1 
ATOM   1071 C  CA  . ALA B 1 65 ? -2.603  13.111  -6.949  1.00 10.82 ? 58  ALA B CA  1 
ATOM   1072 C  C   . ALA B 1 65 ? -2.973  14.407  -6.246  1.00 10.23 ? 58  ALA B C   1 
ATOM   1073 O  O   . ALA B 1 65 ? -3.282  14.417  -5.057  1.00 10.09 ? 58  ALA B O   1 
ATOM   1074 C  CB  . ALA B 1 65 ? -1.088  12.898  -6.950  1.00 10.23 ? 58  ALA B CB  1 
ATOM   1075 N  N   . GLU B 1 66 ? -2.952  15.506  -6.993  1.00 9.87  ? 59  GLU B N   1 
ATOM   1076 C  CA  . GLU B 1 66 ? -3.319  16.798  -6.436  1.00 10.28 ? 59  GLU B CA  1 
ATOM   1077 C  C   . GLU B 1 66 ? -4.744  16.775  -5.887  1.00 10.64 ? 59  GLU B C   1 
ATOM   1078 O  O   . GLU B 1 66 ? -5.002  17.297  -4.797  1.00 10.00 ? 59  GLU B O   1 
ATOM   1079 C  CB  . GLU B 1 66 ? -3.161  17.885  -7.502  1.00 12.21 ? 59  GLU B CB  1 
ATOM   1080 C  CG  . GLU B 1 66 ? -1.697  18.131  -7.888  1.00 12.53 ? 59  GLU B CG  1 
ATOM   1081 C  CD  . GLU B 1 66 ? -1.556  19.184  -8.981  1.00 16.17 ? 59  GLU B CD  1 
ATOM   1082 O  OE1 . GLU B 1 66 ? -2.581  19.507  -9.619  1.00 15.29 ? 59  GLU B OE1 1 
ATOM   1083 O  OE2 . GLU B 1 66 ? -0.428  19.690  -9.187  1.00 15.73 ? 59  GLU B OE2 1 
ATOM   1084 N  N   . ALA B 1 67 ? -5.664  16.146  -6.626  1.00 9.46  ? 60  ALA B N   1 
ATOM   1085 C  CA  . ALA B 1 67 ? -7.058  16.037  -6.178  1.00 9.42  ? 60  ALA B CA  1 
ATOM   1086 C  C   . ALA B 1 67 ? -7.158  15.239  -4.869  1.00 10.06 ? 60  ALA B C   1 
ATOM   1087 O  O   . ALA B 1 67 ? -7.814  15.666  -3.889  1.00 9.04  ? 60  ALA B O   1 
ATOM   1088 C  CB  . ALA B 1 67 ? -7.912  15.406  -7.267  1.00 10.31 ? 60  ALA B CB  1 
ATOM   1089 N  N   . VAL B 1 68 ? -6.507  14.078  -4.855  1.00 9.41  ? 61  VAL B N   1 
ATOM   1090 C  CA  . VAL B 1 68 ? -6.500  13.222  -3.666  1.00 10.83 ? 61  VAL B CA  1 
ATOM   1091 C  C   . VAL B 1 68 ? -6.018  14.018  -2.452  1.00 9.93  ? 61  VAL B C   1 
ATOM   1092 O  O   . VAL B 1 68 ? -6.654  14.016  -1.383  1.00 10.64 ? 61  VAL B O   1 
ATOM   1093 C  CB  . VAL B 1 68 ? -5.620  11.974  -3.889  1.00 9.43  ? 61  VAL B CB  1 
ATOM   1094 C  CG1 . VAL B 1 68 ? -5.406  11.197  -2.586  1.00 9.10  ? 61  VAL B CG1 1 
ATOM   1095 C  CG2 . VAL B 1 68 ? -6.252  11.069  -4.955  1.00 9.09  ? 61  VAL B CG2 1 
ATOM   1096 N  N   . GLN B 1 69 ? -4.911  14.731  -2.642  1.00 9.24  ? 62  GLN B N   1 
ATOM   1097 C  CA  . GLN B 1 69 ? -4.351  15.556  -1.587  1.00 10.36 ? 62  GLN B CA  1 
ATOM   1098 C  C   . GLN B 1 69 ? -5.262  16.707  -1.147  1.00 11.65 ? 62  GLN B C   1 
ATOM   1099 O  O   . GLN B 1 69 ? -5.297  17.038  0.036   1.00 12.13 ? 62  GLN B O   1 
ATOM   1100 C  CB  . GLN B 1 69 ? -2.964  16.065  -1.987  1.00 11.92 ? 62  GLN B CB  1 
ATOM   1101 C  CG  . GLN B 1 69 ? -1.873  14.992  -1.914  1.00 13.43 ? 62  GLN B CG  1 
ATOM   1102 C  CD  . GLN B 1 69 ? -1.449  14.667  -0.480  1.00 19.10 ? 62  GLN B CD  1 
ATOM   1103 O  OE1 . GLN B 1 69 ? -2.282  14.369  0.384   1.00 16.55 ? 62  GLN B OE1 1 
ATOM   1104 N  NE2 . GLN B 1 69 ? -0.140  14.729  -0.223  1.00 18.79 ? 62  GLN B NE2 1 
ATOM   1105 N  N   . ARG B 1 70 ? -6.002  17.312  -2.077  1.00 11.51 ? 63  ARG B N   1 
ATOM   1106 C  CA  . ARG B 1 70 ? -6.945  18.362  -1.686  1.00 12.01 ? 63  ARG B CA  1 
ATOM   1107 C  C   . ARG B 1 70 ? -8.020  17.780  -0.777  1.00 11.77 ? 63  ARG B C   1 
ATOM   1108 O  O   . ARG B 1 70 ? -8.452  18.430  0.199   1.00 11.38 ? 63  ARG B O   1 
ATOM   1109 C  CB  . ARG B 1 70 ? -7.581  19.039  -2.906  1.00 10.34 ? 63  ARG B CB  1 
ATOM   1110 C  CG  . ARG B 1 70 ? -6.642  20.008  -3.623  1.00 12.50 ? 63  ARG B CG  1 
ATOM   1111 C  CD  . ARG B 1 70 ? -7.408  20.859  -4.654  1.00 11.56 ? 63  ARG B CD  1 
ATOM   1112 N  NE  . ARG B 1 70 ? -7.912  20.046  -5.755  1.00 11.15 ? 63  ARG B NE  1 
ATOM   1113 C  CZ  . ARG B 1 70 ? -7.252  19.850  -6.894  1.00 11.91 ? 63  ARG B CZ  1 
ATOM   1114 N  NH1 . ARG B 1 70 ? -6.070  20.427  -7.082  1.00 11.80 ? 63  ARG B NH1 1 
ATOM   1115 N  NH2 . ARG B 1 70 ? -7.774  19.090  -7.849  1.00 10.60 ? 63  ARG B NH2 1 
ATOM   1116 N  N   . VAL B 1 71 ? -8.445  16.550  -1.079  1.00 11.25 ? 64  VAL B N   1 
ATOM   1117 C  CA  . VAL B 1 71 ? -9.385  15.872  -0.175  1.00 11.13 ? 64  VAL B CA  1 
ATOM   1118 C  C   . VAL B 1 71 ? -8.802  15.647  1.227   1.00 10.79 ? 64  VAL B C   1 
ATOM   1119 O  O   . VAL B 1 71 ? -9.429  16.013  2.235   1.00 11.92 ? 64  VAL B O   1 
ATOM   1120 C  CB  . VAL B 1 71 ? -9.886  14.523  -0.727  1.00 11.31 ? 64  VAL B CB  1 
ATOM   1121 C  CG1 . VAL B 1 71 ? -10.895 13.892  0.258   1.00 10.44 ? 64  VAL B CG1 1 
ATOM   1122 C  CG2 . VAL B 1 71 ? -10.523 14.706  -2.087  1.00 11.91 ? 64  VAL B CG2 1 
ATOM   1123 N  N   . HIS B 1 72 ? -7.622  15.030  1.300   1.00 12.78 ? 65  HIS B N   1 
ATOM   1124 C  CA  . HIS B 1 72 ? -6.982  14.798  2.614   1.00 12.30 ? 65  HIS B CA  1 
ATOM   1125 C  C   . HIS B 1 72 ? -6.841  16.104  3.388   1.00 15.56 ? 65  HIS B C   1 
ATOM   1126 O  O   . HIS B 1 72 ? -7.065  16.168  4.610   1.00 13.99 ? 65  HIS B O   1 
ATOM   1127 C  CB  . HIS B 1 72 ? -5.575  14.220  2.455   1.00 11.71 ? 65  HIS B CB  1 
ATOM   1128 C  CG  . HIS B 1 72 ? -5.537  12.776  2.089   1.00 15.14 ? 65  HIS B CG  1 
ATOM   1129 N  ND1 . HIS B 1 72 ? -6.183  11.797  2.823   1.00 16.44 ? 65  HIS B ND1 1 
ATOM   1130 C  CD2 . HIS B 1 72 ? -4.907  12.127  1.082   1.00 13.89 ? 65  HIS B CD2 1 
ATOM   1131 C  CE1 . HIS B 1 72 ? -5.957  10.622  2.275   1.00 16.45 ? 65  HIS B CE1 1 
ATOM   1132 N  NE2 . HIS B 1 72 ? -5.190  10.791  1.215   1.00 13.83 ? 65  HIS B NE2 1 
ATOM   1133 N  N   . GLU B 1 73 ? -6.434  17.143  2.673   1.00 12.78 ? 66  GLU B N   1 
ATOM   1134 C  CA  . GLU B 1 73 ? -6.211  18.443  3.288   1.00 16.64 ? 66  GLU B CA  1 
ATOM   1135 C  C   . GLU B 1 73 ? -7.504  18.965  3.912   1.00 15.24 ? 66  GLU B C   1 
ATOM   1136 O  O   . GLU B 1 73 ? -7.494  19.407  5.063   1.00 16.47 ? 66  GLU B O   1 
ATOM   1137 C  CB  . GLU B 1 73 ? -5.639  19.431  2.267   1.00 16.96 ? 66  GLU B CB  1 
ATOM   1138 C  CG  . GLU B 1 73 ? -5.099  20.719  2.861   0.64 19.13 ? 66  GLU B CG  1 
ATOM   1139 C  CD  . GLU B 1 73 ? -4.495  21.621  1.802   0.37 19.64 ? 66  GLU B CD  1 
ATOM   1140 O  OE1 . GLU B 1 73 ? -4.907  21.519  0.622   0.65 22.45 ? 66  GLU B OE1 1 
ATOM   1141 O  OE2 . GLU B 1 73 ? -3.606  22.425  2.150   0.49 21.29 ? 66  GLU B OE2 1 
ATOM   1142 N  N   . ARG B 1 74 ? -8.616  18.887  3.175   1.00 14.31 ? 67  ARG B N   1 
ATOM   1143 C  CA  . ARG B 1 74 ? -9.910  19.278  3.757   1.00 15.38 ? 67  ARG B CA  1 
ATOM   1144 C  C   . ARG B 1 74 ? -10.310 18.409  4.961   1.00 14.37 ? 67  ARG B C   1 
ATOM   1145 O  O   . ARG B 1 74 ? -10.910 18.902  5.923   1.00 14.21 ? 67  ARG B O   1 
ATOM   1146 C  CB  . ARG B 1 74 ? -11.003 19.254  2.694   1.00 14.42 ? 67  ARG B CB  1 
ATOM   1147 C  CG  . ARG B 1 74 ? -10.809 20.326  1.635   1.00 13.41 ? 67  ARG B CG  1 
ATOM   1148 C  CD  . ARG B 1 74 ? -11.656 20.097  0.402   1.00 12.62 ? 67  ARG B CD  1 
ATOM   1149 N  NE  . ARG B 1 74 ? -11.331 21.102  -0.609  1.00 13.81 ? 67  ARG B NE  1 
ATOM   1150 C  CZ  . ARG B 1 74 ? -11.198 20.873  -1.914  1.00 16.19 ? 67  ARG B CZ  1 
ATOM   1151 N  NH1 . ARG B 1 74 ? -11.369 19.657  -2.418  1.00 13.94 ? 67  ARG B NH1 1 
ATOM   1152 N  NH2 . ARG B 1 74 ? -10.897 21.882  -2.721  1.00 14.79 ? 67  ARG B NH2 1 
ATOM   1153 N  N   . ALA B 1 75 ? -9.971  17.123  4.911   1.00 14.65 ? 68  ALA B N   1 
ATOM   1154 C  CA  . ALA B 1 75 ? -10.262 16.222  6.029   1.00 17.39 ? 68  ALA B CA  1 
ATOM   1155 C  C   . ALA B 1 75 ? -9.197  16.335  7.121   1.00 18.65 ? 68  ALA B C   1 
ATOM   1156 O  O   . ALA B 1 75 ? -9.207  15.573  8.089   1.00 25.15 ? 68  ALA B O   1 
ATOM   1157 C  CB  . ALA B 1 75 ? -10.382 14.784  5.548   1.00 16.19 ? 68  ALA B CB  1 
ATOM   1158 N  N   . GLY B 1 76 ? -8.261  17.266  6.935   1.00 20.92 ? 69  GLY B N   1 
ATOM   1159 C  CA  . GLY B 1 76 ? -7.313  17.662  7.970   1.00 20.85 ? 69  GLY B CA  1 
ATOM   1160 C  C   . GLY B 1 76 ? -6.119  16.759  8.179   1.00 20.61 ? 69  GLY B C   1 
ATOM   1161 O  O   . GLY B 1 76 ? -5.556  16.718  9.275   0.29 20.71 ? 69  GLY B O   1 
ATOM   1162 N  N   . HIS B 1 77 ? -5.732  16.028  7.138   1.00 18.79 ? 70  HIS B N   1 
ATOM   1163 C  CA  . HIS B 1 77 ? -4.598  15.107  7.229   1.00 21.65 ? 70  HIS B CA  1 
ATOM   1164 C  C   . HIS B 1 77 ? -3.908  14.900  5.876   1.00 20.76 ? 70  HIS B C   1 
ATOM   1165 O  O   . HIS B 1 77 ? -3.982  13.822  5.287   1.00 21.90 ? 70  HIS B O   1 
ATOM   1166 C  CB  . HIS B 1 77 ? -4.994  13.759  7.886   1.00 23.36 ? 70  HIS B CB  1 
ATOM   1167 C  CG  . HIS B 1 77 ? -6.180  13.075  7.263   1.00 24.09 ? 70  HIS B CG  1 
ATOM   1168 N  ND1 . HIS B 1 77 ? -7.196  12.517  8.012   1.00 24.24 ? 70  HIS B ND1 1 
ATOM   1169 C  CD2 . HIS B 1 77 ? -6.502  12.835  5.965   1.00 23.54 ? 70  HIS B CD2 1 
ATOM   1170 C  CE1 . HIS B 1 77 ? -8.094  11.978  7.206   1.00 20.98 ? 70  HIS B CE1 1 
ATOM   1171 N  NE2 . HIS B 1 77 ? -7.695  12.154  5.960   1.00 22.93 ? 70  HIS B NE2 1 
ATOM   1172 N  N   . LYS B 1 78 ? -3.238  15.941  5.393   1.00 16.80 ? 71  LYS B N   1 
ATOM   1173 C  CA  . LYS B 1 78 ? -2.492  15.859  4.143   1.00 18.16 ? 71  LYS B CA  1 
ATOM   1174 C  C   . LYS B 1 78 ? -1.525  14.688  4.198   1.00 17.54 ? 71  LYS B C   1 
ATOM   1175 O  O   . LYS B 1 78 ? -0.817  14.507  5.191   1.00 14.88 ? 71  LYS B O   1 
ATOM   1176 C  CB  . LYS B 1 78 ? -1.724  17.156  3.921   1.00 20.36 ? 71  LYS B CB  1 
ATOM   1177 C  CG  . LYS B 1 78 ? -1.058  17.286  2.567   1.00 21.69 ? 71  LYS B CG  1 
ATOM   1178 C  CD  . LYS B 1 78 ? -1.258  18.689  2.006   1.00 25.66 ? 71  LYS B CD  1 
ATOM   1179 C  CE  . LYS B 1 78 ? -0.208  19.009  0.954   1.00 33.42 ? 71  LYS B CE  1 
ATOM   1180 N  NZ  . LYS B 1 78 ? 1.165   18.944  1.529   1.00 37.03 ? 71  LYS B NZ  1 
ATOM   1181 N  N   . ALA B 1 79 ? -1.514  13.872  3.149   1.00 18.09 ? 72  ALA B N   1 
ATOM   1182 C  CA  . ALA B 1 79 ? -0.599  12.730  3.107   1.00 15.86 ? 72  ALA B CA  1 
ATOM   1183 C  C   . ALA B 1 79 ? 0.852   13.197  3.015   1.00 15.88 ? 72  ALA B C   1 
ATOM   1184 O  O   . ALA B 1 79 ? 1.159   14.172  2.320   1.00 14.47 ? 72  ALA B O   1 
ATOM   1185 C  CB  . ALA B 1 79 ? -0.944  11.783  1.944   1.00 13.30 ? 72  ALA B CB  1 
ATOM   1186 N  N   . ASP B 1 80 ? 1.737   12.495  3.716   1.00 14.72 ? 73  ASP B N   1 
ATOM   1187 C  CA  . ASP B 1 80 ? 3.158   12.824  3.692   1.00 15.73 ? 73  ASP B CA  1 
ATOM   1188 C  C   . ASP B 1 80 ? 3.784   12.407  2.380   1.00 15.03 ? 73  ASP B C   1 
ATOM   1189 O  O   . ASP B 1 80 ? 4.731   13.020  1.920   1.00 15.07 ? 73  ASP B O   1 
ATOM   1190 C  CB  . ASP B 1 80 ? 3.879   12.137  4.848   1.00 17.19 ? 73  ASP B CB  1 
ATOM   1191 C  CG  . ASP B 1 80 ? 3.393   12.626  6.195   1.00 16.59 ? 73  ASP B CG  1 
ATOM   1192 O  OD1 . ASP B 1 80 ? 3.390   13.858  6.410   1.00 16.97 ? 73  ASP B OD1 1 
ATOM   1193 O  OD2 . ASP B 1 80 ? 2.974   11.782  7.015   1.00 20.60 ? 73  ASP B OD2 1 
ATOM   1194 N  N   . GLU B 1 81 ? 3.242   11.359  1.777   1.00 12.90 ? 74  GLU B N   1 
ATOM   1195 C  CA  . GLU B 1 81 ? 3.818   10.851  0.537   1.00 15.61 ? 74  GLU B CA  1 
ATOM   1196 C  C   . GLU B 1 81 ? 2.675   10.375  -0.357  1.00 14.71 ? 74  GLU B C   1 
ATOM   1197 O  O   . GLU B 1 81 ? 1.698   9.835   0.145   1.00 13.74 ? 74  GLU B O   1 
ATOM   1198 C  CB  . GLU B 1 81 ? 4.768   9.694   0.883   1.00 16.38 ? 74  GLU B CB  1 
ATOM   1199 C  CG  . GLU B 1 81 ? 5.398   8.992   -0.282  1.00 18.82 ? 74  GLU B CG  1 
ATOM   1200 C  CD  . GLU B 1 81 ? 6.265   7.816   0.161   1.00 21.35 ? 74  GLU B CD  1 
ATOM   1201 O  OE1 . GLU B 1 81 ? 6.754   7.080   -0.717  1.00 21.49 ? 74  GLU B OE1 1 
ATOM   1202 O  OE2 . GLU B 1 81 ? 6.455   7.630   1.385   1.00 22.07 ? 74  GLU B OE2 1 
ATOM   1203 N  N   . ILE B 1 82 ? 2.763   10.590  -1.666  1.00 13.77 ? 75  ILE B N   1 
ATOM   1204 C  CA  . ILE B 1 82 ? 1.759   10.026  -2.575  1.00 14.31 ? 75  ILE B CA  1 
ATOM   1205 C  C   . ILE B 1 82 ? 2.355   9.658   -3.934  1.00 15.34 ? 75  ILE B C   1 
ATOM   1206 O  O   . ILE B 1 82 ? 3.109   10.439  -4.520  1.00 15.96 ? 75  ILE B O   1 
ATOM   1207 C  CB  . ILE B 1 82 ? 0.516   10.955  -2.750  1.00 15.82 ? 75  ILE B CB  1 
ATOM   1208 C  CG1 . ILE B 1 82 ? -0.516  10.288  -3.670  1.00 15.54 ? 75  ILE B CG1 1 
ATOM   1209 C  CG2 . ILE B 1 82 ? 0.917   12.328  -3.265  1.00 15.02 ? 75  ILE B CG2 1 
ATOM   1210 C  CD1 . ILE B 1 82 ? -1.861  10.951  -3.659  1.00 13.13 ? 75  ILE B CD1 1 
ATOM   1211 N  N   . HIS B 1 83 ? 2.029   8.463   -4.422  1.00 11.71 ? 76  HIS B N   1 
ATOM   1212 C  CA  . HIS B 1 83 ? 2.514   8.021   -5.729  1.00 13.06 ? 76  HIS B CA  1 
ATOM   1213 C  C   . HIS B 1 83 ? 1.348   7.490   -6.563  1.00 12.22 ? 76  HIS B C   1 
ATOM   1214 O  O   . HIS B 1 83 ? 0.498   6.750   -6.051  1.00 12.80 ? 76  HIS B O   1 
ATOM   1215 C  CB  . HIS B 1 83 ? 3.579   6.926   -5.568  1.00 16.00 ? 76  HIS B CB  1 
ATOM   1216 C  CG  . HIS B 1 83 ? 4.749   7.329   -4.720  1.00 17.29 ? 76  HIS B CG  1 
ATOM   1217 N  ND1 . HIS B 1 83 ? 5.727   8.194   -5.164  1.00 19.66 ? 76  HIS B ND1 1 
ATOM   1218 C  CD2 . HIS B 1 83 ? 5.095   6.988   -3.456  1.00 17.76 ? 76  HIS B CD2 1 
ATOM   1219 C  CE1 . HIS B 1 83 ? 6.625   8.367   -4.210  1.00 21.48 ? 76  HIS B CE1 1 
ATOM   1220 N  NE2 . HIS B 1 83 ? 6.264   7.645   -3.160  1.00 18.16 ? 76  HIS B NE2 1 
ATOM   1221 N  N   . GLU B 1 84 ? 1.284   7.875   -7.837  1.00 10.09 ? 77  GLU B N   1 
ATOM   1222 C  CA  . GLU B 1 84 ? 0.327   7.239   -8.740  1.00 10.93 ? 77  GLU B CA  1 
ATOM   1223 C  C   . GLU B 1 84 ? 0.791   5.804   -8.967  1.00 10.58 ? 77  GLU B C   1 
ATOM   1224 O  O   . GLU B 1 84 ? 1.990   5.568   -9.131  1.00 10.60 ? 77  GLU B O   1 
ATOM   1225 C  CB  . GLU B 1 84 ? 0.256   7.965   -10.078 1.00 10.29 ? 77  GLU B CB  1 
ATOM   1226 C  CG  . GLU B 1 84 ? -0.834  7.398   -10.994 1.00 11.71 ? 77  GLU B CG  1 
ATOM   1227 C  CD  . GLU B 1 84 ? -0.898  8.075   -12.353 1.00 15.02 ? 77  GLU B CD  1 
ATOM   1228 O  OE1 . GLU B 1 84 ? -0.431  9.232   -12.482 1.00 15.11 ? 77  GLU B OE1 1 
ATOM   1229 O  OE2 . GLU B 1 84 ? -1.421  7.436   -13.290 1.00 15.96 ? 77  GLU B OE2 1 
ATOM   1230 N  N   . VAL B 1 85 ? -0.137  4.847   -8.958  1.00 10.48 ? 78  VAL B N   1 
ATOM   1231 C  CA  . VAL B 1 85 ? 0.212   3.445   -9.219  1.00 10.04 ? 78  VAL B CA  1 
ATOM   1232 C  C   . VAL B 1 85 ? -0.575  2.899   -10.419 1.00 10.50 ? 78  VAL B C   1 
ATOM   1233 O  O   . VAL B 1 85 ? -1.581  2.216   -10.256 1.00 12.13 ? 78  VAL B O   1 
ATOM   1234 C  CB  . VAL B 1 85 ? 0.064   2.528   -7.953  1.00 11.25 ? 78  VAL B CB  1 
ATOM   1235 C  CG1 . VAL B 1 85 ? 1.144   2.846   -6.920  1.00 11.76 ? 78  VAL B CG1 1 
ATOM   1236 C  CG2 . VAL B 1 85 ? -1.312  2.676   -7.306  1.00 12.25 ? 78  VAL B CG2 1 
ATOM   1237 N  N   . PRO B 1 86 ? -0.106  3.207   -11.642 1.00 12.04 ? 79  PRO B N   1 
ATOM   1238 C  CA  . PRO B 1 86 ? -0.856  2.798   -12.838 1.00 12.30 ? 79  PRO B CA  1 
ATOM   1239 C  C   . PRO B 1 86 ? -0.699  1.302   -13.133 1.00 11.57 ? 79  PRO B C   1 
ATOM   1240 O  O   . PRO B 1 86 ? -1.397  0.770   -14.008 1.00 11.92 ? 79  PRO B O   1 
ATOM   1241 C  CB  . PRO B 1 86 ? -0.222  3.643   -13.948 1.00 13.31 ? 79  PRO B CB  1 
ATOM   1242 C  CG  . PRO B 1 86 ? 1.212   3.837   -13.484 1.00 13.87 ? 79  PRO B CG  1 
ATOM   1243 C  CD  . PRO B 1 86 ? 1.150   3.912   -11.976 1.00 11.86 ? 79  PRO B CD  1 
ATOM   1244 N  N   . LEU B 1 87 ? 0.196   0.630   -12.408 1.00 9.64  ? 80  LEU B N   1 
ATOM   1245 C  CA  . LEU B 1 87 ? 0.402   -0.797  -12.612 1.00 10.89 ? 80  LEU B CA  1 
ATOM   1246 C  C   . LEU B 1 87 ? -0.071  -1.569  -11.390 1.00 12.13 ? 80  LEU B C   1 
ATOM   1247 O  O   . LEU B 1 87 ? 0.214   -1.182  -10.248 1.00 11.57 ? 80  LEU B O   1 
ATOM   1248 C  CB  . LEU B 1 87 ? 1.878   -1.103  -12.849 1.00 10.79 ? 80  LEU B CB  1 
ATOM   1249 C  CG  . LEU B 1 87 ? 2.577   -0.364  -13.989 1.00 12.80 ? 80  LEU B CG  1 
ATOM   1250 C  CD1 . LEU B 1 87 ? 3.978   -0.933  -14.157 1.00 12.44 ? 80  LEU B CD1 1 
ATOM   1251 C  CD2 . LEU B 1 87 ? 1.788   -0.486  -15.276 1.00 11.04 ? 80  LEU B CD2 1 
ATOM   1252 N  N   . SER B 1 88 ? -0.788  -2.661  -11.628 1.00 11.82 ? 81  SER B N   1 
ATOM   1253 C  CA  . SER B 1 88 ? -1.233  -3.516  -10.540 1.00 10.20 ? 81  SER B CA  1 
ATOM   1254 C  C   . SER B 1 88 ? -1.285  -4.959  -11.005 1.00 12.62 ? 81  SER B C   1 
ATOM   1255 O  O   . SER B 1 88 ? -1.403  -5.222  -12.211 1.00 12.30 ? 81  SER B O   1 
ATOM   1256 C  CB  . SER B 1 88 ? -2.604  -3.073  -10.045 1.00 12.12 ? 81  SER B CB  1 
ATOM   1257 O  OG  . SER B 1 88 ? -3.544  -3.094  -11.102 1.00 13.98 ? 81  SER B OG  1 
ATOM   1258 N  N   . ALA B 1 89 ? -1.191  -5.898  -10.061 1.00 10.96 ? 82  ALA B N   1 
ATOM   1259 C  CA  . ALA B 1 89 ? -1.215  -7.315  -10.409 1.00 13.56 ? 82  ALA B CA  1 
ATOM   1260 C  C   . ALA B 1 89 ? -1.650  -8.185  -9.247  1.00 11.19 ? 82  ALA B C   1 
ATOM   1261 O  O   . ALA B 1 89 ? -1.648  -7.753  -8.092  0.88 10.47 ? 82  ALA B O   1 
ATOM   1262 C  CB  . ALA B 1 89 ? 0.138   -7.774  -10.938 1.00 12.63 ? 82  ALA B CB  1 
ATOM   1263 O  OXT . ALA B 1 89 ? -2.013  -9.339  -9.456  0.67 10.97 ? 82  ALA B OXT 1 
HETATM 1264 NI NI  . NI  C 2 .  ? 9.743   3.123   5.955   0.86 17.18 ? 101 NI  A NI  1 
HETATM 1265 NI NI  . NI  D 2 .  ? -2.369  -10.819 -7.944  0.82 21.15 ? 102 NI  A NI  1 
HETATM 1266 NI NI  . NI  E 2 .  ? 6.190   -1.217  11.161  0.83 16.11 ? 101 NI  B NI  1 
HETATM 1267 NI NI  . NI  F 2 .  ? -9.876  0.781   -8.282  0.98 15.69 ? 102 NI  B NI  1 
HETATM 1268 C  C1  . CIT G 3 .  ? 7.861   -1.128  15.368  0.85 15.27 ? 103 CIT B C1  1 
HETATM 1269 O  O1  . CIT G 3 .  ? 7.431   -0.133  14.741  0.85 13.24 ? 103 CIT B O1  1 
HETATM 1270 O  O2  . CIT G 3 .  ? 8.767   -0.968  16.226  0.85 15.56 ? 103 CIT B O2  1 
HETATM 1271 C  C2  . CIT G 3 .  ? 7.300   -2.500  15.070  0.85 14.49 ? 103 CIT B C2  1 
HETATM 1272 C  C3  . CIT G 3 .  ? 7.008   -2.616  13.571  0.85 13.45 ? 103 CIT B C3  1 
HETATM 1273 O  O7  . CIT G 3 .  ? 6.016   -1.629  13.195  0.85 13.55 ? 103 CIT B O7  1 
HETATM 1274 C  C4  . CIT G 3 .  ? 6.536   -4.049  13.285  0.85 14.36 ? 103 CIT B C4  1 
HETATM 1275 C  C5  . CIT G 3 .  ? 5.895   -4.244  11.923  0.85 13.90 ? 103 CIT B C5  1 
HETATM 1276 O  O3  . CIT G 3 .  ? 5.483   -5.382  11.567  0.85 10.37 ? 103 CIT B O3  1 
HETATM 1277 O  O4  . CIT G 3 .  ? 5.787   -3.283  11.129  0.85 11.81 ? 103 CIT B O4  1 
HETATM 1278 C  C6  . CIT G 3 .  ? 8.295   -2.313  12.831  0.85 13.06 ? 103 CIT B C6  1 
HETATM 1279 O  O5  . CIT G 3 .  ? 9.365   -2.840  13.186  0.85 15.68 ? 103 CIT B O5  1 
HETATM 1280 O  O6  . CIT G 3 .  ? 8.302   -1.508  11.870  0.85 14.03 ? 103 CIT B O6  1 
HETATM 1281 O  O   . HOH H 4 .  ? 9.504   -17.351 10.807  1.00 11.88 ? 201 HOH A O   1 
HETATM 1282 O  O   . HOH H 4 .  ? 15.759  -4.398  -4.283  1.00 15.73 ? 202 HOH A O   1 
HETATM 1283 O  O   . HOH H 4 .  ? 8.355   -11.232 11.663  0.94 15.37 ? 203 HOH A O   1 
HETATM 1284 O  O   . HOH H 4 .  ? 3.361   -7.719  2.032   1.00 9.53  ? 204 HOH A O   1 
HETATM 1285 O  O   . HOH H 4 .  ? 9.587   6.061   -2.988  1.00 22.70 ? 205 HOH A O   1 
HETATM 1286 O  O   . HOH H 4 .  ? -4.759  -12.755 8.957   1.00 22.86 ? 206 HOH A O   1 
HETATM 1287 O  O   . HOH H 4 .  ? 5.573   -11.247 -17.472 1.00 12.46 ? 207 HOH A O   1 
HETATM 1288 O  O   . HOH H 4 .  ? -5.553  -0.673  -7.819  1.00 18.90 ? 208 HOH A O   1 
HETATM 1289 O  O   . HOH H 4 .  ? -1.427  -8.639  15.050  1.00 13.86 ? 209 HOH A O   1 
HETATM 1290 O  O   . HOH H 4 .  ? 9.056   -5.888  -19.908 0.92 12.08 ? 210 HOH A O   1 
HETATM 1291 O  O   . HOH H 4 .  ? -3.125  -8.404  -14.840 1.00 21.07 ? 211 HOH A O   1 
HETATM 1292 O  O   . HOH H 4 .  ? 12.098  -17.420 -8.802  1.00 17.93 ? 212 HOH A O   1 
HETATM 1293 O  O   . HOH H 4 .  ? 4.147   -4.429  -20.094 1.00 12.22 ? 213 HOH A O   1 
HETATM 1294 O  O   . HOH H 4 .  ? -6.157  -10.363 10.040  1.00 26.57 ? 214 HOH A O   1 
HETATM 1295 O  O   . HOH H 4 .  ? 8.824   -20.446 0.066   1.00 14.05 ? 215 HOH A O   1 
HETATM 1296 O  O   . HOH H 4 .  ? 11.420  -1.612  -17.755 1.00 19.29 ? 216 HOH A O   1 
HETATM 1297 O  O   . HOH H 4 .  ? 5.366   -19.676 7.508   1.00 14.97 ? 217 HOH A O   1 
HETATM 1298 O  O   . HOH H 4 .  ? -2.211  -8.357  11.030  0.84 9.29  ? 218 HOH A O   1 
HETATM 1299 O  O   . HOH H 4 .  ? -6.901  -7.475  -0.615  0.85 19.70 ? 219 HOH A O   1 
HETATM 1300 O  O   . HOH H 4 .  ? 9.640   -18.387 -8.008  1.00 15.60 ? 220 HOH A O   1 
HETATM 1301 O  O   . HOH H 4 .  ? 13.682  -16.204 8.236   1.00 12.24 ? 221 HOH A O   1 
HETATM 1302 O  O   . HOH H 4 .  ? 4.748   -7.890  12.839  1.00 15.68 ? 222 HOH A O   1 
HETATM 1303 O  O   . HOH H 4 .  ? 12.973  -13.702 6.682   0.80 11.22 ? 223 HOH A O   1 
HETATM 1304 O  O   . HOH H 4 .  ? 11.175  -3.825  7.455   1.00 19.45 ? 224 HOH A O   1 
HETATM 1305 O  O   . HOH H 4 .  ? 3.960   -9.996  -5.120  1.00 13.87 ? 225 HOH A O   1 
HETATM 1306 O  O   . HOH H 4 .  ? 3.015   -18.039 -10.335 1.00 13.12 ? 226 HOH A O   1 
HETATM 1307 O  O   . HOH H 4 .  ? 14.060  1.933   3.808   1.00 15.48 ? 227 HOH A O   1 
HETATM 1308 O  O   . HOH H 4 .  ? 13.471  4.121   -15.999 1.00 16.15 ? 228 HOH A O   1 
HETATM 1309 O  O   . HOH H 4 .  ? -7.412  -6.124  9.241   1.00 21.43 ? 229 HOH A O   1 
HETATM 1310 O  O   . HOH H 4 .  ? -9.271  -2.845  11.681  1.00 20.74 ? 230 HOH A O   1 
HETATM 1311 O  O   . HOH H 4 .  ? 7.430   -6.620  -22.217 1.00 19.06 ? 231 HOH A O   1 
HETATM 1312 O  O   . HOH H 4 .  ? 15.705  -17.205 6.387   0.85 15.27 ? 232 HOH A O   1 
HETATM 1313 O  O   . HOH H 4 .  ? 6.686   -7.083  -2.612  1.00 19.68 ? 233 HOH A O   1 
HETATM 1314 O  O   . HOH H 4 .  ? 11.201  5.718   3.411   1.00 15.95 ? 234 HOH A O   1 
HETATM 1315 O  O   . HOH H 4 .  ? -12.896 1.232   2.733   1.00 15.47 ? 235 HOH A O   1 
HETATM 1316 O  O   . HOH H 4 .  ? 6.665   -17.115 10.416  1.00 11.49 ? 236 HOH A O   1 
HETATM 1317 O  O   . HOH H 4 .  ? -5.902  -12.331 -4.695  1.00 24.37 ? 237 HOH A O   1 
HETATM 1318 O  O   . HOH H 4 .  ? 5.638   -10.228 12.022  1.00 9.69  ? 238 HOH A O   1 
HETATM 1319 O  O   . HOH H 4 .  ? -2.349  -12.342 -6.288  0.76 13.36 ? 239 HOH A O   1 
HETATM 1320 O  O   . HOH H 4 .  ? -2.561  -9.366  -6.374  0.79 11.72 ? 240 HOH A O   1 
HETATM 1321 O  O   . HOH H 4 .  ? 16.826  -2.354  1.135   1.00 20.19 ? 241 HOH A O   1 
HETATM 1322 O  O   . HOH H 4 .  ? 6.407   3.988   2.189   1.00 19.25 ? 242 HOH A O   1 
HETATM 1323 O  O   . HOH H 4 .  ? 9.088   4.943   5.219   1.00 16.09 ? 243 HOH A O   1 
HETATM 1324 O  O   . HOH H 4 .  ? 8.610   3.313   7.817   1.00 13.80 ? 244 HOH A O   1 
HETATM 1325 O  O   . HOH H 4 .  ? 7.980   2.601   4.676   1.00 18.78 ? 245 HOH A O   1 
HETATM 1326 O  O   . HOH I 4 .  ? -14.460 4.040   7.526   0.82 11.53 ? 201 HOH B O   1 
HETATM 1327 O  O   . HOH I 4 .  ? -15.937 7.263   13.064  1.00 14.61 ? 202 HOH B O   1 
HETATM 1328 O  O   . HOH I 4 .  ? -5.699  3.047   -13.217 1.00 19.97 ? 203 HOH B O   1 
HETATM 1329 O  O   . HOH I 4 .  ? -16.141 11.869  9.585   1.00 14.42 ? 204 HOH B O   1 
HETATM 1330 O  O   . HOH I 4 .  ? -4.422  -0.575  17.515  1.00 11.05 ? 205 HOH B O   1 
HETATM 1331 O  O   . HOH I 4 .  ? -4.239  7.404   -2.191  1.00 10.37 ? 206 HOH B O   1 
HETATM 1332 O  O   . HOH I 4 .  ? -15.815 3.605   16.090  1.00 24.54 ? 207 HOH B O   1 
HETATM 1333 O  O   . HOH I 4 .  ? -8.265  4.909   1.208   1.00 17.29 ? 208 HOH B O   1 
HETATM 1334 O  O   . HOH I 4 .  ? 5.311   6.239   10.637  1.00 18.27 ? 209 HOH B O   1 
HETATM 1335 O  O   . HOH I 4 .  ? -12.121 12.806  11.922  1.00 15.97 ? 210 HOH B O   1 
HETATM 1336 O  O   . HOH I 4 .  ? 4.932   12.523  -2.757  1.00 18.61 ? 211 HOH B O   1 
HETATM 1337 O  O   . HOH I 4 .  ? -1.449  12.885  -10.824 0.77 11.49 ? 212 HOH B O   1 
HETATM 1338 O  O   . HOH I 4 .  ? 1.780   16.901  -2.242  1.00 26.88 ? 213 HOH B O   1 
HETATM 1339 O  O   . HOH I 4 .  ? -18.280 12.254  -0.696  0.78 11.51 ? 214 HOH B O   1 
HETATM 1340 O  O   . HOH I 4 .  ? -7.665  21.472  0.032   1.00 15.92 ? 215 HOH B O   1 
HETATM 1341 O  O   . HOH I 4 .  ? -4.582  -6.362  -10.418 0.80 15.57 ? 216 HOH B O   1 
HETATM 1342 O  O   . HOH I 4 .  ? -14.508 21.437  -2.024  1.00 17.04 ? 217 HOH B O   1 
HETATM 1343 O  O   . HOH I 4 .  ? -3.160  19.204  -4.040  1.00 13.99 ? 218 HOH B O   1 
HETATM 1344 O  O   . HOH I 4 .  ? -0.955  -3.344  -14.711 1.00 14.30 ? 219 HOH B O   1 
HETATM 1345 O  O   . HOH I 4 .  ? 9.264   -2.829  9.661   1.00 16.19 ? 220 HOH B O   1 
HETATM 1346 O  O   . HOH I 4 .  ? -10.922 16.603  -8.669  0.90 12.82 ? 221 HOH B O   1 
HETATM 1347 O  O   . HOH I 4 .  ? -17.114 10.718  -8.012  1.00 22.80 ? 222 HOH B O   1 
HETATM 1348 O  O   . HOH I 4 .  ? 7.777   13.064  4.745   1.00 18.69 ? 223 HOH B O   1 
HETATM 1349 O  O   . HOH I 4 .  ? -16.359 10.300  -5.496  1.00 17.68 ? 224 HOH B O   1 
HETATM 1350 O  O   . HOH I 4 .  ? -14.764 19.568  -0.145  1.00 17.53 ? 225 HOH B O   1 
HETATM 1351 O  O   . HOH I 4 .  ? -14.985 15.334  6.128   0.76 11.70 ? 226 HOH B O   1 
HETATM 1352 O  O   . HOH I 4 .  ? -8.556  -0.596  -7.276  1.00 10.64 ? 227 HOH B O   1 
HETATM 1353 O  O   . HOH I 4 .  ? -14.907 5.799   -1.929  1.00 14.57 ? 228 HOH B O   1 
HETATM 1354 O  O   . HOH I 4 .  ? -3.250  4.995   -12.556 1.00 16.47 ? 229 HOH B O   1 
HETATM 1355 O  O   . HOH I 4 .  ? -8.754  7.258   4.062   1.00 17.02 ? 230 HOH B O   1 
HETATM 1356 O  O   . HOH I 4 .  ? -11.437 21.712  -5.039  1.00 13.89 ? 231 HOH B O   1 
HETATM 1357 O  O   . HOH I 4 .  ? -14.300 6.051   15.329  0.80 16.48 ? 232 HOH B O   1 
HETATM 1358 O  O   . HOH I 4 .  ? 4.453   1.086   8.290   0.71 11.19 ? 233 HOH B O   1 
HETATM 1359 O  O   . HOH I 4 .  ? -9.684  -0.453  -10.110 0.97 11.36 ? 234 HOH B O   1 
HETATM 1360 O  O   . HOH I 4 .  ? -9.378  9.490   13.635  0.82 14.95 ? 235 HOH B O   1 
HETATM 1361 O  O   . HOH I 4 .  ? -1.119  11.959  15.576  1.00 28.94 ? 236 HOH B O   1 
HETATM 1362 O  O   . HOH I 4 .  ? -18.626 7.003   12.819  1.00 11.73 ? 237 HOH B O   1 
HETATM 1363 O  O   . HOH I 4 .  ? -17.768 13.450  8.387   1.00 14.81 ? 238 HOH B O   1 
HETATM 1364 O  O   . HOH I 4 .  ? -4.006  21.571  -5.440  0.95 12.87 ? 239 HOH B O   1 
HETATM 1365 O  O   . HOH I 4 .  ? -10.517 9.385   -11.754 1.00 14.83 ? 240 HOH B O   1 
HETATM 1366 O  O   . HOH I 4 .  ? -2.598  -12.305 -9.576  0.94 15.36 ? 241 HOH B O   1 
HETATM 1367 O  O   . HOH I 4 .  ? -11.112 -0.663  -7.356  1.00 14.39 ? 242 HOH B O   1 
HETATM 1368 O  O   . HOH I 4 .  ? 9.495   6.887   1.412   1.00 21.31 ? 243 HOH B O   1 
HETATM 1369 O  O   . HOH I 4 .  ? 0.201   4.363   16.587  1.00 21.06 ? 244 HOH B O   1 
HETATM 1370 O  O   . HOH I 4 .  ? 8.855   1.608   11.880  1.00 14.57 ? 245 HOH B O   1 
HETATM 1371 O  O   . HOH I 4 .  ? 6.679   3.267   7.687   1.00 17.01 ? 246 HOH B O   1 
HETATM 1372 O  O   . HOH I 4 .  ? 7.285   5.748   4.826   1.00 17.04 ? 247 HOH B O   1 
# 
